data_9MPO
#
_entry.id   9MPO
#
_cell.length_a   1.00
_cell.length_b   1.00
_cell.length_c   1.00
_cell.angle_alpha   90.00
_cell.angle_beta   90.00
_cell.angle_gamma   90.00
#
_symmetry.space_group_name_H-M   'P 1'
#
loop_
_entity.id
_entity.type
_entity.pdbx_description
1 polymer 'DNA (cytosine-5)-methyltransferase 3A'
2 non-polymer 'ZINC ION'
3 non-polymer S-ADENOSYL-L-HOMOCYSTEINE
#
_entity_poly.entity_id   1
_entity_poly.type   'polypeptide(L)'
_entity_poly.pdbx_seq_one_letter_code
;MNAVEENQGPGESQKVEEASPPAVQQPTDPASPTVATTPEPVGSDAGDKNATKAGDDEPEYEDGRGFGIGELVWGKLRGF
SWWPGRIVSWWMTGRSRAAEGTRWVMWFGDGKFSVVCVEKLMPLSSFCSAFHQATYNKQPMYRKAIYEVLQVASSRAGKL
FPVCHDSDESDTAKAVEVQNKPMIEWALGGFQPSGPKGLEPPEEEKNPYKEVYTDMWVEPEAAAYAPPPPAKKPRKSTAE
KPKVKEIIDERTRERLVYEVRQKCRNIEDICISCGSLNVTLEHPLFVGGMCQNCKNCFLECAYQYDDDGYQSYCTICCGG
REVLMCGNNNCCRCFCVECVDLLVGPGAAQAAIKEDPWNCYMCGHKGTYGLLRRREDWPSRLQMFFANNHDQEFDPPKVY
PPVPAEKRKPIRVLSLFDGIATGLLVLKDLGIQVDRYIASEVCEDSITVGMVRHQGKIMYVGDVRSVTQKHIQEWGPFDL
VIGGSPCNDLSIVNPARKGLYEGTGRLFFEFYRLLHDARPKEGDDRPFFWLFENVVAMGVSDKRDISRFLESNPVMIDAK
EVSAAHRARYFWGNLPGMNRPLASTVNDKLELQECLEHGRIAKFSKVRTITTRSNSIKQGKDQHFPVFMNEKEDILWCTE
MERVFGFPVHYTDVSNMSRLARQRLLGRSWSVPVIRHLFAPLKEYFACV
;
_entity_poly.pdbx_strand_id   A,B,C,D,E,F
#
loop_
_chem_comp.id
_chem_comp.type
_chem_comp.name
_chem_comp.formula
SAH non-polymer S-ADENOSYL-L-HOMOCYSTEINE 'C14 H20 N6 O5 S'
ZN non-polymer 'ZINC ION' 'Zn 2'
#
# COMPACT_ATOMS: atom_id res chain seq x y z
N ARG A 253 0.99 -1.94 -33.63
CA ARG A 253 0.20 -2.04 -34.85
C ARG A 253 0.70 -3.08 -35.86
N GLU A 254 1.74 -3.86 -35.56
CA GLU A 254 2.24 -4.85 -36.52
C GLU A 254 1.23 -5.97 -36.76
N ARG A 255 0.57 -6.46 -35.70
CA ARG A 255 -0.37 -7.56 -35.81
C ARG A 255 -1.70 -7.09 -36.40
N LEU A 256 -2.04 -5.83 -36.14
CA LEU A 256 -3.28 -5.28 -36.64
C LEU A 256 -3.20 -5.06 -38.14
N VAL A 257 -2.05 -4.58 -38.63
CA VAL A 257 -1.85 -4.42 -40.07
C VAL A 257 -1.62 -5.78 -40.74
N TYR A 258 -1.14 -6.80 -40.00
CA TYR A 258 -1.20 -8.16 -40.52
C TYR A 258 -2.65 -8.54 -40.85
N GLU A 259 -3.58 -8.24 -39.92
CA GLU A 259 -4.99 -8.50 -40.23
C GLU A 259 -5.56 -7.56 -41.27
N VAL A 260 -4.96 -6.36 -41.46
CA VAL A 260 -5.41 -5.45 -42.50
C VAL A 260 -5.05 -6.00 -43.89
N ARG A 261 -3.84 -6.51 -44.06
CA ARG A 261 -3.42 -7.00 -45.37
C ARG A 261 -4.00 -8.37 -45.70
N GLN A 262 -4.50 -9.12 -44.71
CA GLN A 262 -5.23 -10.36 -44.95
C GLN A 262 -6.68 -10.13 -45.38
N LYS A 263 -7.07 -8.88 -45.65
CA LYS A 263 -8.43 -8.48 -46.02
C LYS A 263 -9.44 -8.86 -44.94
N CYS A 264 -9.02 -8.78 -43.68
CA CYS A 264 -9.89 -8.99 -42.54
C CYS A 264 -10.21 -7.71 -41.79
N ARG A 265 -9.45 -6.66 -42.02
CA ARG A 265 -9.68 -5.35 -41.43
C ARG A 265 -9.45 -4.28 -42.49
N ASN A 266 -10.34 -3.29 -42.53
CA ASN A 266 -10.14 -2.15 -43.41
C ASN A 266 -9.04 -1.25 -42.84
N ILE A 267 -8.14 -0.79 -43.72
CA ILE A 267 -7.13 0.19 -43.32
C ILE A 267 -7.78 1.49 -42.86
N GLU A 268 -8.95 1.83 -43.42
CA GLU A 268 -9.69 3.02 -43.02
C GLU A 268 -10.35 2.88 -41.65
N ASP A 269 -10.37 1.67 -41.09
CA ASP A 269 -10.93 1.43 -39.76
C ASP A 269 -9.85 1.41 -38.69
N ILE A 270 -8.60 1.64 -39.05
CA ILE A 270 -7.50 1.65 -38.08
C ILE A 270 -6.77 2.97 -38.18
N CYS A 271 -6.25 3.44 -37.04
CA CYS A 271 -5.46 4.66 -36.98
C CYS A 271 -4.02 4.33 -37.38
N ILE A 272 -3.63 4.73 -38.60
CA ILE A 272 -2.34 4.37 -39.18
C ILE A 272 -1.16 5.07 -38.52
N SER A 273 -1.41 5.99 -37.59
CA SER A 273 -0.32 6.65 -36.88
C SER A 273 0.20 5.79 -35.73
N CYS A 274 -0.70 5.35 -34.83
CA CYS A 274 -0.27 4.58 -33.67
C CYS A 274 -0.99 3.24 -33.50
N GLY A 275 -1.90 2.88 -34.39
CA GLY A 275 -2.63 1.63 -34.26
C GLY A 275 -3.77 1.64 -33.27
N SER A 276 -4.29 2.81 -32.93
CA SER A 276 -5.44 2.91 -32.04
C SER A 276 -6.73 2.49 -32.74
N LEU A 277 -7.67 1.97 -31.95
CA LEU A 277 -8.98 1.57 -32.43
C LEU A 277 -10.02 2.68 -32.29
N ASN A 278 -9.66 3.77 -31.60
CA ASN A 278 -10.57 4.91 -31.39
C ASN A 278 -10.49 5.84 -32.59
N VAL A 279 -11.01 5.36 -33.72
CA VAL A 279 -10.96 6.12 -34.97
C VAL A 279 -12.10 7.13 -34.96
N THR A 280 -11.75 8.41 -35.07
CA THR A 280 -12.70 9.51 -35.16
C THR A 280 -12.58 10.23 -36.48
N LEU A 281 -11.37 10.50 -36.93
CA LEU A 281 -11.07 11.21 -38.16
C LEU A 281 -10.45 10.27 -39.18
N GLU A 282 -10.29 10.77 -40.39
CA GLU A 282 -9.46 10.16 -41.41
C GLU A 282 -8.12 10.91 -41.48
N HIS A 283 -7.06 10.16 -41.77
CA HIS A 283 -5.75 10.79 -41.96
C HIS A 283 -5.78 11.67 -43.19
N PRO A 284 -5.37 12.95 -43.09
CA PRO A 284 -5.58 13.88 -44.20
C PRO A 284 -4.73 13.61 -45.44
N LEU A 285 -3.54 13.04 -45.28
CA LEU A 285 -2.63 12.83 -46.41
C LEU A 285 -2.73 11.44 -47.02
N PHE A 286 -2.99 10.42 -46.20
CA PHE A 286 -2.91 9.02 -46.63
C PHE A 286 -4.11 8.24 -46.12
N VAL A 287 -4.17 6.97 -46.51
CA VAL A 287 -5.31 6.10 -46.24
C VAL A 287 -5.25 5.50 -44.85
N GLY A 288 -6.31 5.71 -44.09
CA GLY A 288 -6.43 5.18 -42.75
C GLY A 288 -7.30 6.08 -41.90
N GLY A 289 -7.53 5.64 -40.67
CA GLY A 289 -8.24 6.43 -39.69
C GLY A 289 -7.26 7.25 -38.88
N MET A 290 -7.81 8.06 -37.99
CA MET A 290 -6.99 8.93 -37.15
C MET A 290 -7.66 9.13 -35.81
N CYS A 291 -6.94 8.84 -34.72
CA CYS A 291 -7.45 9.11 -33.39
C CYS A 291 -7.09 10.54 -32.96
N GLN A 292 -7.78 11.00 -31.91
CA GLN A 292 -7.70 12.41 -31.50
C GLN A 292 -6.34 12.77 -30.92
N ASN A 293 -5.73 11.87 -30.13
CA ASN A 293 -4.38 12.12 -29.59
C ASN A 293 -3.37 12.30 -30.72
N CYS A 294 -3.48 11.48 -31.76
CA CYS A 294 -2.65 11.65 -32.94
C CYS A 294 -2.97 12.95 -33.68
N LYS A 295 -4.22 13.43 -33.63
CA LYS A 295 -4.52 14.74 -34.19
C LYS A 295 -3.79 15.85 -33.43
N ASN A 296 -3.76 15.77 -32.10
CA ASN A 296 -3.04 16.76 -31.30
C ASN A 296 -1.53 16.71 -31.59
N CYS A 297 -0.98 15.49 -31.63
CA CYS A 297 0.41 15.29 -32.04
C CYS A 297 0.69 15.85 -33.43
N PHE A 298 -0.23 15.62 -34.37
CA PHE A 298 -0.08 16.12 -35.74
C PHE A 298 -0.13 17.64 -35.79
N LEU A 299 -0.98 18.25 -34.97
CA LEU A 299 -1.03 19.72 -34.86
C LEU A 299 0.30 20.27 -34.38
N GLU A 300 0.84 19.69 -33.30
CA GLU A 300 2.13 20.16 -32.77
C GLU A 300 3.29 19.92 -33.74
N CYS A 301 3.32 18.75 -34.39
CA CYS A 301 4.57 18.20 -34.90
C CYS A 301 4.78 18.31 -36.40
N ALA A 302 3.70 18.32 -37.21
CA ALA A 302 3.79 18.27 -38.67
C ALA A 302 4.71 19.33 -39.26
N TYR A 303 4.49 20.59 -38.88
CA TYR A 303 5.29 21.70 -39.41
C TYR A 303 6.46 22.05 -38.51
N GLN A 304 7.07 21.06 -37.86
CA GLN A 304 8.30 21.23 -37.10
C GLN A 304 9.46 20.77 -37.97
N TYR A 305 10.43 21.65 -38.18
CA TYR A 305 11.57 21.36 -39.03
C TYR A 305 12.85 21.48 -38.21
N ASP A 306 13.83 20.63 -38.52
CA ASP A 306 15.12 20.63 -37.84
C ASP A 306 16.01 21.72 -38.43
N ASP A 307 17.26 21.76 -37.97
CA ASP A 307 18.21 22.74 -38.48
C ASP A 307 18.68 22.41 -39.89
N ASP A 308 18.49 21.16 -40.34
CA ASP A 308 18.86 20.77 -41.70
C ASP A 308 17.84 21.22 -42.75
N GLY A 309 16.74 21.84 -42.31
CA GLY A 309 15.65 22.25 -43.17
C GLY A 309 14.65 21.16 -43.49
N TYR A 310 14.86 19.95 -42.99
CA TYR A 310 13.93 18.85 -43.14
C TYR A 310 13.12 18.67 -41.86
N GLN A 311 12.03 17.92 -41.98
CA GLN A 311 11.09 17.69 -40.87
C GLN A 311 11.77 17.08 -39.64
N SER A 312 11.26 17.46 -38.46
CA SER A 312 11.81 16.98 -37.21
C SER A 312 11.41 15.54 -36.93
N TYR A 313 10.23 15.13 -37.40
CA TYR A 313 9.70 13.82 -37.11
C TYR A 313 9.08 13.25 -38.39
N CYS A 314 8.66 11.99 -38.30
CA CYS A 314 8.03 11.31 -39.43
C CYS A 314 6.74 12.02 -39.84
N THR A 315 6.46 12.01 -41.13
CA THR A 315 5.25 12.68 -41.62
C THR A 315 3.98 11.90 -41.24
N ILE A 316 4.07 10.58 -41.17
CA ILE A 316 2.90 9.73 -40.94
C ILE A 316 2.44 9.83 -39.50
N CYS A 317 3.26 9.31 -38.58
CA CYS A 317 2.87 9.17 -37.19
C CYS A 317 3.23 10.38 -36.33
N CYS A 318 3.97 11.34 -36.89
CA CYS A 318 4.53 12.51 -36.18
C CYS A 318 5.42 12.12 -35.00
N GLY A 319 6.00 10.92 -35.06
CA GLY A 319 7.00 10.47 -34.13
C GLY A 319 8.16 9.83 -34.87
N GLY A 320 8.55 8.62 -34.47
CA GLY A 320 9.59 7.89 -35.17
C GLY A 320 10.97 8.13 -34.59
N ARG A 321 11.79 7.08 -34.58
CA ARG A 321 13.10 7.12 -33.95
C ARG A 321 14.24 7.41 -34.93
N GLU A 322 14.23 6.79 -36.11
CA GLU A 322 15.19 7.10 -37.17
C GLU A 322 14.40 7.29 -38.45
N VAL A 323 14.63 8.42 -39.13
CA VAL A 323 13.77 8.81 -40.25
C VAL A 323 14.55 8.76 -41.55
N LEU A 324 13.79 8.70 -42.65
CA LEU A 324 14.30 8.78 -44.01
C LEU A 324 14.00 10.16 -44.56
N MET A 325 15.04 10.91 -44.88
CA MET A 325 14.89 12.21 -45.50
C MET A 325 14.72 12.04 -47.01
N CYS A 326 14.15 13.05 -47.66
CA CYS A 326 13.76 12.95 -49.05
C CYS A 326 14.75 13.62 -49.99
N GLY A 327 15.07 12.92 -51.09
CA GLY A 327 16.04 13.42 -52.03
C GLY A 327 15.53 14.50 -52.96
N ASN A 328 14.23 14.46 -53.29
CA ASN A 328 13.61 15.39 -54.24
C ASN A 328 13.82 16.84 -53.82
N ASN A 329 13.97 17.71 -54.83
CA ASN A 329 14.26 19.12 -54.59
C ASN A 329 13.06 19.81 -53.97
N ASN A 330 13.33 20.64 -52.96
CA ASN A 330 12.42 21.47 -52.17
C ASN A 330 11.54 20.63 -51.24
N CYS A 331 11.56 19.31 -51.35
CA CYS A 331 10.78 18.49 -50.43
C CYS A 331 11.58 18.27 -49.16
N CYS A 332 10.90 18.38 -48.03
CA CYS A 332 11.56 18.35 -46.74
C CYS A 332 11.01 17.24 -45.84
N ARG A 333 10.21 16.33 -46.39
CA ARG A 333 9.51 15.36 -45.58
C ARG A 333 10.46 14.24 -45.15
N CYS A 334 10.07 13.56 -44.06
CA CYS A 334 10.80 12.41 -43.54
C CYS A 334 9.81 11.31 -43.21
N PHE A 335 10.23 10.06 -43.44
CA PHE A 335 9.42 8.87 -43.12
C PHE A 335 10.28 7.92 -42.29
N CYS A 336 9.86 7.66 -41.05
CA CYS A 336 10.63 6.77 -40.19
C CYS A 336 10.55 5.31 -40.65
N VAL A 337 11.59 4.54 -40.28
CA VAL A 337 11.76 3.12 -40.65
C VAL A 337 10.53 2.28 -40.30
N GLU A 338 9.87 2.58 -39.18
CA GLU A 338 8.77 1.76 -38.67
C GLU A 338 7.53 1.87 -39.57
N CYS A 339 7.18 3.11 -39.96
CA CYS A 339 6.06 3.35 -40.87
C CYS A 339 6.22 2.65 -42.20
N VAL A 340 7.43 2.68 -42.78
CA VAL A 340 7.68 2.07 -44.09
C VAL A 340 7.57 0.54 -44.02
N ASP A 341 7.70 -0.05 -42.82
CA ASP A 341 7.60 -1.50 -42.70
C ASP A 341 6.18 -2.00 -42.86
N LEU A 342 5.18 -1.15 -42.58
CA LEU A 342 3.80 -1.57 -42.76
C LEU A 342 3.32 -1.25 -44.16
N LEU A 343 3.46 0.01 -44.56
CA LEU A 343 2.78 0.54 -45.73
C LEU A 343 3.45 0.17 -47.04
N VAL A 344 4.77 0.01 -47.04
CA VAL A 344 5.49 -0.41 -48.23
C VAL A 344 6.00 -1.86 -48.09
N GLY A 345 6.03 -2.40 -46.89
CA GLY A 345 6.45 -3.77 -46.69
C GLY A 345 7.65 -3.88 -45.76
N PRO A 346 7.89 -5.09 -45.24
CA PRO A 346 9.02 -5.27 -44.31
C PRO A 346 10.35 -5.22 -45.03
N GLY A 347 11.32 -4.54 -44.39
CA GLY A 347 12.63 -4.33 -44.98
C GLY A 347 12.67 -3.33 -46.11
N ALA A 348 11.54 -2.72 -46.48
CA ALA A 348 11.51 -1.74 -47.55
C ALA A 348 12.25 -0.47 -47.18
N ALA A 349 12.27 -0.12 -45.89
CA ALA A 349 13.02 1.06 -45.45
C ALA A 349 14.52 0.82 -45.57
N GLN A 350 15.00 -0.34 -45.08
CA GLN A 350 16.43 -0.67 -45.17
C GLN A 350 16.89 -0.79 -46.62
N ALA A 351 16.01 -1.30 -47.49
CA ALA A 351 16.32 -1.34 -48.92
C ALA A 351 16.23 0.04 -49.56
N ALA A 352 15.32 0.89 -49.06
CA ALA A 352 15.12 2.24 -49.57
C ALA A 352 16.25 3.19 -49.18
N ILE A 353 16.93 2.93 -48.06
CA ILE A 353 18.14 3.67 -47.71
C ILE A 353 19.18 3.55 -48.80
N LYS A 354 19.31 2.33 -49.36
CA LYS A 354 20.34 2.02 -50.34
C LYS A 354 20.05 2.66 -51.70
N GLU A 355 18.83 3.15 -51.92
CA GLU A 355 18.48 3.81 -53.17
C GLU A 355 18.92 5.26 -53.05
N ASP A 356 20.08 5.58 -53.66
CA ASP A 356 20.72 6.87 -53.44
C ASP A 356 19.88 8.04 -53.99
N PRO A 357 19.35 8.03 -55.26
CA PRO A 357 18.32 9.03 -55.58
C PRO A 357 16.90 8.58 -55.20
N TRP A 358 16.47 8.84 -53.98
CA TRP A 358 15.19 8.35 -53.48
C TRP A 358 14.15 9.47 -53.43
N ASN A 359 12.91 9.14 -53.79
CA ASN A 359 11.77 10.04 -53.72
C ASN A 359 10.79 9.56 -52.66
N CYS A 360 10.28 10.48 -51.85
CA CYS A 360 9.31 10.12 -50.84
C CYS A 360 7.92 9.93 -51.47
N TYR A 361 7.01 9.37 -50.68
CA TYR A 361 5.73 8.90 -51.19
C TYR A 361 4.72 10.02 -51.46
N MET A 362 4.94 11.21 -50.90
CA MET A 362 4.19 12.38 -51.35
C MET A 362 4.72 12.92 -52.67
N CYS A 363 5.95 12.56 -53.04
CA CYS A 363 6.60 13.01 -54.27
C CYS A 363 6.78 11.90 -55.29
N GLY A 364 6.40 10.66 -54.98
CA GLY A 364 6.58 9.56 -55.91
C GLY A 364 5.80 9.76 -57.20
N HIS A 365 6.44 9.42 -58.32
CA HIS A 365 5.87 9.72 -59.63
C HIS A 365 4.70 8.80 -59.96
N LYS A 366 4.75 7.55 -59.51
CA LYS A 366 3.65 6.62 -59.76
C LYS A 366 2.40 7.05 -59.03
N GLY A 367 2.53 7.35 -57.73
CA GLY A 367 1.41 7.81 -56.92
C GLY A 367 0.52 6.71 -56.38
N THR A 368 0.86 5.44 -56.62
CA THR A 368 0.04 4.31 -56.20
C THR A 368 0.94 3.16 -55.75
N TYR A 369 0.75 2.71 -54.52
CA TYR A 369 1.48 1.58 -53.98
C TYR A 369 0.48 0.60 -53.40
N GLY A 370 0.97 -0.58 -53.02
CA GLY A 370 0.15 -1.67 -52.54
C GLY A 370 -0.72 -1.41 -51.33
N LEU A 371 -0.09 -1.24 -50.17
CA LEU A 371 -0.85 -0.97 -48.95
C LEU A 371 -1.10 0.52 -48.74
N LEU A 372 -0.17 1.36 -49.19
CA LEU A 372 -0.28 2.81 -49.04
C LEU A 372 -0.65 3.44 -50.37
N ARG A 373 -1.72 4.21 -50.39
CA ARG A 373 -2.06 4.97 -51.58
C ARG A 373 -2.35 6.41 -51.17
N ARG A 374 -1.95 7.35 -52.02
CA ARG A 374 -2.08 8.77 -51.68
C ARG A 374 -3.48 9.23 -52.06
N ARG A 375 -4.14 9.90 -51.11
CA ARG A 375 -5.50 10.39 -51.32
C ARG A 375 -5.44 11.65 -52.16
N GLU A 376 -6.43 11.84 -53.05
CA GLU A 376 -6.25 12.75 -54.18
C GLU A 376 -6.37 14.23 -53.81
N ASP A 377 -7.34 14.62 -53.00
CA ASP A 377 -7.51 16.05 -52.69
C ASP A 377 -6.82 16.45 -51.40
N TRP A 378 -5.65 15.88 -51.14
CA TRP A 378 -4.87 16.18 -49.94
C TRP A 378 -4.56 17.68 -49.69
N PRO A 379 -4.29 18.56 -50.68
CA PRO A 379 -4.15 19.98 -50.30
C PRO A 379 -5.46 20.58 -49.82
N SER A 380 -6.57 20.20 -50.47
CA SER A 380 -7.89 20.64 -50.03
C SER A 380 -8.21 20.13 -48.64
N ARG A 381 -7.86 18.86 -48.37
CA ARG A 381 -8.06 18.29 -47.04
C ARG A 381 -7.17 18.97 -46.01
N LEU A 382 -5.95 19.35 -46.40
CA LEU A 382 -5.06 20.08 -45.50
C LEU A 382 -5.66 21.43 -45.11
N GLN A 383 -6.26 22.13 -46.08
CA GLN A 383 -6.95 23.39 -45.77
C GLN A 383 -8.19 23.15 -44.91
N MET A 384 -8.96 22.10 -45.21
CA MET A 384 -10.15 21.75 -44.43
C MET A 384 -9.81 21.31 -43.01
N PHE A 385 -8.63 20.71 -42.81
CA PHE A 385 -8.19 20.15 -41.54
C PHE A 385 -8.17 21.19 -40.42
N PHE A 386 -7.86 22.44 -40.75
CA PHE A 386 -7.89 23.49 -39.74
C PHE A 386 -9.32 23.97 -39.47
N ALA A 387 -10.17 23.95 -40.50
CA ALA A 387 -11.61 24.17 -40.28
C ALA A 387 -12.20 23.03 -39.45
N ASN A 388 -11.61 21.84 -39.54
CA ASN A 388 -11.98 20.65 -38.76
C ASN A 388 -11.69 20.82 -37.26
N ASN A 389 -10.96 21.88 -36.86
CA ASN A 389 -10.68 22.13 -35.45
C ASN A 389 -11.89 22.84 -34.84
N HIS A 390 -12.98 22.07 -34.71
CA HIS A 390 -14.21 22.53 -34.09
C HIS A 390 -14.30 22.11 -32.63
N ASP A 391 -13.23 21.49 -32.10
CA ASP A 391 -13.14 21.16 -30.68
C ASP A 391 -13.19 22.44 -29.85
N GLN A 392 -12.44 23.45 -30.29
CA GLN A 392 -12.48 24.78 -29.68
C GLN A 392 -13.55 25.62 -30.37
N GLU A 393 -14.81 25.27 -30.08
CA GLU A 393 -15.95 26.00 -30.62
C GLU A 393 -16.04 27.39 -30.00
N PHE A 394 -16.26 28.41 -30.84
CA PHE A 394 -16.41 29.77 -30.38
C PHE A 394 -17.44 30.49 -31.25
N ASP A 395 -17.98 31.58 -30.70
CA ASP A 395 -18.97 32.38 -31.41
C ASP A 395 -18.29 33.14 -32.56
N PRO A 396 -19.04 33.44 -33.65
CA PRO A 396 -18.44 34.17 -34.76
C PRO A 396 -18.12 35.61 -34.37
N PRO A 397 -17.07 36.20 -34.94
CA PRO A 397 -16.71 37.59 -34.61
C PRO A 397 -17.78 38.59 -35.02
N LYS A 398 -17.98 39.59 -34.15
CA LYS A 398 -18.99 40.62 -34.36
C LYS A 398 -18.69 41.46 -35.60
N VAL A 399 -19.60 41.42 -36.57
CA VAL A 399 -19.47 42.15 -37.82
C VAL A 399 -20.05 43.55 -37.64
N TYR A 400 -19.20 44.59 -37.84
CA TYR A 400 -19.57 45.99 -37.74
C TYR A 400 -19.98 46.55 -39.09
N PRO A 401 -21.12 47.24 -39.19
CA PRO A 401 -21.60 47.75 -40.50
C PRO A 401 -20.72 48.87 -41.04
N PRO A 402 -20.46 48.85 -42.35
CA PRO A 402 -19.58 49.86 -43.00
C PRO A 402 -20.00 51.32 -42.80
N VAL A 403 -19.00 52.14 -42.46
CA VAL A 403 -19.16 53.58 -42.27
C VAL A 403 -19.13 54.25 -43.64
N PRO A 404 -20.01 55.22 -43.91
CA PRO A 404 -19.99 55.92 -45.20
C PRO A 404 -18.68 56.63 -45.48
N ALA A 405 -18.36 56.75 -46.78
CA ALA A 405 -17.05 57.18 -47.24
C ALA A 405 -16.71 58.60 -46.78
N GLU A 406 -17.70 59.51 -46.80
CA GLU A 406 -17.48 60.89 -46.39
C GLU A 406 -17.19 61.00 -44.90
N LYS A 407 -17.69 60.06 -44.11
CA LYS A 407 -17.56 60.08 -42.66
C LYS A 407 -16.26 59.46 -42.16
N ARG A 408 -15.53 58.76 -43.03
CA ARG A 408 -14.31 58.05 -42.65
C ARG A 408 -13.23 59.01 -42.14
N LYS A 409 -12.42 58.50 -41.22
CA LYS A 409 -11.38 59.24 -40.53
C LYS A 409 -10.08 58.46 -40.59
N PRO A 410 -8.93 59.10 -40.32
CA PRO A 410 -7.66 58.35 -40.28
C PRO A 410 -7.61 57.32 -39.15
N ILE A 411 -6.98 56.18 -39.45
CA ILE A 411 -6.91 55.05 -38.53
C ILE A 411 -5.87 55.32 -37.45
N ARG A 412 -6.14 54.82 -36.25
CA ARG A 412 -5.20 54.86 -35.13
C ARG A 412 -4.82 53.46 -34.71
N VAL A 413 -3.51 53.19 -34.62
CA VAL A 413 -3.00 51.85 -34.46
C VAL A 413 -2.14 51.78 -33.20
N LEU A 414 -2.46 50.84 -32.32
CA LEU A 414 -1.57 50.42 -31.26
C LEU A 414 -0.93 49.12 -31.72
N SER A 415 0.39 49.09 -31.78
CA SER A 415 1.11 47.98 -32.38
C SER A 415 2.12 47.48 -31.37
N LEU A 416 1.83 46.32 -30.80
CA LEU A 416 2.69 45.70 -29.80
C LEU A 416 3.59 44.71 -30.52
N PHE A 417 4.81 44.56 -30.01
CA PHE A 417 5.88 43.77 -30.62
C PHE A 417 6.07 44.16 -32.07
N ASP A 418 6.33 45.45 -32.27
CA ASP A 418 6.23 46.06 -33.60
C ASP A 418 7.32 45.55 -34.53
N GLY A 419 8.51 45.35 -34.00
CA GLY A 419 9.62 44.96 -34.84
C GLY A 419 10.02 46.05 -35.79
N ILE A 420 9.96 45.77 -37.09
CA ILE A 420 10.45 46.68 -38.11
C ILE A 420 9.33 47.46 -38.78
N ALA A 421 8.18 47.62 -38.09
CA ALA A 421 7.03 48.43 -38.53
C ALA A 421 6.43 47.93 -39.83
N THR A 422 6.25 46.61 -39.93
CA THR A 422 5.60 46.01 -41.09
C THR A 422 4.15 46.46 -41.21
N GLY A 423 3.46 46.61 -40.08
CA GLY A 423 2.05 46.99 -40.09
C GLY A 423 1.79 48.36 -40.68
N LEU A 424 2.52 49.36 -40.18
CA LEU A 424 2.39 50.73 -40.69
C LEU A 424 2.77 50.82 -42.16
N LEU A 425 3.84 50.12 -42.55
CA LEU A 425 4.28 50.04 -43.95
C LEU A 425 3.16 49.52 -44.86
N VAL A 426 2.51 48.44 -44.43
CA VAL A 426 1.42 47.85 -45.20
C VAL A 426 0.24 48.81 -45.28
N LEU A 427 -0.08 49.50 -44.18
CA LEU A 427 -1.15 50.49 -44.18
C LEU A 427 -0.86 51.63 -45.15
N LYS A 428 0.41 52.06 -45.21
CA LYS A 428 0.83 53.04 -46.21
C LYS A 428 0.65 52.51 -47.63
N ASP A 429 1.15 51.28 -47.89
CA ASP A 429 0.98 50.61 -49.18
C ASP A 429 -0.48 50.52 -49.61
N LEU A 430 -1.40 50.39 -48.66
CA LEU A 430 -2.82 50.38 -48.98
C LEU A 430 -3.40 51.78 -49.12
N GLY A 431 -2.63 52.80 -48.77
CA GLY A 431 -3.08 54.17 -48.91
C GLY A 431 -4.10 54.59 -47.88
N ILE A 432 -4.02 54.04 -46.67
CA ILE A 432 -4.89 54.42 -45.57
C ILE A 432 -4.22 55.52 -44.78
N GLN A 433 -4.93 56.62 -44.54
CA GLN A 433 -4.42 57.71 -43.72
C GLN A 433 -4.26 57.24 -42.28
N VAL A 434 -3.08 57.48 -41.71
CA VAL A 434 -2.75 57.03 -40.36
C VAL A 434 -2.65 58.28 -39.49
N ASP A 435 -3.65 58.45 -38.60
CA ASP A 435 -3.62 59.53 -37.62
C ASP A 435 -2.40 59.42 -36.72
N ARG A 436 -2.20 58.23 -36.13
CA ARG A 436 -1.05 58.00 -35.26
C ARG A 436 -0.78 56.51 -35.20
N TYR A 437 0.45 56.18 -34.80
CA TYR A 437 0.93 54.80 -34.79
C TYR A 437 1.81 54.64 -33.55
N ILE A 438 1.19 54.22 -32.46
CA ILE A 438 1.91 53.97 -31.21
C ILE A 438 2.51 52.58 -31.28
N ALA A 439 3.78 52.45 -30.88
CA ALA A 439 4.49 51.19 -31.03
C ALA A 439 5.37 50.89 -29.83
N SER A 440 5.21 49.71 -29.25
CA SER A 440 6.10 49.21 -28.22
C SER A 440 7.06 48.20 -28.82
N GLU A 441 8.34 48.34 -28.51
CA GLU A 441 9.41 47.46 -28.97
C GLU A 441 10.62 47.70 -28.08
N VAL A 442 11.50 46.71 -27.99
CA VAL A 442 12.66 46.77 -27.10
C VAL A 442 13.99 46.59 -27.85
N CYS A 443 13.98 46.00 -29.03
CA CYS A 443 15.22 45.77 -29.78
C CYS A 443 15.57 47.05 -30.56
N GLU A 444 16.75 47.61 -30.25
CA GLU A 444 17.16 48.92 -30.74
C GLU A 444 17.24 48.97 -32.26
N ASP A 445 17.74 47.89 -32.87
CA ASP A 445 17.86 47.81 -34.33
C ASP A 445 16.51 47.97 -35.01
N SER A 446 15.49 47.28 -34.48
CA SER A 446 14.14 47.35 -35.04
C SER A 446 13.53 48.73 -34.85
N ILE A 447 13.80 49.35 -33.69
CA ILE A 447 13.39 50.74 -33.44
C ILE A 447 13.93 51.65 -34.51
N THR A 448 15.25 51.57 -34.75
CA THR A 448 15.95 52.36 -35.77
C THR A 448 15.37 52.16 -37.17
N VAL A 449 15.15 50.89 -37.56
CA VAL A 449 14.52 50.56 -38.85
C VAL A 449 13.21 51.29 -39.02
N GLY A 450 12.36 51.24 -38.00
CA GLY A 450 11.06 51.90 -38.07
C GLY A 450 11.18 53.42 -38.15
N MET A 451 12.04 53.98 -37.28
CA MET A 451 12.34 55.41 -37.24
C MET A 451 12.69 55.96 -38.63
N VAL A 452 13.68 55.36 -39.26
CA VAL A 452 14.16 55.86 -40.54
C VAL A 452 13.11 55.64 -41.63
N ARG A 453 12.63 54.40 -41.78
CA ARG A 453 11.73 54.06 -42.88
C ARG A 453 10.38 54.75 -42.78
N HIS A 454 9.96 55.13 -41.58
CA HIS A 454 8.66 55.75 -41.38
C HIS A 454 8.78 57.16 -40.83
N GLN A 455 10.00 57.72 -40.90
CA GLN A 455 10.24 59.17 -40.98
C GLN A 455 9.80 59.92 -39.73
N GLY A 456 10.05 59.34 -38.56
CA GLY A 456 9.72 59.98 -37.31
C GLY A 456 8.28 59.92 -36.89
N LYS A 457 7.38 59.45 -37.78
CA LYS A 457 5.95 59.42 -37.50
C LYS A 457 5.60 58.51 -36.32
N ILE A 458 6.39 57.46 -36.11
CA ILE A 458 6.09 56.48 -35.08
C ILE A 458 6.48 57.03 -33.72
N MET A 459 5.54 57.05 -32.79
CA MET A 459 5.79 57.41 -31.39
C MET A 459 6.25 56.16 -30.64
N TYR A 460 7.53 56.10 -30.29
CA TYR A 460 8.12 54.92 -29.67
C TYR A 460 7.90 54.86 -28.17
N VAL A 461 7.38 53.72 -27.73
CA VAL A 461 7.23 53.37 -26.33
C VAL A 461 8.32 52.34 -25.97
N GLY A 462 8.49 52.07 -24.68
CA GLY A 462 9.43 51.08 -24.22
C GLY A 462 8.79 49.70 -24.19
N ASP A 463 9.22 48.90 -23.20
CA ASP A 463 8.67 47.56 -22.94
C ASP A 463 7.15 47.59 -22.79
N VAL A 464 6.52 46.53 -23.30
CA VAL A 464 5.07 46.37 -23.23
C VAL A 464 4.59 46.28 -21.78
N ARG A 465 5.42 45.76 -20.89
CA ARG A 465 5.04 45.58 -19.49
C ARG A 465 5.05 46.90 -18.71
N SER A 466 5.51 47.99 -19.32
CA SER A 466 5.47 49.30 -18.70
C SER A 466 4.27 50.11 -19.15
N VAL A 467 3.46 49.56 -20.05
CA VAL A 467 2.30 50.25 -20.59
C VAL A 467 1.11 49.95 -19.68
N THR A 468 0.57 50.98 -19.05
CA THR A 468 -0.55 50.87 -18.14
C THR A 468 -1.85 51.18 -18.87
N GLN A 469 -2.97 50.89 -18.21
CA GLN A 469 -4.29 51.24 -18.76
C GLN A 469 -4.45 52.75 -18.87
N LYS A 470 -3.84 53.49 -17.95
CA LYS A 470 -3.83 54.95 -18.01
C LYS A 470 -3.14 55.45 -19.27
N HIS A 471 -1.95 54.89 -19.57
CA HIS A 471 -1.26 55.12 -20.85
C HIS A 471 -2.18 54.88 -22.05
N ILE A 472 -2.89 53.75 -22.05
CA ILE A 472 -3.80 53.39 -23.14
C ILE A 472 -4.90 54.43 -23.29
N GLN A 473 -5.41 54.94 -22.17
CA GLN A 473 -6.49 55.92 -22.23
C GLN A 473 -6.01 57.28 -22.71
N GLU A 474 -4.85 57.73 -22.24
CA GLU A 474 -4.38 59.08 -22.56
C GLU A 474 -3.73 59.19 -23.94
N TRP A 475 -3.39 58.08 -24.58
CA TRP A 475 -2.87 58.08 -25.93
C TRP A 475 -3.97 58.03 -26.99
N GLY A 476 -5.20 58.36 -26.60
CA GLY A 476 -6.29 58.51 -27.53
C GLY A 476 -6.91 57.18 -27.88
N PRO A 477 -8.17 57.19 -28.30
CA PRO A 477 -8.84 55.95 -28.72
C PRO A 477 -8.10 55.30 -29.88
N PHE A 478 -8.01 53.98 -29.83
CA PHE A 478 -7.34 53.23 -30.88
C PHE A 478 -8.37 52.56 -31.77
N ASP A 479 -8.07 52.53 -33.06
CA ASP A 479 -8.94 51.93 -34.05
C ASP A 479 -8.49 50.54 -34.47
N LEU A 480 -7.23 50.20 -34.25
CA LEU A 480 -6.63 48.95 -34.69
C LEU A 480 -5.48 48.61 -33.75
N VAL A 481 -5.59 47.46 -33.09
CA VAL A 481 -4.53 46.96 -32.22
C VAL A 481 -4.00 45.67 -32.83
N ILE A 482 -2.69 45.62 -33.03
CA ILE A 482 -2.06 44.51 -33.74
C ILE A 482 -0.85 44.04 -32.94
N GLY A 483 -0.45 42.80 -33.20
CA GLY A 483 0.73 42.26 -32.56
C GLY A 483 1.00 40.79 -32.79
N GLY A 484 2.27 40.42 -32.65
CA GLY A 484 2.71 39.04 -32.75
C GLY A 484 3.74 38.70 -31.69
N SER A 485 3.45 37.65 -30.88
CA SER A 485 4.34 37.24 -29.79
C SER A 485 5.69 36.79 -30.33
N PRO A 486 6.75 36.84 -29.51
CA PRO A 486 8.04 36.29 -29.94
C PRO A 486 7.95 34.84 -30.37
N CYS A 487 8.51 34.56 -31.53
CA CYS A 487 8.41 33.27 -32.17
C CYS A 487 9.73 32.51 -32.19
N ASN A 488 10.83 33.18 -31.86
CA ASN A 488 12.16 32.56 -31.90
C ASN A 488 12.27 31.41 -30.91
N ASP A 489 11.67 31.57 -29.72
CA ASP A 489 11.76 30.51 -28.72
C ASP A 489 10.73 29.40 -29.00
N LEU A 490 9.63 29.75 -29.65
CA LEU A 490 8.65 28.73 -30.05
C LEU A 490 9.17 27.92 -31.23
N SER A 491 9.86 28.59 -32.16
CA SER A 491 10.41 27.93 -33.34
C SER A 491 11.48 26.90 -33.00
N ILE A 492 11.49 25.80 -33.74
CA ILE A 492 12.45 24.71 -33.57
C ILE A 492 13.79 25.03 -34.23
N VAL A 493 13.89 26.19 -34.91
CA VAL A 493 15.12 26.56 -35.62
C VAL A 493 16.23 26.99 -34.65
N ASN A 494 15.88 27.60 -33.52
CA ASN A 494 16.87 28.02 -32.51
C ASN A 494 17.42 26.79 -31.80
N PRO A 495 18.73 26.53 -31.83
CA PRO A 495 19.28 25.36 -31.12
C PRO A 495 19.03 25.34 -29.62
N ALA A 496 18.98 26.51 -28.97
CA ALA A 496 18.85 26.57 -27.51
C ALA A 496 17.37 26.74 -27.14
N ARG A 497 16.65 25.62 -27.22
CA ARG A 497 15.22 25.59 -26.88
C ARG A 497 15.08 25.17 -25.42
N LYS A 498 15.34 26.13 -24.53
CA LYS A 498 15.21 25.89 -23.09
C LYS A 498 13.75 25.69 -22.72
N GLY A 499 12.87 26.53 -23.24
CA GLY A 499 11.44 26.36 -23.05
C GLY A 499 10.67 27.05 -24.14
N LEU A 500 9.37 26.83 -24.12
CA LEU A 500 8.41 27.39 -25.06
C LEU A 500 7.40 28.28 -24.37
N TYR A 501 6.98 27.89 -23.17
CA TYR A 501 5.98 28.63 -22.41
C TYR A 501 6.63 29.80 -21.68
N GLU A 502 7.91 29.68 -21.38
CA GLU A 502 8.65 30.74 -20.71
C GLU A 502 8.96 31.87 -21.68
N GLY A 503 8.97 33.09 -21.16
CA GLY A 503 9.28 34.25 -21.97
C GLY A 503 8.21 34.64 -22.95
N THR A 504 8.01 33.82 -23.99
CA THR A 504 7.07 34.15 -25.06
C THR A 504 5.63 34.08 -24.59
N GLY A 505 5.29 33.07 -23.78
CA GLY A 505 3.91 32.93 -23.33
C GLY A 505 3.47 34.08 -22.45
N ARG A 506 4.37 34.53 -21.56
CA ARG A 506 4.10 35.63 -20.63
C ARG A 506 3.81 36.91 -21.40
N LEU A 507 4.68 37.19 -22.38
CA LEU A 507 4.53 38.34 -23.26
C LEU A 507 3.23 38.30 -24.06
N PHE A 508 2.71 37.09 -24.35
CA PHE A 508 1.39 36.97 -24.99
C PHE A 508 0.32 37.68 -24.20
N PHE A 509 0.33 37.47 -22.88
CA PHE A 509 -0.70 38.02 -22.02
C PHE A 509 -0.66 39.53 -21.99
N GLU A 510 0.54 40.09 -22.22
CA GLU A 510 0.70 41.52 -22.32
C GLU A 510 -0.18 42.08 -23.42
N PHE A 511 -0.14 41.44 -24.61
CA PHE A 511 -1.05 41.76 -25.71
C PHE A 511 -2.48 41.70 -25.25
N TYR A 512 -2.82 40.58 -24.59
CA TYR A 512 -4.13 40.29 -24.06
C TYR A 512 -4.64 41.44 -23.20
N ARG A 513 -3.78 41.86 -22.24
CA ARG A 513 -4.13 42.92 -21.31
C ARG A 513 -4.42 44.21 -22.05
N LEU A 514 -3.48 44.62 -22.91
CA LEU A 514 -3.60 45.92 -23.54
C LEU A 514 -4.75 45.92 -24.54
N LEU A 515 -5.08 44.74 -25.09
CA LEU A 515 -6.24 44.62 -25.96
C LEU A 515 -7.51 45.02 -25.21
N HIS A 516 -7.68 44.47 -24.01
CA HIS A 516 -8.83 44.83 -23.18
C HIS A 516 -8.76 46.30 -22.77
N ASP A 517 -7.54 46.81 -22.58
CA ASP A 517 -7.40 48.21 -22.23
C ASP A 517 -7.80 49.11 -23.39
N ALA A 518 -7.57 48.65 -24.63
CA ALA A 518 -7.83 49.47 -25.80
C ALA A 518 -9.23 49.30 -26.36
N ARG A 519 -9.98 48.33 -25.88
CA ARG A 519 -11.29 47.97 -26.42
C ARG A 519 -12.34 48.97 -25.96
N PRO A 520 -13.20 49.43 -26.86
CA PRO A 520 -14.35 50.24 -26.43
C PRO A 520 -15.33 49.45 -25.58
N LYS A 521 -16.03 50.16 -24.70
CA LYS A 521 -17.06 49.57 -23.87
C LYS A 521 -18.22 49.07 -24.71
N GLU A 522 -19.00 48.16 -24.11
CA GLU A 522 -20.26 47.76 -24.71
C GLU A 522 -21.21 48.96 -24.73
N GLY A 523 -21.94 49.11 -25.83
CA GLY A 523 -22.73 50.29 -26.08
C GLY A 523 -22.01 51.34 -26.88
N ASP A 524 -20.68 51.32 -26.89
CA ASP A 524 -19.86 52.12 -27.81
C ASP A 524 -19.64 51.28 -29.05
N ASP A 525 -20.45 51.52 -30.09
CA ASP A 525 -20.45 50.72 -31.30
C ASP A 525 -19.48 51.24 -32.36
N ARG A 526 -18.50 52.04 -31.97
CA ARG A 526 -17.50 52.52 -32.92
C ARG A 526 -16.67 51.34 -33.43
N PRO A 527 -16.27 51.33 -34.70
CA PRO A 527 -15.47 50.23 -35.23
C PRO A 527 -14.13 50.09 -34.51
N PHE A 528 -13.76 48.85 -34.21
CA PHE A 528 -12.54 48.54 -33.50
C PHE A 528 -12.05 47.18 -33.99
N PHE A 529 -10.74 47.08 -34.22
CA PHE A 529 -10.19 45.89 -34.85
C PHE A 529 -8.87 45.51 -34.21
N TRP A 530 -8.59 44.21 -34.23
CA TRP A 530 -7.40 43.68 -33.59
C TRP A 530 -6.90 42.45 -34.34
N LEU A 531 -5.60 42.23 -34.25
CA LEU A 531 -4.95 41.13 -34.92
C LEU A 531 -3.84 40.60 -34.03
N PHE A 532 -3.86 39.30 -33.76
CA PHE A 532 -2.73 38.63 -33.14
C PHE A 532 -2.19 37.57 -34.09
N GLU A 533 -0.86 37.43 -34.08
CA GLU A 533 -0.11 36.55 -34.97
C GLU A 533 0.76 35.59 -34.15
N ASN A 534 0.91 34.35 -34.63
CA ASN A 534 1.81 33.38 -33.99
C ASN A 534 2.19 32.30 -35.01
N VAL A 535 3.15 31.43 -34.64
CA VAL A 535 3.63 30.35 -35.50
C VAL A 535 2.71 29.14 -35.43
N VAL A 536 2.79 28.30 -36.46
CA VAL A 536 2.04 27.05 -36.47
C VAL A 536 2.71 25.94 -35.66
N ALA A 537 4.04 25.98 -35.50
CA ALA A 537 4.75 24.95 -34.73
C ALA A 537 4.66 25.29 -33.25
N MET A 538 3.49 25.03 -32.67
CA MET A 538 3.22 25.37 -31.28
C MET A 538 2.45 24.25 -30.59
N GLY A 539 2.42 24.30 -29.26
CA GLY A 539 1.70 23.29 -28.49
C GLY A 539 0.18 23.40 -28.63
N VAL A 540 -0.49 22.27 -28.39
CA VAL A 540 -1.95 22.22 -28.53
C VAL A 540 -2.62 22.92 -27.37
N SER A 541 -2.21 22.62 -26.14
CA SER A 541 -2.77 23.29 -24.96
C SER A 541 -2.41 24.77 -24.96
N ASP A 542 -1.24 25.11 -25.48
CA ASP A 542 -0.84 26.49 -25.71
C ASP A 542 -1.82 27.18 -26.66
N LYS A 543 -2.07 26.54 -27.81
CA LYS A 543 -3.00 27.06 -28.81
C LYS A 543 -4.41 27.18 -28.26
N ARG A 544 -4.80 26.22 -27.42
CA ARG A 544 -6.12 26.26 -26.80
C ARG A 544 -6.23 27.43 -25.86
N ASP A 545 -5.21 27.65 -25.01
CA ASP A 545 -5.24 28.75 -24.04
C ASP A 545 -5.26 30.10 -24.74
N ILE A 546 -4.52 30.21 -25.85
CA ILE A 546 -4.55 31.42 -26.67
C ILE A 546 -5.95 31.63 -27.26
N SER A 547 -6.55 30.56 -27.81
CA SER A 547 -7.91 30.64 -28.35
C SER A 547 -8.93 30.97 -27.27
N ARG A 548 -8.71 30.45 -26.05
CA ARG A 548 -9.63 30.69 -24.93
C ARG A 548 -9.58 32.15 -24.52
N PHE A 549 -8.38 32.72 -24.49
CA PHE A 549 -8.23 34.06 -23.96
C PHE A 549 -8.65 35.10 -24.98
N LEU A 550 -8.29 34.90 -26.25
CA LEU A 550 -8.74 35.83 -27.27
C LEU A 550 -10.16 35.55 -27.72
N GLU A 551 -10.77 34.47 -27.20
CA GLU A 551 -12.18 34.10 -27.42
C GLU A 551 -12.50 33.97 -28.90
N SER A 552 -11.57 33.37 -29.65
CA SER A 552 -11.73 33.20 -31.09
C SER A 552 -11.02 31.94 -31.55
N ASN A 553 -11.27 31.58 -32.81
CA ASN A 553 -10.80 30.46 -33.62
C ASN A 553 -9.66 30.95 -34.51
N PRO A 554 -8.50 30.28 -34.52
CA PRO A 554 -7.40 30.76 -35.35
C PRO A 554 -7.66 30.53 -36.82
N VAL A 555 -7.11 31.43 -37.65
CA VAL A 555 -6.98 31.18 -39.07
C VAL A 555 -5.51 30.93 -39.38
N MET A 556 -5.21 29.80 -40.03
CA MET A 556 -3.85 29.57 -40.52
C MET A 556 -3.76 30.13 -41.92
N ILE A 557 -2.76 30.96 -42.14
CA ILE A 557 -2.49 31.53 -43.45
C ILE A 557 -1.03 31.21 -43.77
N ASP A 558 -0.80 30.61 -44.94
CA ASP A 558 0.54 30.30 -45.40
C ASP A 558 0.92 31.28 -46.49
N ALA A 559 2.09 31.90 -46.35
CA ALA A 559 2.54 32.91 -47.30
C ALA A 559 2.89 32.38 -48.67
N LYS A 560 3.13 31.05 -48.81
CA LYS A 560 3.46 30.43 -50.10
C LYS A 560 2.45 30.77 -51.19
N GLU A 561 1.17 30.93 -50.80
CA GLU A 561 0.11 31.29 -51.72
C GLU A 561 0.37 32.63 -52.41
N VAL A 562 0.99 33.57 -51.70
CA VAL A 562 1.26 34.90 -52.26
C VAL A 562 2.74 35.27 -52.29
N SER A 563 3.63 34.52 -51.64
CA SER A 563 5.05 34.91 -51.62
C SER A 563 5.94 33.69 -51.82
N ALA A 564 7.25 33.96 -51.92
CA ALA A 564 8.26 32.94 -52.17
C ALA A 564 8.83 32.33 -50.89
N ALA A 565 8.09 32.36 -49.78
CA ALA A 565 8.53 31.77 -48.53
C ALA A 565 7.45 30.85 -47.98
N HIS A 566 7.86 29.76 -47.34
CA HIS A 566 6.94 28.96 -46.55
C HIS A 566 6.83 29.58 -45.17
N ARG A 567 5.74 30.25 -44.94
CA ARG A 567 5.51 31.06 -43.75
C ARG A 567 4.05 30.81 -43.36
N ALA A 568 3.85 29.74 -42.59
CA ALA A 568 2.52 29.35 -42.14
C ALA A 568 2.34 29.94 -40.76
N ARG A 569 1.33 30.79 -40.61
CA ARG A 569 1.15 31.56 -39.38
C ARG A 569 -0.32 31.57 -38.97
N TYR A 570 -0.56 31.55 -37.66
CA TYR A 570 -1.90 31.77 -37.15
C TYR A 570 -2.18 33.25 -36.99
N PHE A 571 -3.41 33.62 -37.33
CA PHE A 571 -3.94 34.97 -37.23
C PHE A 571 -5.29 34.85 -36.52
N TRP A 572 -5.33 35.30 -35.28
CA TRP A 572 -6.58 35.57 -34.57
C TRP A 572 -6.98 37.02 -34.82
N GLY A 573 -8.28 37.27 -34.90
CA GLY A 573 -8.72 38.64 -35.04
C GLY A 573 -10.16 38.73 -35.51
N ASN A 574 -10.62 39.99 -35.60
CA ASN A 574 -11.98 40.30 -36.02
C ASN A 574 -12.03 41.17 -37.27
N LEU A 575 -10.92 41.26 -38.01
CA LEU A 575 -10.93 41.99 -39.27
C LEU A 575 -11.84 41.27 -40.25
N PRO A 576 -12.71 42.00 -40.97
CA PRO A 576 -13.58 41.35 -41.96
C PRO A 576 -12.79 40.65 -43.05
N GLY A 577 -13.28 39.50 -43.48
CA GLY A 577 -12.61 38.75 -44.53
C GLY A 577 -11.26 38.18 -44.14
N MET A 578 -11.12 37.72 -42.90
CA MET A 578 -9.88 37.07 -42.52
C MET A 578 -9.84 35.61 -42.95
N ASN A 579 -10.98 35.04 -43.31
CA ASN A 579 -11.06 33.64 -43.76
C ASN A 579 -10.90 33.48 -45.27
N ARG A 580 -11.27 34.51 -46.05
CA ARG A 580 -11.34 34.44 -47.51
C ARG A 580 -9.99 34.07 -48.14
N PRO A 581 -9.99 33.43 -49.32
CA PRO A 581 -8.74 32.91 -49.88
C PRO A 581 -7.77 34.00 -50.34
N LEU A 582 -6.49 33.68 -50.27
CA LEU A 582 -5.43 34.62 -50.61
C LEU A 582 -5.22 34.73 -52.11
N ALA A 583 -5.21 35.96 -52.60
CA ALA A 583 -4.88 36.25 -53.98
C ALA A 583 -3.50 36.87 -54.07
N SER A 584 -2.73 36.44 -55.05
CA SER A 584 -1.38 36.93 -55.31
C SER A 584 -1.42 37.86 -56.51
N THR A 585 -1.11 39.14 -56.28
CA THR A 585 -1.01 40.10 -57.37
C THR A 585 0.27 39.86 -58.16
N VAL A 586 0.29 40.42 -59.39
CA VAL A 586 1.41 40.24 -60.32
C VAL A 586 2.72 40.78 -59.75
N ASN A 587 2.65 41.84 -58.93
CA ASN A 587 3.83 42.38 -58.25
C ASN A 587 4.48 41.36 -57.33
N ASP A 588 3.68 40.48 -56.72
CA ASP A 588 4.23 39.46 -55.82
C ASP A 588 4.98 38.42 -56.64
N LYS A 589 6.01 37.85 -56.03
CA LYS A 589 6.93 36.93 -56.71
C LYS A 589 6.79 35.53 -56.14
N LEU A 590 6.05 34.68 -56.85
CA LEU A 590 5.78 33.31 -56.42
C LEU A 590 6.94 32.36 -56.67
N GLU A 591 8.00 32.81 -57.34
CA GLU A 591 9.17 31.99 -57.60
C GLU A 591 10.35 32.63 -56.90
N LEU A 592 11.23 31.79 -56.35
CA LEU A 592 12.41 32.32 -55.67
C LEU A 592 13.33 33.06 -56.62
N GLN A 593 13.44 32.56 -57.86
CA GLN A 593 14.38 33.06 -58.86
C GLN A 593 14.15 34.54 -59.19
N GLU A 594 12.88 34.95 -59.25
CA GLU A 594 12.56 36.36 -59.47
C GLU A 594 13.02 37.26 -58.33
N CYS A 595 13.24 36.70 -57.13
CA CYS A 595 13.65 37.48 -55.97
C CYS A 595 15.16 37.51 -55.83
N LEU A 596 15.89 36.78 -56.67
CA LEU A 596 17.34 36.73 -56.55
C LEU A 596 17.95 37.96 -57.20
N GLU A 597 19.25 38.16 -56.94
CA GLU A 597 19.96 39.18 -57.67
C GLU A 597 20.34 38.66 -59.05
N HIS A 598 20.66 39.58 -59.94
CA HIS A 598 21.10 39.19 -61.28
C HIS A 598 22.46 38.52 -61.18
N GLY A 599 22.67 37.49 -61.99
CA GLY A 599 23.85 36.67 -61.90
C GLY A 599 23.69 35.46 -61.02
N ARG A 600 22.58 35.36 -60.30
CA ARG A 600 22.32 34.24 -59.41
C ARG A 600 21.18 33.40 -59.97
N ILE A 601 21.26 32.09 -59.73
CA ILE A 601 20.21 31.17 -60.11
C ILE A 601 19.83 30.34 -58.90
N ALA A 602 18.54 30.16 -58.69
CA ALA A 602 18.03 29.41 -57.55
C ALA A 602 17.60 28.03 -58.00
N LYS A 603 18.20 26.99 -57.41
CA LYS A 603 17.66 25.65 -57.55
C LYS A 603 16.30 25.54 -56.85
N PHE A 604 16.11 26.32 -55.80
CA PHE A 604 14.88 26.29 -55.03
C PHE A 604 13.85 27.23 -55.65
N SER A 605 12.58 26.87 -55.49
CA SER A 605 11.50 27.76 -55.88
C SER A 605 10.88 28.46 -54.68
N LYS A 606 11.10 27.91 -53.48
CA LYS A 606 10.65 28.48 -52.22
C LYS A 606 11.77 28.30 -51.19
N VAL A 607 11.85 29.23 -50.23
CA VAL A 607 12.77 29.11 -49.10
C VAL A 607 11.96 28.81 -47.85
N ARG A 608 12.32 27.73 -47.17
CA ARG A 608 11.65 27.31 -45.95
C ARG A 608 12.30 28.08 -44.79
N THR A 609 11.52 28.95 -44.15
CA THR A 609 12.03 29.77 -43.06
C THR A 609 10.88 30.05 -42.11
N ILE A 610 11.00 29.56 -40.88
CA ILE A 610 9.94 29.63 -39.90
C ILE A 610 10.40 30.37 -38.65
N GLN A 623 20.79 21.07 -47.29
CA GLN A 623 20.77 22.16 -48.25
C GLN A 623 20.41 23.45 -47.52
N HIS A 624 21.24 23.77 -46.52
CA HIS A 624 21.03 24.95 -45.69
C HIS A 624 21.11 26.24 -46.49
N PHE A 625 22.06 26.34 -47.41
CA PHE A 625 22.32 27.59 -48.11
C PHE A 625 21.67 27.51 -49.48
N PRO A 626 20.60 28.26 -49.73
CA PRO A 626 19.69 27.96 -50.83
C PRO A 626 20.16 28.28 -52.24
N VAL A 627 21.37 28.77 -52.49
CA VAL A 627 21.67 29.36 -53.81
C VAL A 627 22.89 28.69 -54.44
N PHE A 628 22.77 28.39 -55.75
CA PHE A 628 23.90 28.01 -56.59
C PHE A 628 24.28 29.25 -57.39
N MET A 629 25.38 29.89 -57.02
CA MET A 629 25.93 31.01 -57.80
C MET A 629 27.37 30.67 -58.13
N ASN A 630 27.70 30.73 -59.42
CA ASN A 630 29.04 30.45 -59.97
C ASN A 630 29.53 29.08 -59.51
N GLU A 631 28.61 28.12 -59.59
CA GLU A 631 28.81 26.72 -59.17
C GLU A 631 29.25 26.63 -57.70
N LYS A 632 28.63 27.45 -56.85
CA LYS A 632 28.95 27.51 -55.42
C LYS A 632 27.69 27.72 -54.59
N GLU A 633 27.68 27.19 -53.36
CA GLU A 633 26.53 27.25 -52.46
C GLU A 633 26.61 28.46 -51.53
N ASP A 634 25.66 29.39 -51.69
CA ASP A 634 25.61 30.64 -50.91
C ASP A 634 24.24 30.83 -50.24
N ILE A 635 24.28 31.63 -49.14
CA ILE A 635 23.10 32.13 -48.44
C ILE A 635 22.41 33.17 -49.33
N LEU A 636 21.11 33.37 -49.14
CA LEU A 636 20.42 34.53 -49.71
C LEU A 636 21.01 35.81 -49.15
N TRP A 637 21.18 36.83 -50.00
CA TRP A 637 21.64 38.12 -49.52
C TRP A 637 20.48 38.82 -48.81
N CYS A 638 20.83 39.73 -47.89
CA CYS A 638 19.86 40.44 -47.05
C CYS A 638 18.77 41.15 -47.85
N THR A 639 19.16 41.77 -48.97
CA THR A 639 18.20 42.47 -49.81
C THR A 639 17.27 41.48 -50.50
N GLU A 640 17.75 40.26 -50.75
CA GLU A 640 16.90 39.25 -51.34
C GLU A 640 15.93 38.66 -50.31
N MET A 641 16.39 38.49 -49.06
CA MET A 641 15.49 38.08 -47.98
C MET A 641 14.34 39.08 -47.83
N GLU A 642 14.66 40.37 -47.92
CA GLU A 642 13.63 41.41 -48.02
C GLU A 642 12.71 41.18 -49.21
N ARG A 643 13.27 40.81 -50.37
CA ARG A 643 12.44 40.60 -51.56
C ARG A 643 11.55 39.37 -51.42
N VAL A 644 12.05 38.34 -50.75
CA VAL A 644 11.27 37.13 -50.47
C VAL A 644 10.06 37.48 -49.62
N PHE A 645 10.27 38.26 -48.56
CA PHE A 645 9.15 38.55 -47.67
C PHE A 645 8.27 39.70 -48.17
N GLY A 646 8.58 40.31 -49.33
CA GLY A 646 7.74 41.36 -49.86
C GLY A 646 8.10 42.76 -49.43
N PHE A 647 9.13 42.93 -48.59
CA PHE A 647 9.56 44.25 -48.16
C PHE A 647 10.08 45.06 -49.35
N PRO A 648 9.99 46.39 -49.28
CA PRO A 648 10.61 47.24 -50.32
C PRO A 648 12.12 47.04 -50.37
N VAL A 649 12.66 47.26 -51.56
CA VAL A 649 14.07 47.04 -51.83
C VAL A 649 14.93 47.89 -50.90
N HIS A 650 15.94 47.25 -50.28
CA HIS A 650 16.88 47.87 -49.32
C HIS A 650 16.18 48.47 -48.11
N TYR A 651 15.22 47.73 -47.54
CA TYR A 651 14.41 48.24 -46.42
C TYR A 651 15.13 48.28 -45.08
N THR A 652 15.97 47.30 -44.76
CA THR A 652 16.62 47.22 -43.45
C THR A 652 18.04 47.79 -43.46
N ASP A 653 18.51 48.33 -44.58
CA ASP A 653 19.84 48.97 -44.59
C ASP A 653 19.72 50.38 -44.04
N VAL A 654 19.57 50.49 -42.73
CA VAL A 654 19.53 51.83 -42.18
C VAL A 654 20.81 52.06 -41.37
N SER A 655 21.00 51.37 -40.26
CA SER A 655 22.15 51.64 -39.41
C SER A 655 23.28 50.66 -39.72
N ASN A 656 24.34 50.77 -38.93
CA ASN A 656 25.55 49.98 -39.12
C ASN A 656 25.46 48.75 -38.21
N MET A 657 24.87 47.69 -38.73
CA MET A 657 24.66 46.45 -38.00
C MET A 657 25.23 45.28 -38.80
N SER A 658 25.56 44.21 -38.08
CA SER A 658 26.12 43.01 -38.70
C SER A 658 25.08 42.30 -39.56
N ARG A 659 25.57 41.43 -40.45
CA ARG A 659 24.69 40.67 -41.34
C ARG A 659 23.86 39.63 -40.59
N LEU A 660 24.46 38.93 -39.61
CA LEU A 660 23.75 37.91 -38.84
C LEU A 660 22.56 38.52 -38.10
N ALA A 661 22.78 39.68 -37.48
CA ALA A 661 21.73 40.37 -36.78
C ALA A 661 20.65 40.84 -37.75
N ARG A 662 21.07 41.38 -38.91
CA ARG A 662 20.13 41.95 -39.88
C ARG A 662 19.26 40.86 -40.52
N GLN A 663 19.85 39.69 -40.80
CA GLN A 663 19.09 38.54 -41.26
C GLN A 663 18.08 38.10 -40.21
N ARG A 664 18.52 37.94 -38.96
CA ARG A 664 17.66 37.62 -37.82
C ARG A 664 16.47 38.58 -37.70
N LEU A 665 16.79 39.88 -37.83
CA LEU A 665 15.78 40.97 -37.78
C LEU A 665 14.74 40.72 -38.88
N LEU A 666 15.20 40.46 -40.11
CA LEU A 666 14.25 40.19 -41.19
C LEU A 666 13.46 38.92 -40.95
N GLY A 667 14.13 37.90 -40.40
CA GLY A 667 13.54 36.58 -40.23
C GLY A 667 12.31 36.58 -39.35
N ARG A 668 12.31 37.38 -38.29
CA ARG A 668 11.16 37.39 -37.39
C ARG A 668 9.89 37.97 -38.00
N SER A 669 10.00 38.72 -39.10
CA SER A 669 8.97 39.66 -39.49
C SER A 669 7.77 38.98 -40.13
N TRP A 670 6.68 39.74 -40.21
CA TRP A 670 5.47 39.29 -40.89
C TRP A 670 5.68 39.33 -42.40
N SER A 671 5.06 38.39 -43.10
CA SER A 671 5.10 38.39 -44.57
C SER A 671 4.23 39.50 -45.12
N VAL A 672 4.85 40.42 -45.88
CA VAL A 672 4.18 41.66 -46.32
C VAL A 672 2.90 41.44 -47.14
N PRO A 673 2.85 40.56 -48.17
CA PRO A 673 1.57 40.45 -48.92
C PRO A 673 0.46 39.76 -48.14
N VAL A 674 0.80 38.89 -47.19
CA VAL A 674 -0.18 38.29 -46.29
C VAL A 674 -0.83 39.36 -45.43
N ILE A 675 0.00 40.21 -44.84
CA ILE A 675 -0.46 41.33 -44.04
C ILE A 675 -1.24 42.34 -44.86
N ARG A 676 -0.86 42.53 -46.14
CA ARG A 676 -1.65 43.35 -47.05
C ARG A 676 -3.02 42.75 -47.29
N HIS A 677 -3.07 41.43 -47.47
CA HIS A 677 -4.31 40.70 -47.66
C HIS A 677 -5.23 40.86 -46.46
N LEU A 678 -4.68 40.74 -45.25
CA LEU A 678 -5.47 40.90 -44.03
C LEU A 678 -5.94 42.33 -43.84
N PHE A 679 -5.05 43.30 -44.04
CA PHE A 679 -5.37 44.69 -43.75
C PHE A 679 -6.22 45.36 -44.82
N ALA A 680 -6.34 44.75 -46.01
CA ALA A 680 -7.02 45.38 -47.15
C ALA A 680 -8.48 45.82 -46.90
N PRO A 681 -9.37 45.05 -46.24
CA PRO A 681 -10.74 45.56 -46.07
C PRO A 681 -10.89 46.69 -45.06
N LEU A 682 -9.84 47.02 -44.28
CA LEU A 682 -9.82 48.22 -43.46
C LEU A 682 -9.98 49.51 -44.27
N LYS A 683 -9.67 49.47 -45.58
CA LYS A 683 -9.93 50.59 -46.48
C LYS A 683 -11.41 50.95 -46.53
N GLU A 684 -12.30 49.98 -46.29
CA GLU A 684 -13.73 50.24 -46.28
C GLU A 684 -14.19 50.90 -44.98
N TYR A 685 -13.29 51.07 -44.00
CA TYR A 685 -13.69 51.63 -42.73
C TYR A 685 -12.92 52.89 -42.34
N PHE A 686 -11.88 53.28 -43.08
CA PHE A 686 -11.09 54.46 -42.72
C PHE A 686 -10.68 55.24 -43.95
N ALA A 687 -10.03 56.38 -43.72
CA ALA A 687 -9.81 57.38 -44.75
C ALA A 687 -8.61 57.04 -45.63
N CYS A 688 -8.66 57.50 -46.87
CA CYS A 688 -7.66 57.23 -47.88
C CYS A 688 -6.84 58.48 -48.20
N VAL A 689 -5.62 58.26 -48.69
CA VAL A 689 -4.76 59.35 -49.13
C VAL A 689 -5.10 59.78 -50.55
N VAL B 399 45.35 68.38 -78.23
CA VAL B 399 43.91 68.58 -78.41
C VAL B 399 43.48 67.95 -79.73
N TYR B 400 42.55 66.97 -79.65
CA TYR B 400 42.01 66.24 -80.80
C TYR B 400 40.72 66.91 -81.28
N PRO B 401 40.59 67.16 -82.58
CA PRO B 401 39.39 67.86 -83.11
C PRO B 401 38.13 67.01 -83.01
N PRO B 402 37.01 67.63 -82.64
CA PRO B 402 35.73 66.91 -82.46
C PRO B 402 35.23 66.13 -83.68
N VAL B 403 34.81 64.89 -83.43
CA VAL B 403 34.27 63.99 -84.43
C VAL B 403 32.80 64.35 -84.64
N PRO B 404 32.30 64.39 -85.89
CA PRO B 404 30.89 64.70 -86.12
C PRO B 404 29.94 63.70 -85.47
N ALA B 405 28.74 64.20 -85.13
CA ALA B 405 27.79 63.48 -84.29
C ALA B 405 27.33 62.17 -84.92
N GLU B 406 27.11 62.17 -86.24
CA GLU B 406 26.65 60.98 -86.94
C GLU B 406 27.72 59.89 -86.96
N LYS B 407 28.99 60.28 -86.89
CA LYS B 407 30.12 59.37 -86.98
C LYS B 407 30.50 58.75 -85.64
N ARG B 408 29.97 59.28 -84.53
CA ARG B 408 30.33 58.83 -83.19
C ARG B 408 29.96 57.37 -82.97
N LYS B 409 30.75 56.70 -82.13
CA LYS B 409 30.63 55.28 -81.83
C LYS B 409 30.65 55.08 -80.32
N PRO B 410 30.23 53.91 -79.83
CA PRO B 410 30.32 53.65 -78.38
C PRO B 410 31.75 53.60 -77.87
N ILE B 411 31.93 54.13 -76.65
CA ILE B 411 33.25 54.26 -76.03
C ILE B 411 33.71 52.91 -75.49
N ARG B 412 35.02 52.66 -75.55
CA ARG B 412 35.65 51.48 -74.98
C ARG B 412 36.62 51.90 -73.88
N VAL B 413 36.49 51.29 -72.71
CA VAL B 413 37.19 51.74 -71.52
C VAL B 413 38.01 50.59 -70.96
N LEU B 414 39.29 50.84 -70.76
CA LEU B 414 40.14 49.99 -69.93
C LEU B 414 40.27 50.71 -68.59
N SER B 415 39.89 50.03 -67.52
CA SER B 415 39.79 50.66 -66.21
C SER B 415 40.61 49.83 -65.23
N LEU B 416 41.75 50.38 -64.84
CA LEU B 416 42.64 49.71 -63.92
C LEU B 416 42.35 50.24 -62.52
N PHE B 417 42.52 49.37 -61.53
CA PHE B 417 42.15 49.62 -60.13
C PHE B 417 40.71 50.11 -60.03
N ASP B 418 39.80 49.29 -60.57
CA ASP B 418 38.44 49.74 -60.86
C ASP B 418 37.66 49.99 -59.58
N GLY B 419 37.87 49.16 -58.57
CA GLY B 419 37.11 49.27 -57.35
C GLY B 419 35.65 48.92 -57.57
N ILE B 420 34.77 49.88 -57.29
CA ILE B 420 33.33 49.65 -57.31
C ILE B 420 32.68 50.16 -58.59
N ALA B 421 33.46 50.30 -59.68
CA ALA B 421 33.00 50.68 -61.02
C ALA B 421 32.35 52.07 -61.04
N THR B 422 33.02 53.02 -60.39
CA THR B 422 32.56 54.41 -60.40
C THR B 422 32.61 55.00 -61.82
N GLY B 423 33.64 54.63 -62.59
CA GLY B 423 33.82 55.18 -63.93
C GLY B 423 32.69 54.82 -64.87
N LEU B 424 32.37 53.53 -64.96
CA LEU B 424 31.28 53.06 -65.81
C LEU B 424 29.93 53.64 -65.39
N LEU B 425 29.70 53.70 -64.07
CA LEU B 425 28.50 54.32 -63.51
C LEU B 425 28.34 55.76 -63.96
N VAL B 426 29.42 56.53 -63.89
CA VAL B 426 29.39 57.92 -64.31
C VAL B 426 29.14 58.04 -65.82
N LEU B 427 29.76 57.15 -66.61
CA LEU B 427 29.52 57.13 -68.05
C LEU B 427 28.07 56.83 -68.38
N LYS B 428 27.45 55.92 -67.63
CA LYS B 428 26.01 55.66 -67.75
C LYS B 428 25.19 56.90 -67.40
N ASP B 429 25.49 57.52 -66.25
CA ASP B 429 24.83 58.76 -65.82
C ASP B 429 24.92 59.87 -66.87
N LEU B 430 26.00 59.90 -67.65
CA LEU B 430 26.14 60.86 -68.73
C LEU B 430 25.45 60.41 -70.01
N GLY B 431 24.98 59.16 -70.04
CA GLY B 431 24.28 58.65 -71.20
C GLY B 431 25.18 58.37 -72.38
N ILE B 432 26.42 57.97 -72.14
CA ILE B 432 27.34 57.58 -73.20
C ILE B 432 27.24 56.07 -73.41
N GLN B 433 27.04 55.66 -74.67
CA GLN B 433 27.00 54.25 -75.00
C GLN B 433 28.37 53.62 -74.78
N VAL B 434 28.39 52.51 -74.05
CA VAL B 434 29.63 51.83 -73.69
C VAL B 434 29.66 50.51 -74.46
N ASP B 435 30.55 50.44 -75.45
CA ASP B 435 30.76 49.19 -76.20
C ASP B 435 31.24 48.08 -75.27
N ARG B 436 32.27 48.36 -74.47
CA ARG B 436 32.80 47.38 -73.54
C ARG B 436 33.55 48.12 -72.44
N TYR B 437 33.72 47.42 -71.32
CA TYR B 437 34.33 47.98 -70.11
C TYR B 437 35.18 46.89 -69.47
N ILE B 438 36.45 46.86 -69.84
CA ILE B 438 37.39 45.90 -69.29
C ILE B 438 37.90 46.45 -67.96
N ALA B 439 37.97 45.61 -66.93
CA ALA B 439 38.30 46.08 -65.60
C ALA B 439 39.20 45.09 -64.87
N SER B 440 40.33 45.58 -64.37
CA SER B 440 41.18 44.80 -63.49
C SER B 440 40.97 45.25 -62.05
N GLU B 441 40.81 44.28 -61.15
CA GLU B 441 40.61 44.50 -59.72
C GLU B 441 40.87 43.17 -59.01
N VAL B 442 41.23 43.25 -57.73
CA VAL B 442 41.62 42.07 -56.96
C VAL B 442 40.75 41.89 -55.72
N CYS B 443 40.09 42.93 -55.21
CA CYS B 443 39.29 42.81 -54.01
C CYS B 443 37.91 42.29 -54.39
N GLU B 444 37.54 41.13 -53.82
CA GLU B 444 36.35 40.39 -54.22
C GLU B 444 35.06 41.18 -53.99
N ASP B 445 34.99 41.91 -52.88
CA ASP B 445 33.82 42.73 -52.56
C ASP B 445 33.56 43.77 -53.65
N SER B 446 34.61 44.45 -54.11
CA SER B 446 34.49 45.46 -55.16
C SER B 446 34.08 44.84 -56.49
N ILE B 447 34.62 43.65 -56.79
CA ILE B 447 34.22 42.87 -57.96
C ILE B 447 32.72 42.64 -57.95
N THR B 448 32.23 42.11 -56.83
CA THR B 448 30.80 41.84 -56.60
C THR B 448 29.92 43.07 -56.80
N VAL B 449 30.33 44.19 -56.16
CA VAL B 449 29.62 45.48 -56.29
C VAL B 449 29.45 45.85 -57.77
N GLY B 450 30.54 45.76 -58.53
CA GLY B 450 30.48 46.10 -59.94
C GLY B 450 29.59 45.15 -60.73
N MET B 451 29.77 43.84 -60.51
CA MET B 451 28.97 42.78 -61.11
C MET B 451 27.48 43.05 -61.00
N VAL B 452 27.01 43.23 -59.77
CA VAL B 452 25.58 43.42 -59.54
C VAL B 452 25.10 44.74 -60.10
N ARG B 453 25.75 45.85 -59.73
CA ARG B 453 25.27 47.18 -60.11
C ARG B 453 25.35 47.43 -61.61
N HIS B 454 26.25 46.74 -62.31
CA HIS B 454 26.42 46.96 -63.74
C HIS B 454 26.10 45.72 -64.55
N GLN B 455 25.44 44.75 -63.91
CA GLN B 455 24.55 43.78 -64.57
C GLN B 455 25.28 42.84 -65.52
N GLY B 456 26.48 42.40 -65.11
CA GLY B 456 27.23 41.46 -65.90
C GLY B 456 27.99 42.05 -67.07
N LYS B 457 27.75 43.33 -67.40
CA LYS B 457 28.37 43.97 -68.55
C LYS B 457 29.90 44.04 -68.42
N ILE B 458 30.41 44.13 -67.21
CA ILE B 458 31.84 44.31 -66.98
C ILE B 458 32.54 42.98 -67.17
N MET B 459 33.55 42.95 -68.04
CA MET B 459 34.41 41.78 -68.22
C MET B 459 35.56 41.87 -67.21
N TYR B 460 35.52 41.00 -66.21
CA TYR B 460 36.49 41.05 -65.10
C TYR B 460 37.79 40.34 -65.42
N VAL B 461 38.88 41.07 -65.22
CA VAL B 461 40.24 40.57 -65.29
C VAL B 461 40.77 40.39 -63.87
N GLY B 462 41.92 39.73 -63.73
CA GLY B 462 42.56 39.56 -62.44
C GLY B 462 43.48 40.72 -62.14
N ASP B 463 44.58 40.42 -61.43
CA ASP B 463 45.64 41.38 -61.11
C ASP B 463 46.16 42.10 -62.35
N VAL B 464 46.46 43.39 -62.16
CA VAL B 464 46.99 44.24 -63.23
C VAL B 464 48.33 43.73 -63.73
N ARG B 465 49.11 43.08 -62.86
CA ARG B 465 50.44 42.59 -63.24
C ARG B 465 50.38 41.33 -64.10
N SER B 466 49.19 40.77 -64.31
CA SER B 466 49.03 39.64 -65.20
C SER B 466 48.56 40.06 -66.59
N VAL B 467 48.33 41.35 -66.79
CA VAL B 467 47.84 41.87 -68.06
C VAL B 467 49.05 42.19 -68.93
N THR B 468 49.16 41.49 -70.06
CA THR B 468 50.26 41.64 -70.99
C THR B 468 49.85 42.59 -72.11
N GLN B 469 50.84 43.00 -72.92
CA GLN B 469 50.57 43.82 -74.10
C GLN B 469 49.72 43.05 -75.12
N LYS B 470 49.91 41.73 -75.19
CA LYS B 470 49.11 40.86 -76.04
C LYS B 470 47.64 40.90 -75.64
N HIS B 471 47.37 40.78 -74.33
CA HIS B 471 46.04 40.99 -73.75
C HIS B 471 45.43 42.32 -74.19
N ILE B 472 46.21 43.41 -74.09
CA ILE B 472 45.75 44.75 -74.46
C ILE B 472 45.39 44.80 -75.94
N GLN B 473 46.16 44.11 -76.78
CA GLN B 473 45.90 44.15 -78.22
C GLN B 473 44.66 43.32 -78.58
N GLU B 474 44.50 42.14 -77.98
CA GLU B 474 43.42 41.25 -78.37
C GLU B 474 42.06 41.62 -77.77
N TRP B 475 42.04 42.48 -76.74
CA TRP B 475 40.80 42.98 -76.17
C TRP B 475 40.26 44.21 -76.88
N GLY B 476 40.73 44.46 -78.11
CA GLY B 476 40.18 45.50 -78.95
C GLY B 476 40.77 46.85 -78.59
N PRO B 477 40.76 47.77 -79.56
CA PRO B 477 41.24 49.13 -79.30
C PRO B 477 40.45 49.79 -78.19
N PHE B 478 41.15 50.52 -77.33
CA PHE B 478 40.52 51.21 -76.22
C PHE B 478 40.42 52.69 -76.54
N ASP B 479 39.31 53.29 -76.13
CA ASP B 479 39.06 54.70 -76.34
C ASP B 479 39.32 55.55 -75.10
N LEU B 480 39.34 54.93 -73.92
CA LEU B 480 39.47 55.63 -72.65
C LEU B 480 40.11 54.68 -71.65
N VAL B 481 41.27 55.05 -71.13
CA VAL B 481 41.96 54.28 -70.10
C VAL B 481 41.99 55.11 -68.84
N ILE B 482 41.50 54.56 -67.74
CA ILE B 482 41.36 55.29 -66.49
C ILE B 482 41.92 54.46 -65.35
N GLY B 483 42.25 55.15 -64.26
CA GLY B 483 42.74 54.47 -63.08
C GLY B 483 43.24 55.35 -61.95
N GLY B 484 43.20 54.80 -60.74
CA GLY B 484 43.73 55.46 -59.57
C GLY B 484 44.51 54.50 -58.68
N SER B 485 45.77 54.83 -58.38
CA SER B 485 46.63 53.97 -57.57
C SER B 485 46.07 53.82 -56.15
N PRO B 486 46.43 52.74 -55.45
CA PRO B 486 46.03 52.62 -54.04
C PRO B 486 46.47 53.80 -53.20
N CYS B 487 45.50 54.33 -52.45
CA CYS B 487 45.70 55.54 -51.68
C CYS B 487 45.73 55.29 -50.18
N ASN B 488 45.35 54.10 -49.74
CA ASN B 488 45.28 53.77 -48.32
C ASN B 488 46.66 53.84 -47.66
N ASP B 489 47.70 53.40 -48.37
CA ASP B 489 49.04 53.42 -47.80
C ASP B 489 49.66 54.81 -47.91
N LEU B 490 49.24 55.59 -48.93
CA LEU B 490 49.71 56.97 -49.04
C LEU B 490 49.05 57.85 -48.01
N SER B 491 47.76 57.61 -47.74
CA SER B 491 46.99 58.39 -46.77
C SER B 491 47.52 58.22 -45.35
N ILE B 492 47.50 59.33 -44.60
CA ILE B 492 47.95 59.37 -43.21
C ILE B 492 46.89 58.81 -42.25
N VAL B 493 45.72 58.44 -42.77
CA VAL B 493 44.62 57.95 -41.93
C VAL B 493 44.88 56.52 -41.43
N ASN B 494 45.57 55.70 -42.21
CA ASN B 494 45.90 54.32 -41.80
C ASN B 494 46.97 54.37 -40.72
N PRO B 495 46.73 53.82 -39.52
CA PRO B 495 47.77 53.83 -38.47
C PRO B 495 49.06 53.12 -38.85
N ALA B 496 49.00 52.06 -39.64
CA ALA B 496 50.18 51.26 -39.97
C ALA B 496 50.79 51.76 -41.29
N ARG B 497 51.50 52.89 -41.19
CA ARG B 497 52.17 53.49 -42.34
C ARG B 497 53.61 52.98 -42.39
N LYS B 498 53.76 51.73 -42.87
CA LYS B 498 55.08 51.14 -42.99
C LYS B 498 55.88 51.84 -44.09
N GLY B 499 55.24 52.10 -45.22
CA GLY B 499 55.88 52.88 -46.27
C GLY B 499 54.84 53.50 -47.17
N LEU B 500 55.32 54.33 -48.08
CA LEU B 500 54.53 55.06 -49.05
C LEU B 500 54.88 54.67 -50.47
N TYR B 501 56.18 54.45 -50.71
CA TYR B 501 56.67 54.11 -52.04
C TYR B 501 56.49 52.62 -52.31
N GLU B 502 56.44 51.81 -51.26
CA GLU B 502 56.24 50.38 -51.38
C GLU B 502 54.78 50.08 -51.69
N GLY B 503 54.56 49.03 -52.48
CA GLY B 503 53.22 48.61 -52.82
C GLY B 503 52.50 49.53 -53.78
N THR B 504 52.14 50.74 -53.32
CA THR B 504 51.36 51.67 -54.13
C THR B 504 52.15 52.22 -55.31
N GLY B 505 53.42 52.56 -55.07
CA GLY B 505 54.23 53.14 -56.13
C GLY B 505 54.46 52.17 -57.28
N ARG B 506 54.71 50.90 -56.93
CA ARG B 506 54.95 49.84 -57.92
C ARG B 506 53.75 49.65 -58.81
N LEU B 507 52.58 49.57 -58.17
CA LEU B 507 51.30 49.46 -58.87
C LEU B 507 51.02 50.64 -59.78
N PHE B 508 51.55 51.85 -59.44
CA PHE B 508 51.44 53.01 -60.33
C PHE B 508 52.00 52.70 -61.71
N PHE B 509 53.18 52.06 -61.74
CA PHE B 509 53.87 51.79 -62.99
C PHE B 509 53.08 50.84 -63.86
N GLU B 510 52.29 49.98 -63.20
CA GLU B 510 51.42 49.07 -63.92
C GLU B 510 50.46 49.83 -64.82
N PHE B 511 49.83 50.88 -64.26
CA PHE B 511 49.01 51.81 -65.04
C PHE B 511 49.80 52.38 -66.19
N TYR B 512 51.01 52.87 -65.86
CA TYR B 512 51.94 53.46 -66.82
C TYR B 512 52.17 52.53 -68.00
N ARG B 513 52.50 51.27 -67.69
CA ARG B 513 52.79 50.28 -68.71
C ARG B 513 51.60 50.06 -69.62
N LEU B 514 50.44 49.79 -69.01
CA LEU B 514 49.27 49.44 -69.80
C LEU B 514 48.78 50.62 -70.60
N LEU B 515 49.04 51.84 -70.09
CA LEU B 515 48.71 53.05 -70.83
C LEU B 515 49.44 53.07 -72.16
N HIS B 516 50.75 52.81 -72.13
CA HIS B 516 51.54 52.74 -73.34
C HIS B 516 51.09 51.58 -74.21
N ASP B 517 50.65 50.48 -73.59
CA ASP B 517 50.17 49.35 -74.35
C ASP B 517 48.85 49.69 -75.05
N ALA B 518 48.04 50.56 -74.45
CA ALA B 518 46.73 50.86 -75.00
C ALA B 518 46.73 52.06 -75.94
N ARG B 519 47.83 52.79 -76.02
CA ARG B 519 47.92 54.03 -76.78
C ARG B 519 48.06 53.73 -78.26
N PRO B 520 47.32 54.43 -79.12
CA PRO B 520 47.55 54.31 -80.56
C PRO B 520 48.91 54.85 -80.96
N LYS B 521 49.44 54.30 -82.06
CA LYS B 521 50.70 54.73 -82.62
C LYS B 521 50.60 56.16 -83.15
N GLU B 522 51.75 56.80 -83.29
CA GLU B 522 51.82 58.07 -83.98
C GLU B 522 51.43 57.87 -85.45
N GLY B 523 50.66 58.81 -85.98
CA GLY B 523 50.05 58.66 -87.29
C GLY B 523 48.65 58.08 -87.24
N ASP B 524 48.30 57.38 -86.17
CA ASP B 524 46.92 56.97 -85.89
C ASP B 524 46.30 58.08 -85.06
N ASP B 525 45.54 58.96 -85.72
CA ASP B 525 44.98 60.15 -85.09
C ASP B 525 43.59 59.92 -84.51
N ARG B 526 43.22 58.66 -84.25
CA ARG B 526 41.95 58.37 -83.62
C ARG B 526 41.93 58.92 -82.19
N PRO B 527 40.80 59.44 -81.72
CA PRO B 527 40.72 59.98 -80.36
C PRO B 527 41.03 58.92 -79.31
N PHE B 528 41.83 59.31 -78.31
CA PHE B 528 42.22 58.42 -77.24
C PHE B 528 42.41 59.26 -75.99
N PHE B 529 41.93 58.75 -74.86
CA PHE B 529 41.90 59.53 -73.64
C PHE B 529 42.26 58.68 -72.44
N TRP B 530 42.85 59.32 -71.44
CA TRP B 530 43.32 58.63 -70.26
C TRP B 530 43.22 59.55 -69.05
N LEU B 531 43.07 58.91 -67.89
CA LEU B 531 42.92 59.62 -66.62
C LEU B 531 43.63 58.82 -65.55
N PHE B 532 44.52 59.48 -64.82
CA PHE B 532 45.08 58.92 -63.61
C PHE B 532 44.72 59.80 -62.42
N GLU B 533 44.45 59.16 -61.29
CA GLU B 533 43.99 59.80 -60.06
C GLU B 533 44.91 59.43 -58.89
N ASN B 534 45.14 60.39 -57.99
CA ASN B 534 45.92 60.12 -56.77
C ASN B 534 45.56 61.17 -55.69
N VAL B 535 46.06 60.95 -54.46
CA VAL B 535 45.78 61.85 -53.33
C VAL B 535 46.74 63.04 -53.35
N VAL B 536 46.32 64.11 -52.66
CA VAL B 536 47.16 65.29 -52.51
C VAL B 536 48.21 65.14 -51.41
N ALA B 537 47.97 64.29 -50.40
CA ALA B 537 48.94 64.10 -49.32
C ALA B 537 49.99 63.08 -49.78
N MET B 538 50.91 63.55 -50.62
CA MET B 538 51.92 62.69 -51.20
C MET B 538 53.27 63.40 -51.23
N GLY B 539 54.33 62.63 -51.45
CA GLY B 539 55.67 63.19 -51.53
C GLY B 539 55.91 64.03 -52.76
N VAL B 540 56.88 64.96 -52.66
CA VAL B 540 57.17 65.86 -53.77
C VAL B 540 57.92 65.14 -54.87
N SER B 541 58.98 64.39 -54.50
CA SER B 541 59.73 63.61 -55.49
C SER B 541 58.86 62.50 -56.09
N ASP B 542 57.95 61.96 -55.29
CA ASP B 542 56.93 61.02 -55.78
C ASP B 542 56.06 61.68 -56.86
N LYS B 543 55.53 62.87 -56.54
CA LYS B 543 54.69 63.64 -57.46
C LYS B 543 55.46 64.02 -58.71
N ARG B 544 56.75 64.34 -58.55
CA ARG B 544 57.58 64.68 -59.69
C ARG B 544 57.75 63.48 -60.60
N ASP B 545 58.07 62.30 -60.03
CA ASP B 545 58.28 61.09 -60.82
C ASP B 545 57.01 60.69 -61.56
N ILE B 546 55.86 60.84 -60.90
CA ILE B 546 54.57 60.61 -61.54
C ILE B 546 54.35 61.57 -62.71
N SER B 547 54.63 62.87 -62.49
CA SER B 547 54.50 63.87 -63.54
C SER B 547 55.49 63.61 -64.68
N ARG B 548 56.69 63.10 -64.35
CA ARG B 548 57.71 62.82 -65.35
C ARG B 548 57.28 61.67 -66.24
N PHE B 549 56.68 60.64 -65.63
CA PHE B 549 56.37 59.43 -66.37
C PHE B 549 55.11 59.62 -67.19
N LEU B 550 54.09 60.27 -66.63
CA LEU B 550 52.90 60.53 -67.42
C LEU B 550 53.06 61.74 -68.32
N GLU B 551 54.21 62.43 -68.24
CA GLU B 551 54.60 63.55 -69.11
C GLU B 551 53.55 64.67 -69.10
N SER B 552 53.02 64.95 -67.92
CA SER B 552 51.98 65.96 -67.77
C SER B 552 52.07 66.61 -66.39
N ASN B 553 51.30 67.69 -66.23
CA ASN B 553 51.10 68.58 -65.09
C ASN B 553 49.84 68.16 -64.36
N PRO B 554 49.87 67.96 -63.05
CA PRO B 554 48.65 67.54 -62.35
C PRO B 554 47.63 68.65 -62.24
N VAL B 555 46.36 68.28 -62.24
CA VAL B 555 45.29 69.19 -61.82
C VAL B 555 44.79 68.71 -60.46
N MET B 556 44.76 69.61 -59.47
CA MET B 556 44.14 69.28 -58.19
C MET B 556 42.68 69.70 -58.28
N ILE B 557 41.80 68.77 -57.96
CA ILE B 557 40.38 69.02 -57.92
C ILE B 557 39.88 68.61 -56.54
N ASP B 558 39.19 69.52 -55.85
CA ASP B 558 38.62 69.24 -54.54
C ASP B 558 37.12 69.06 -54.70
N ALA B 559 36.60 67.96 -54.14
CA ALA B 559 35.20 67.64 -54.28
C ALA B 559 34.27 68.57 -53.51
N LYS B 560 34.78 69.32 -52.52
CA LYS B 560 33.97 70.26 -51.73
C LYS B 560 33.18 71.23 -52.61
N GLU B 561 33.75 71.60 -53.75
CA GLU B 561 33.10 72.50 -54.70
C GLU B 561 31.78 71.93 -55.20
N VAL B 562 31.70 70.62 -55.36
CA VAL B 562 30.48 69.98 -55.87
C VAL B 562 29.87 68.96 -54.91
N SER B 563 30.53 68.55 -53.83
CA SER B 563 29.98 67.54 -52.95
C SER B 563 30.21 67.91 -51.49
N ALA B 564 29.65 67.08 -50.60
CA ALA B 564 29.71 67.30 -49.16
C ALA B 564 30.91 66.62 -48.50
N ALA B 565 31.99 66.37 -49.23
CA ALA B 565 33.20 65.78 -48.69
C ALA B 565 34.41 66.61 -49.07
N HIS B 566 35.38 66.68 -48.17
CA HIS B 566 36.69 67.22 -48.52
C HIS B 566 37.50 66.11 -49.14
N ARG B 567 37.64 66.16 -50.45
CA ARG B 567 38.24 65.12 -51.26
C ARG B 567 39.08 65.84 -52.30
N ALA B 568 40.31 66.17 -51.93
CA ALA B 568 41.23 66.88 -52.80
C ALA B 568 42.09 65.81 -53.47
N ARG B 569 42.05 65.76 -54.79
CA ARG B 569 42.69 64.69 -55.54
C ARG B 569 43.40 65.24 -56.77
N TYR B 570 44.53 64.64 -57.11
CA TYR B 570 45.19 64.94 -58.37
C TYR B 570 44.62 64.11 -59.49
N PHE B 571 44.49 64.74 -60.64
CA PHE B 571 44.01 64.14 -61.88
C PHE B 571 44.99 64.55 -62.97
N TRP B 572 45.79 63.59 -63.42
CA TRP B 572 46.55 63.71 -64.66
C TRP B 572 45.70 63.17 -65.81
N GLY B 573 45.84 63.78 -66.97
CA GLY B 573 45.12 63.27 -68.13
C GLY B 573 45.09 64.26 -69.27
N ASN B 574 44.48 63.81 -70.37
CA ASN B 574 44.34 64.60 -71.58
C ASN B 574 42.88 64.80 -71.99
N LEU B 575 41.95 64.56 -71.08
CA LEU B 575 40.55 64.85 -71.36
C LEU B 575 40.37 66.35 -71.54
N PRO B 576 39.64 66.79 -72.56
CA PRO B 576 39.41 68.23 -72.75
C PRO B 576 38.68 68.85 -71.58
N GLY B 577 39.07 70.07 -71.23
CA GLY B 577 38.42 70.77 -70.13
C GLY B 577 38.68 70.15 -68.76
N MET B 578 39.89 69.64 -68.53
CA MET B 578 40.20 69.14 -67.21
C MET B 578 40.60 70.25 -66.25
N ASN B 579 40.92 71.45 -66.77
CA ASN B 579 41.30 72.59 -65.96
C ASN B 579 40.12 73.46 -65.54
N ARG B 580 39.06 73.49 -66.35
CA ARG B 580 37.92 74.41 -66.19
C ARG B 580 37.26 74.26 -64.81
N PRO B 581 36.62 75.32 -64.29
CA PRO B 581 36.10 75.28 -62.92
C PRO B 581 34.91 74.35 -62.74
N LEU B 582 34.79 73.81 -61.54
CA LEU B 582 33.74 72.85 -61.22
C LEU B 582 32.42 73.52 -60.93
N ALA B 583 31.37 73.05 -61.60
CA ALA B 583 30.01 73.49 -61.34
C ALA B 583 29.25 72.40 -60.60
N SER B 584 28.47 72.81 -59.61
CA SER B 584 27.65 71.92 -58.80
C SER B 584 26.20 72.06 -59.23
N THR B 585 25.64 70.98 -59.78
CA THR B 585 24.22 70.97 -60.14
C THR B 585 23.36 70.87 -58.89
N VAL B 586 22.08 71.22 -59.05
CA VAL B 586 21.12 71.25 -57.94
C VAL B 586 20.94 69.87 -57.30
N ASN B 587 21.08 68.80 -58.09
CA ASN B 587 21.03 67.44 -57.55
C ASN B 587 22.15 67.18 -56.54
N ASP B 588 23.31 67.80 -56.73
CA ASP B 588 24.42 67.61 -55.80
C ASP B 588 24.09 68.30 -54.47
N LYS B 589 24.61 67.73 -53.38
CA LYS B 589 24.29 68.18 -52.04
C LYS B 589 25.52 68.80 -51.38
N LEU B 590 25.59 70.13 -51.38
CA LEU B 590 26.72 70.86 -50.83
C LEU B 590 26.71 70.94 -49.31
N GLU B 591 25.65 70.48 -48.65
CA GLU B 591 25.56 70.49 -47.21
C GLU B 591 25.48 69.06 -46.74
N LEU B 592 26.11 68.77 -45.61
CA LEU B 592 26.09 67.41 -45.06
C LEU B 592 24.68 67.00 -44.66
N GLN B 593 23.91 67.96 -44.11
CA GLN B 593 22.58 67.72 -43.55
C GLN B 593 21.62 67.13 -44.57
N GLU B 594 21.69 67.60 -45.82
CA GLU B 594 20.86 67.05 -46.89
C GLU B 594 21.19 65.59 -47.19
N CYS B 595 22.39 65.13 -46.83
CA CYS B 595 22.82 63.76 -47.10
C CYS B 595 22.51 62.83 -45.95
N LEU B 596 22.01 63.36 -44.83
CA LEU B 596 21.75 62.53 -43.67
C LEU B 596 20.42 61.82 -43.83
N GLU B 597 20.19 60.85 -42.96
CA GLU B 597 18.87 60.25 -42.91
C GLU B 597 17.93 61.15 -42.12
N HIS B 598 16.63 60.93 -42.32
CA HIS B 598 15.64 61.69 -41.57
C HIS B 598 15.71 61.30 -40.10
N GLY B 599 15.53 62.28 -39.22
CA GLY B 599 15.71 62.08 -37.81
C GLY B 599 17.11 62.40 -37.32
N ARG B 600 18.04 62.66 -38.23
CA ARG B 600 19.42 62.98 -37.88
C ARG B 600 19.70 64.43 -38.20
N ILE B 601 20.56 65.05 -37.40
CA ILE B 601 21.00 66.40 -37.66
C ILE B 601 22.53 66.42 -37.60
N ALA B 602 23.14 67.11 -38.54
CA ALA B 602 24.59 67.20 -38.64
C ALA B 602 25.06 68.54 -38.10
N LYS B 603 25.91 68.50 -37.07
CA LYS B 603 26.65 69.71 -36.69
C LYS B 603 27.63 70.10 -37.79
N PHE B 604 28.12 69.13 -38.55
CA PHE B 604 29.09 69.37 -39.59
C PHE B 604 28.38 69.73 -40.89
N SER B 605 29.03 70.55 -41.70
CA SER B 605 28.54 70.82 -43.04
C SER B 605 29.31 70.03 -44.09
N LYS B 606 30.50 69.56 -43.75
CA LYS B 606 31.36 68.74 -44.59
C LYS B 606 31.99 67.65 -43.72
N VAL B 607 32.26 66.49 -44.33
CA VAL B 607 32.98 65.42 -43.67
C VAL B 607 34.37 65.33 -44.29
N ARG B 608 35.39 65.41 -43.44
CA ARG B 608 36.78 65.32 -43.87
C ARG B 608 37.14 63.83 -43.96
N THR B 609 37.42 63.35 -45.17
CA THR B 609 37.74 61.94 -45.39
C THR B 609 38.66 61.87 -46.58
N ILE B 610 39.89 61.38 -46.34
CA ILE B 610 40.93 61.36 -47.35
C ILE B 610 41.42 59.94 -47.57
N GLN B 623 36.52 64.90 -32.73
CA GLN B 623 35.17 64.80 -33.28
C GLN B 623 35.18 63.79 -34.42
N HIS B 624 35.60 62.56 -34.09
CA HIS B 624 35.72 61.47 -35.05
C HIS B 624 34.37 61.11 -35.67
N PHE B 625 33.33 61.06 -34.84
CA PHE B 625 32.04 60.56 -35.30
C PHE B 625 31.14 61.75 -35.60
N PRO B 626 30.83 62.00 -36.87
CA PRO B 626 30.34 63.33 -37.28
C PRO B 626 28.90 63.68 -36.92
N VAL B 627 28.12 62.86 -36.22
CA VAL B 627 26.68 63.10 -36.17
C VAL B 627 26.18 63.20 -34.74
N PHE B 628 25.31 64.19 -34.49
CA PHE B 628 24.52 64.30 -33.26
C PHE B 628 23.12 63.79 -33.60
N MET B 629 22.79 62.59 -33.16
CA MET B 629 21.44 62.05 -33.29
C MET B 629 20.97 61.66 -31.90
N ASN B 630 19.79 62.19 -31.52
CA ASN B 630 19.15 61.94 -30.23
C ASN B 630 20.10 62.25 -29.07
N GLU B 631 20.80 63.38 -29.22
CA GLU B 631 21.80 63.88 -28.28
C GLU B 631 22.91 62.86 -28.06
N LYS B 632 23.35 62.19 -29.14
CA LYS B 632 24.39 61.17 -29.09
C LYS B 632 25.29 61.26 -30.33
N GLU B 633 26.55 60.88 -30.16
CA GLU B 633 27.57 60.96 -31.22
C GLU B 633 27.66 59.64 -31.99
N ASP B 634 27.31 59.68 -33.28
CA ASP B 634 27.30 58.51 -34.16
C ASP B 634 28.11 58.74 -35.45
N ILE B 635 28.56 57.61 -36.03
CA ILE B 635 29.19 57.55 -37.34
C ILE B 635 28.11 57.79 -38.40
N LEU B 636 28.51 58.28 -39.58
CA LEU B 636 27.62 58.27 -40.73
C LEU B 636 27.25 56.84 -41.10
N TRP B 637 25.98 56.63 -41.47
CA TRP B 637 25.58 55.31 -41.95
C TRP B 637 26.09 55.10 -43.36
N CYS B 638 26.28 53.82 -43.74
CA CYS B 638 26.85 53.44 -45.04
C CYS B 638 26.11 54.06 -46.23
N THR B 639 24.78 54.11 -46.15
CA THR B 639 23.99 54.69 -47.22
C THR B 639 24.19 56.20 -47.29
N GLU B 640 24.51 56.82 -46.16
CA GLU B 640 24.79 58.25 -46.15
C GLU B 640 26.18 58.54 -46.69
N MET B 641 27.16 57.68 -46.39
CA MET B 641 28.48 57.80 -46.98
C MET B 641 28.40 57.73 -48.51
N GLU B 642 27.56 56.83 -49.02
CA GLU B 642 27.21 56.81 -50.44
C GLU B 642 26.61 58.14 -50.89
N ARG B 643 25.71 58.72 -50.08
CA ARG B 643 25.08 59.99 -50.47
C ARG B 643 26.07 61.15 -50.47
N VAL B 644 27.03 61.12 -49.53
CA VAL B 644 28.08 62.12 -49.47
C VAL B 644 28.92 62.06 -50.74
N PHE B 645 29.31 60.88 -51.17
CA PHE B 645 30.17 60.80 -52.34
C PHE B 645 29.40 60.88 -53.66
N GLY B 646 28.08 60.99 -53.63
CA GLY B 646 27.32 61.11 -54.86
C GLY B 646 26.84 59.80 -55.46
N PHE B 647 27.16 58.67 -54.85
CA PHE B 647 26.70 57.37 -55.35
C PHE B 647 25.18 57.27 -55.27
N PRO B 648 24.55 56.47 -56.14
CA PRO B 648 23.12 56.22 -56.03
C PRO B 648 22.79 55.55 -54.71
N VAL B 649 21.55 55.79 -54.26
CA VAL B 649 21.07 55.31 -52.97
C VAL B 649 21.15 53.79 -52.92
N HIS B 650 21.72 53.28 -51.81
CA HIS B 650 21.92 51.85 -51.54
C HIS B 650 22.78 51.16 -52.61
N TYR B 651 23.88 51.80 -53.01
CA TYR B 651 24.74 51.30 -54.09
C TYR B 651 25.61 50.10 -53.70
N THR B 652 26.15 50.07 -52.49
CA THR B 652 27.08 49.01 -52.09
C THR B 652 26.40 47.89 -51.28
N ASP B 653 25.07 47.95 -51.10
CA ASP B 653 24.39 46.84 -50.43
C ASP B 653 24.11 45.73 -51.44
N VAL B 654 25.16 44.99 -51.78
CA VAL B 654 24.93 43.88 -52.68
C VAL B 654 25.12 42.57 -51.89
N SER B 655 26.34 42.25 -51.47
CA SER B 655 26.57 40.97 -50.82
C SER B 655 26.54 41.14 -49.30
N ASN B 656 26.83 40.04 -48.62
CA ASN B 656 26.78 39.97 -47.17
C ASN B 656 28.17 40.23 -46.62
N MET B 657 28.46 41.50 -46.40
CA MET B 657 29.75 41.95 -45.90
C MET B 657 29.57 42.82 -44.66
N SER B 658 30.63 42.89 -43.85
CA SER B 658 30.59 43.66 -42.62
C SER B 658 30.56 45.16 -42.91
N ARG B 659 30.15 45.93 -41.90
CA ARG B 659 30.06 47.38 -42.04
C ARG B 659 31.43 48.05 -42.17
N LEU B 660 32.43 47.59 -41.39
CA LEU B 660 33.78 48.16 -41.45
C LEU B 660 34.37 48.02 -42.84
N ALA B 661 34.21 46.82 -43.43
CA ALA B 661 34.70 46.58 -44.77
C ALA B 661 33.95 47.44 -45.78
N ARG B 662 32.63 47.54 -45.63
CA ARG B 662 31.80 48.26 -46.60
C ARG B 662 32.06 49.77 -46.56
N GLN B 663 32.30 50.32 -45.37
CA GLN B 663 32.74 51.71 -45.23
C GLN B 663 34.08 51.93 -45.90
N ARG B 664 35.06 51.06 -45.60
CA ARG B 664 36.38 51.07 -46.23
C ARG B 664 36.28 51.06 -47.77
N LEU B 665 35.42 50.17 -48.27
CA LEU B 665 35.16 50.03 -49.73
C LEU B 665 34.68 51.39 -50.26
N LEU B 666 33.70 52.00 -49.60
CA LEU B 666 33.21 53.30 -50.06
C LEU B 666 34.28 54.37 -49.96
N GLY B 667 35.08 54.31 -48.89
CA GLY B 667 36.07 55.34 -48.60
C GLY B 667 37.12 55.51 -49.68
N ARG B 668 37.56 54.41 -50.28
CA ARG B 668 38.59 54.53 -51.31
C ARG B 668 38.12 55.21 -52.59
N SER B 669 36.81 55.32 -52.82
CA SER B 669 36.28 55.52 -54.15
C SER B 669 36.43 56.97 -54.61
N TRP B 670 36.27 57.14 -55.92
CA TRP B 670 36.27 58.47 -56.53
C TRP B 670 34.97 59.20 -56.20
N SER B 671 35.05 60.51 -56.05
CA SER B 671 33.86 61.33 -55.84
C SER B 671 33.06 61.44 -57.13
N VAL B 672 31.80 60.97 -57.08
CA VAL B 672 30.98 60.85 -58.30
C VAL B 672 30.77 62.15 -59.08
N PRO B 673 30.41 63.30 -58.48
CA PRO B 673 30.20 64.49 -59.34
C PRO B 673 31.49 65.08 -59.90
N VAL B 674 32.62 64.88 -59.23
CA VAL B 674 33.92 65.26 -59.76
C VAL B 674 34.23 64.47 -61.03
N ILE B 675 34.05 63.16 -60.95
CA ILE B 675 34.24 62.26 -62.07
C ILE B 675 33.24 62.55 -63.19
N ARG B 676 32.02 62.96 -62.85
CA ARG B 676 31.06 63.41 -63.85
C ARG B 676 31.54 64.66 -64.55
N HIS B 677 32.10 65.60 -63.77
CA HIS B 677 32.66 66.83 -64.30
C HIS B 677 33.80 66.55 -65.29
N LEU B 678 34.68 65.63 -64.92
CA LEU B 678 35.80 65.27 -65.80
C LEU B 678 35.33 64.54 -67.05
N PHE B 679 34.43 63.57 -66.89
CA PHE B 679 34.02 62.73 -68.01
C PHE B 679 33.03 63.40 -68.95
N ALA B 680 32.41 64.52 -68.53
CA ALA B 680 31.35 65.16 -69.31
C ALA B 680 31.71 65.54 -70.76
N PRO B 681 32.89 66.13 -71.09
CA PRO B 681 33.12 66.47 -72.50
C PRO B 681 33.38 65.27 -73.41
N LEU B 682 33.57 64.06 -72.87
CA LEU B 682 33.61 62.84 -73.68
C LEU B 682 32.32 62.62 -74.48
N LYS B 683 31.20 63.21 -74.04
CA LYS B 683 29.95 63.17 -74.80
C LYS B 683 30.11 63.81 -76.19
N GLU B 684 31.05 64.75 -76.34
CA GLU B 684 31.31 65.37 -77.64
C GLU B 684 32.13 64.47 -78.55
N TYR B 685 32.60 63.31 -78.06
CA TYR B 685 33.45 62.45 -78.86
C TYR B 685 32.91 61.04 -79.06
N PHE B 686 31.82 60.65 -78.37
CA PHE B 686 31.29 59.30 -78.49
C PHE B 686 29.77 59.31 -78.48
N ALA B 687 29.19 58.12 -78.67
CA ALA B 687 27.78 57.98 -78.97
C ALA B 687 26.92 58.04 -77.70
N CYS B 688 25.69 58.50 -77.87
CA CYS B 688 24.74 58.70 -76.78
C CYS B 688 23.61 57.67 -76.84
N VAL B 689 23.01 57.42 -75.68
CA VAL B 689 21.85 56.53 -75.59
C VAL B 689 20.57 57.27 -75.94
N VAL C 399 -7.56 -103.38 45.91
CA VAL C 399 -7.31 -102.54 47.09
C VAL C 399 -5.91 -102.80 47.60
N TYR C 400 -5.07 -101.75 47.63
CA TYR C 400 -3.69 -101.81 48.11
C TYR C 400 -3.63 -101.42 49.60
N PRO C 401 -2.94 -102.19 50.43
CA PRO C 401 -2.89 -101.91 51.88
C PRO C 401 -2.09 -100.66 52.20
N PRO C 402 -2.58 -99.85 53.15
CA PRO C 402 -1.92 -98.58 53.51
C PRO C 402 -0.46 -98.69 53.96
N VAL C 403 0.37 -97.80 53.41
CA VAL C 403 1.79 -97.71 53.72
C VAL C 403 1.93 -96.91 55.02
N PRO C 404 2.80 -97.33 55.95
CA PRO C 404 3.00 -96.58 57.20
C PRO C 404 3.49 -95.16 56.96
N ALA C 405 3.13 -94.27 57.91
CA ALA C 405 3.29 -92.82 57.74
C ALA C 405 4.75 -92.42 57.59
N GLU C 406 5.64 -93.07 58.35
CA GLU C 406 7.07 -92.74 58.29
C GLU C 406 7.68 -93.14 56.96
N LYS C 407 7.11 -94.14 56.29
CA LYS C 407 7.63 -94.69 55.04
C LYS C 407 7.15 -93.92 53.81
N ARG C 408 6.14 -93.05 53.96
CA ARG C 408 5.54 -92.34 52.84
C ARG C 408 6.54 -91.42 52.15
N LYS C 409 6.35 -91.24 50.86
CA LYS C 409 7.22 -90.48 49.98
C LYS C 409 6.38 -89.51 49.16
N PRO C 410 7.00 -88.49 48.54
CA PRO C 410 6.25 -87.58 47.67
C PRO C 410 5.68 -88.27 46.43
N ILE C 411 4.46 -87.85 46.05
CA ILE C 411 3.72 -88.46 44.95
C ILE C 411 4.28 -87.98 43.61
N ARG C 412 4.25 -88.87 42.62
CA ARG C 412 4.64 -88.55 41.25
C ARG C 412 3.45 -88.72 40.33
N VAL C 413 3.16 -87.71 39.52
CA VAL C 413 1.92 -87.63 38.76
C VAL C 413 2.25 -87.48 37.29
N LEU C 414 1.69 -88.35 36.47
CA LEU C 414 1.62 -88.16 35.03
C LEU C 414 0.20 -87.69 34.74
N SER C 415 0.07 -86.53 34.11
CA SER C 415 -1.22 -85.89 33.94
C SER C 415 -1.40 -85.58 32.47
N LEU C 416 -2.27 -86.35 31.83
CA LEU C 416 -2.53 -86.19 30.41
C LEU C 416 -3.77 -85.32 30.27
N PHE C 417 -3.80 -84.52 29.20
CA PHE C 417 -4.82 -83.50 28.95
C PHE C 417 -4.98 -82.59 30.16
N ASP C 418 -3.86 -81.99 30.55
CA ASP C 418 -3.76 -81.36 31.86
C ASP C 418 -4.61 -80.10 31.95
N GLY C 419 -4.69 -79.35 30.86
CA GLY C 419 -5.43 -78.11 30.88
C GLY C 419 -4.75 -77.07 31.77
N ILE C 420 -5.47 -76.61 32.79
CA ILE C 420 -5.01 -75.52 33.63
C ILE C 420 -4.44 -76.03 34.96
N ALA C 421 -4.00 -77.28 35.01
CA ALA C 421 -3.31 -77.90 36.15
C ALA C 421 -4.21 -77.94 37.41
N THR C 422 -5.46 -78.35 37.20
CA THR C 422 -6.39 -78.53 38.32
C THR C 422 -5.91 -79.63 39.27
N GLY C 423 -5.34 -80.70 38.72
CA GLY C 423 -4.91 -81.84 39.53
C GLY C 423 -3.81 -81.48 40.52
N LEU C 424 -2.75 -80.84 40.03
CA LEU C 424 -1.64 -80.43 40.89
C LEU C 424 -2.10 -79.41 41.94
N LEU C 425 -2.94 -78.46 41.53
CA LEU C 425 -3.54 -77.48 42.43
C LEU C 425 -4.27 -78.15 43.59
N VAL C 426 -5.10 -79.15 43.27
CA VAL C 426 -5.85 -79.88 44.29
C VAL C 426 -4.91 -80.65 45.21
N LEU C 427 -3.86 -81.26 44.65
CA LEU C 427 -2.86 -81.97 45.45
C LEU C 427 -2.16 -81.03 46.42
N LYS C 428 -1.85 -79.81 45.97
CA LYS C 428 -1.32 -78.76 46.84
C LYS C 428 -2.30 -78.40 47.95
N ASP C 429 -3.56 -78.13 47.58
CA ASP C 429 -4.63 -77.85 48.54
C ASP C 429 -4.79 -78.93 49.60
N LEU C 430 -4.51 -80.19 49.24
CA LEU C 430 -4.55 -81.28 50.20
C LEU C 430 -3.25 -81.41 50.99
N GLY C 431 -2.22 -80.65 50.61
CA GLY C 431 -0.96 -80.68 51.32
C GLY C 431 -0.16 -81.93 51.10
N ILE C 432 -0.25 -82.53 49.91
CA ILE C 432 0.55 -83.70 49.55
C ILE C 432 1.81 -83.21 48.86
N GLN C 433 2.97 -83.70 49.33
CA GLN C 433 4.24 -83.38 48.70
C GLN C 433 4.30 -84.00 47.31
N VAL C 434 4.64 -83.18 46.32
CA VAL C 434 4.68 -83.60 44.92
C VAL C 434 6.14 -83.63 44.49
N ASP C 435 6.68 -84.84 44.31
CA ASP C 435 8.04 -85.01 43.80
C ASP C 435 8.16 -84.40 42.40
N ARG C 436 7.25 -84.74 41.50
CA ARG C 436 7.27 -84.21 40.15
C ARG C 436 5.87 -84.33 39.56
N TYR C 437 5.64 -83.53 38.52
CA TYR C 437 4.32 -83.42 37.89
C TYR C 437 4.55 -83.25 36.39
N ILE C 438 4.58 -84.37 35.68
CA ILE C 438 4.74 -84.38 34.24
C ILE C 438 3.39 -84.13 33.60
N ALA C 439 3.33 -83.25 32.61
CA ALA C 439 2.05 -82.85 32.04
C ALA C 439 2.14 -82.70 30.53
N SER C 440 1.24 -83.37 29.80
CA SER C 440 1.08 -83.17 28.37
C SER C 440 -0.13 -82.29 28.11
N GLU C 441 0.04 -81.29 27.25
CA GLU C 441 -1.01 -80.36 26.86
C GLU C 441 -0.55 -79.66 25.58
N VAL C 442 -1.50 -79.16 24.80
CA VAL C 442 -1.20 -78.55 23.51
C VAL C 442 -1.72 -77.11 23.41
N CYS C 443 -2.69 -76.71 24.23
CA CYS C 443 -3.23 -75.36 24.15
C CYS C 443 -2.34 -74.42 24.97
N GLU C 444 -1.78 -73.41 24.28
CA GLU C 444 -0.74 -72.54 24.85
C GLU C 444 -1.23 -71.77 26.07
N ASP C 445 -2.49 -71.30 26.02
CA ASP C 445 -3.08 -70.56 27.14
C ASP C 445 -3.09 -71.39 28.41
N SER C 446 -3.49 -72.67 28.30
CA SER C 446 -3.54 -73.57 29.45
C SER C 446 -2.14 -73.87 29.99
N ILE C 447 -1.16 -74.02 29.07
CA ILE C 447 0.24 -74.18 29.43
C ILE C 447 0.69 -73.02 30.31
N THR C 448 0.44 -71.79 29.82
CA THR C 448 0.77 -70.55 30.52
C THR C 448 0.15 -70.47 31.92
N VAL C 449 -1.17 -70.77 31.99
CA VAL C 449 -1.89 -70.80 33.27
C VAL C 449 -1.18 -71.69 34.28
N GLY C 450 -0.83 -72.91 33.84
CA GLY C 450 -0.16 -73.84 34.74
C GLY C 450 1.22 -73.36 35.15
N MET C 451 2.01 -72.89 34.16
CA MET C 451 3.34 -72.31 34.38
C MET C 451 3.35 -71.28 35.49
N VAL C 452 2.50 -70.26 35.35
CA VAL C 452 2.48 -69.16 36.31
C VAL C 452 1.96 -69.63 37.66
N ARG C 453 0.78 -70.25 37.69
CA ARG C 453 0.14 -70.62 38.95
C ARG C 453 0.91 -71.67 39.72
N HIS C 454 1.70 -72.49 39.06
CA HIS C 454 2.43 -73.56 39.71
C HIS C 454 3.93 -73.39 39.59
N GLN C 455 4.36 -72.19 39.19
CA GLN C 455 5.67 -71.62 39.54
C GLN C 455 6.84 -72.38 38.93
N GLY C 456 6.68 -72.82 37.69
CA GLY C 456 7.75 -73.52 37.00
C GLY C 456 7.92 -74.97 37.37
N LYS C 457 7.23 -75.45 38.41
CA LYS C 457 7.39 -76.83 38.89
C LYS C 457 6.97 -77.85 37.83
N ILE C 458 6.01 -77.51 36.98
CA ILE C 458 5.47 -78.46 36.02
C ILE C 458 6.44 -78.60 34.86
N MET C 459 6.84 -79.85 34.57
CA MET C 459 7.65 -80.15 33.39
C MET C 459 6.72 -80.39 32.20
N TYR C 460 6.71 -79.45 31.26
CA TYR C 460 5.79 -79.48 30.13
C TYR C 460 6.27 -80.36 28.99
N VAL C 461 5.39 -81.26 28.57
CA VAL C 461 5.56 -82.10 27.40
C VAL C 461 4.67 -81.55 26.29
N GLY C 462 4.85 -82.05 25.07
CA GLY C 462 4.02 -81.67 23.94
C GLY C 462 2.79 -82.55 23.85
N ASP C 463 2.36 -82.80 22.61
CA ASP C 463 1.24 -83.69 22.30
C ASP C 463 1.41 -85.06 22.93
N VAL C 464 0.28 -85.62 23.38
CA VAL C 464 0.24 -86.95 24.01
C VAL C 464 0.70 -88.03 23.04
N ARG C 465 0.47 -87.83 21.73
CA ARG C 465 0.82 -88.83 20.73
C ARG C 465 2.32 -88.87 20.45
N SER C 466 3.09 -87.96 21.02
CA SER C 466 4.54 -87.98 20.88
C SER C 466 5.21 -88.62 22.08
N VAL C 467 4.44 -89.04 23.07
CA VAL C 467 4.96 -89.65 24.29
C VAL C 467 5.06 -91.15 24.05
N THR C 468 6.29 -91.67 24.10
CA THR C 468 6.57 -93.08 23.87
C THR C 468 6.68 -93.81 25.20
N GLN C 469 6.71 -95.15 25.14
CA GLN C 469 6.93 -95.95 26.35
C GLN C 469 8.31 -95.69 26.94
N LYS C 470 9.29 -95.41 26.08
CA LYS C 470 10.64 -95.05 26.52
C LYS C 470 10.62 -93.77 27.36
N HIS C 471 9.92 -92.74 26.86
CA HIS C 471 9.63 -91.52 27.62
C HIS C 471 9.05 -91.82 29.00
N ILE C 472 8.03 -92.70 29.05
CA ILE C 472 7.37 -93.07 30.30
C ILE C 472 8.36 -93.72 31.25
N GLN C 473 9.27 -94.55 30.73
CA GLN C 473 10.23 -95.24 31.59
C GLN C 473 11.30 -94.29 32.11
N GLU C 474 11.81 -93.39 31.27
CA GLU C 474 12.93 -92.54 31.67
C GLU C 474 12.52 -91.35 32.51
N TRP C 475 11.23 -91.01 32.55
CA TRP C 475 10.72 -89.95 33.41
C TRP C 475 10.38 -90.45 34.81
N GLY C 476 10.90 -91.60 35.21
CA GLY C 476 10.78 -92.09 36.56
C GLY C 476 9.44 -92.77 36.78
N PRO C 477 9.39 -93.68 37.76
CA PRO C 477 8.12 -94.34 38.10
C PRO C 477 7.06 -93.32 38.50
N PHE C 478 5.84 -93.57 38.05
CA PHE C 478 4.73 -92.68 38.37
C PHE C 478 3.86 -93.32 39.43
N ASP C 479 3.36 -92.49 40.34
CA ASP C 479 2.50 -92.94 41.42
C ASP C 479 1.02 -92.67 41.16
N LEU C 480 0.72 -91.75 40.24
CA LEU C 480 -0.65 -91.32 39.97
C LEU C 480 -0.71 -90.83 38.54
N VAL C 481 -1.54 -91.47 37.72
CA VAL C 481 -1.77 -91.07 36.35
C VAL C 481 -3.22 -90.62 36.23
N ILE C 482 -3.43 -89.40 35.73
CA ILE C 482 -4.75 -88.80 35.68
C ILE C 482 -4.97 -88.21 34.30
N GLY C 483 -6.25 -88.03 33.97
CA GLY C 483 -6.61 -87.42 32.70
C GLY C 483 -8.08 -87.41 32.35
N GLY C 484 -8.46 -86.45 31.51
CA GLY C 484 -9.80 -86.34 30.99
C GLY C 484 -9.82 -86.01 29.50
N SER C 485 -10.49 -86.85 28.70
CA SER C 485 -10.54 -86.67 27.25
C SER C 485 -11.24 -85.36 26.90
N PRO C 486 -10.97 -84.81 25.70
CA PRO C 486 -11.71 -83.62 25.26
C PRO C 486 -13.21 -83.84 25.26
N CYS C 487 -13.91 -82.89 25.86
CA CYS C 487 -15.34 -82.98 26.07
C CYS C 487 -16.13 -82.01 25.22
N ASN C 488 -15.45 -81.05 24.58
CA ASN C 488 -16.13 -80.02 23.79
C ASN C 488 -16.86 -80.64 22.60
N ASP C 489 -16.28 -81.64 21.96
CA ASP C 489 -16.91 -82.26 20.81
C ASP C 489 -17.99 -83.26 21.25
N LEU C 490 -17.82 -83.85 22.43
CA LEU C 490 -18.85 -84.75 22.96
C LEU C 490 -20.05 -83.95 23.45
N SER C 491 -19.81 -82.79 24.05
CA SER C 491 -20.86 -81.93 24.57
C SER C 491 -21.76 -81.39 23.46
N ILE C 492 -23.06 -81.29 23.78
CA ILE C 492 -24.08 -80.79 22.85
C ILE C 492 -24.08 -79.25 22.82
N VAL C 493 -23.25 -78.60 23.64
CA VAL C 493 -23.22 -77.14 23.71
C VAL C 493 -22.55 -76.52 22.48
N ASN C 494 -21.57 -77.20 21.89
CA ASN C 494 -20.88 -76.69 20.70
C ASN C 494 -21.82 -76.82 19.49
N PRO C 495 -22.14 -75.73 18.79
CA PRO C 495 -23.02 -75.83 17.61
C PRO C 495 -22.50 -76.73 16.50
N ALA C 496 -21.18 -76.80 16.31
CA ALA C 496 -20.60 -77.56 15.20
C ALA C 496 -20.24 -78.97 15.68
N ARG C 497 -21.26 -79.81 15.79
CA ARG C 497 -21.09 -81.20 16.22
C ARG C 497 -20.95 -82.07 14.97
N LYS C 498 -19.75 -82.04 14.38
CA LYS C 498 -19.48 -82.84 13.20
C LYS C 498 -19.44 -84.32 13.56
N GLY C 499 -18.78 -84.65 14.67
CA GLY C 499 -18.79 -86.02 15.17
C GLY C 499 -18.47 -86.03 16.64
N LEU C 500 -18.60 -87.22 17.21
CA LEU C 500 -18.35 -87.49 18.62
C LEU C 500 -17.20 -88.48 18.80
N TYR C 501 -17.13 -89.49 17.91
CA TYR C 501 -16.11 -90.51 17.99
C TYR C 501 -14.79 -90.02 17.39
N GLU C 502 -14.89 -89.06 16.46
CA GLU C 502 -13.70 -88.50 15.84
C GLU C 502 -13.01 -87.54 16.80
N GLY C 503 -11.68 -87.49 16.70
CA GLY C 503 -10.89 -86.59 17.52
C GLY C 503 -10.82 -86.99 18.98
N THR C 504 -11.94 -86.88 19.70
CA THR C 504 -11.95 -87.14 21.15
C THR C 504 -11.76 -88.62 21.47
N GLY C 505 -12.39 -89.50 20.69
CA GLY C 505 -12.28 -90.92 20.96
C GLY C 505 -10.87 -91.44 20.78
N ARG C 506 -10.20 -90.96 19.72
CA ARG C 506 -8.83 -91.37 19.40
C ARG C 506 -7.89 -90.97 20.52
N LEU C 507 -8.02 -89.73 20.97
CA LEU C 507 -7.25 -89.21 22.09
C LEU C 507 -7.47 -89.98 23.38
N PHE C 508 -8.68 -90.56 23.56
CA PHE C 508 -8.95 -91.44 24.70
C PHE C 508 -7.93 -92.56 24.79
N PHE C 509 -7.66 -93.20 23.64
CA PHE C 509 -6.78 -94.36 23.59
C PHE C 509 -5.37 -93.98 23.97
N GLU C 510 -5.00 -92.73 23.71
CA GLU C 510 -3.70 -92.22 24.10
C GLU C 510 -3.51 -92.36 25.61
N PHE C 511 -4.52 -91.92 26.38
CA PHE C 511 -4.56 -92.15 27.83
C PHE C 511 -4.37 -93.62 28.15
N TYR C 512 -5.17 -94.44 27.46
CA TYR C 512 -5.17 -95.90 27.62
C TYR C 512 -3.76 -96.45 27.46
N ARG C 513 -3.09 -96.04 26.37
CA ARG C 513 -1.75 -96.54 26.07
C ARG C 513 -0.78 -96.16 27.18
N LEU C 514 -0.76 -94.87 27.53
CA LEU C 514 0.23 -94.40 28.48
C LEU C 514 -0.04 -94.94 29.86
N LEU C 515 -1.31 -95.24 30.15
CA LEU C 515 -1.66 -95.89 31.41
C LEU C 515 -0.95 -97.22 31.54
N HIS C 516 -1.03 -98.04 30.49
CA HIS C 516 -0.33 -99.32 30.47
C HIS C 516 1.18 -99.13 30.50
N ASP C 517 1.65 -98.04 29.88
CA ASP C 517 3.07 -97.75 29.91
C ASP C 517 3.53 -97.37 31.31
N ALA C 518 2.65 -96.73 32.09
CA ALA C 518 3.03 -96.24 33.41
C ALA C 518 2.75 -97.23 34.53
N ARG C 519 2.06 -98.32 34.23
CA ARG C 519 1.61 -99.28 35.23
C ARG C 519 2.78 -100.18 35.65
N PRO C 520 2.94 -100.42 36.95
CA PRO C 520 3.94 -101.41 37.39
C PRO C 520 3.54 -102.82 36.97
N LYS C 521 4.56 -103.66 36.79
CA LYS C 521 4.36 -105.06 36.46
C LYS C 521 3.67 -105.80 37.59
N GLU C 522 3.07 -106.94 37.24
CA GLU C 522 2.57 -107.87 38.25
C GLU C 522 3.73 -108.39 39.07
N GLY C 523 3.53 -108.50 40.38
CA GLY C 523 4.60 -108.80 41.30
C GLY C 523 5.27 -107.58 41.90
N ASP C 524 5.15 -106.43 41.23
CA ASP C 524 5.53 -105.15 41.80
C ASP C 524 4.29 -104.58 42.48
N ASP C 525 4.21 -104.75 43.80
CA ASP C 525 3.03 -104.39 44.57
C ASP C 525 3.09 -102.96 45.11
N ARG C 526 3.92 -102.10 44.51
CA ARG C 526 3.97 -100.70 44.92
C ARG C 526 2.64 -100.04 44.60
N PRO C 527 2.17 -99.11 45.45
CA PRO C 527 0.90 -98.42 45.17
C PRO C 527 0.94 -97.62 43.88
N PHE C 528 -0.14 -97.73 43.11
CA PHE C 528 -0.26 -97.05 41.84
C PHE C 528 -1.72 -96.72 41.62
N PHE C 529 -1.98 -95.51 41.13
CA PHE C 529 -3.35 -95.02 41.04
C PHE C 529 -3.56 -94.24 39.75
N TRP C 530 -4.80 -94.28 39.27
CA TRP C 530 -5.14 -93.66 38.00
C TRP C 530 -6.58 -93.18 38.03
N LEU C 531 -6.84 -92.14 37.25
CA LEU C 531 -8.15 -91.52 37.17
C LEU C 531 -8.39 -91.08 35.73
N PHE C 532 -9.51 -91.52 35.18
CA PHE C 532 -9.98 -90.98 33.92
C PHE C 532 -11.34 -90.31 34.13
N GLU C 533 -11.55 -89.20 33.42
CA GLU C 533 -12.73 -88.35 33.53
C GLU C 533 -13.39 -88.17 32.16
N ASN C 534 -14.73 -88.12 32.14
CA ASN C 534 -15.47 -87.85 30.90
C ASN C 534 -16.86 -87.30 31.25
N VAL C 535 -17.60 -86.83 30.21
CA VAL C 535 -18.95 -86.26 30.40
C VAL C 535 -19.99 -87.36 30.46
N VAL C 536 -21.15 -87.02 31.03
CA VAL C 536 -22.26 -87.96 31.08
C VAL C 536 -23.07 -87.98 29.77
N ALA C 537 -23.05 -86.90 28.99
CA ALA C 537 -23.79 -86.86 27.72
C ALA C 537 -22.94 -87.54 26.64
N MET C 538 -22.92 -88.87 26.67
CA MET C 538 -22.10 -89.64 25.76
C MET C 538 -22.86 -90.87 25.27
N GLY C 539 -22.34 -91.48 24.21
CA GLY C 539 -22.96 -92.68 23.65
C GLY C 539 -22.83 -93.90 24.56
N VAL C 540 -23.75 -94.85 24.38
CA VAL C 540 -23.75 -96.05 25.22
C VAL C 540 -22.65 -97.00 24.79
N SER C 541 -22.54 -97.28 23.48
CA SER C 541 -21.45 -98.13 22.98
C SER C 541 -20.10 -97.49 23.21
N ASP C 542 -20.04 -96.16 23.14
CA ASP C 542 -18.85 -95.41 23.53
C ASP C 542 -18.47 -95.67 24.98
N LYS C 543 -19.45 -95.51 25.87
CA LYS C 543 -19.27 -95.75 27.30
C LYS C 543 -18.88 -97.19 27.59
N ARG C 544 -19.46 -98.12 26.82
CA ARG C 544 -19.12 -99.53 26.98
C ARG C 544 -17.69 -99.78 26.59
N ASP C 545 -17.25 -99.24 25.44
CA ASP C 545 -15.87 -99.44 24.96
C ASP C 545 -14.86 -98.85 25.92
N ILE C 546 -15.20 -97.68 26.49
CA ILE C 546 -14.36 -97.07 27.53
C ILE C 546 -14.27 -97.97 28.76
N SER C 547 -15.43 -98.48 29.22
CA SER C 547 -15.46 -99.40 30.37
C SER C 547 -14.72 -100.70 30.07
N ARG C 548 -14.78 -101.17 28.82
CA ARG C 548 -14.11 -102.40 28.42
C ARG C 548 -12.61 -102.23 28.47
N PHE C 549 -12.14 -101.07 27.99
CA PHE C 549 -10.71 -100.88 27.85
C PHE C 549 -10.06 -100.54 29.19
N LEU C 550 -10.73 -99.71 29.99
CA LEU C 550 -10.18 -99.43 31.31
C LEU C 550 -10.52 -100.52 32.33
N GLU C 551 -11.30 -101.53 31.89
CA GLU C 551 -11.64 -102.73 32.68
C GLU C 551 -12.27 -102.36 34.03
N SER C 552 -13.15 -101.37 34.01
CA SER C 552 -13.79 -100.89 35.22
C SER C 552 -15.18 -100.36 34.90
N ASN C 553 -15.94 -100.09 35.97
CA ASN C 553 -17.30 -99.56 36.09
C ASN C 553 -17.23 -98.07 36.37
N PRO C 554 -17.93 -97.21 35.63
CA PRO C 554 -17.84 -95.78 35.89
C PRO C 554 -18.54 -95.38 37.17
N VAL C 555 -18.03 -94.35 37.82
CA VAL C 555 -18.78 -93.66 38.86
C VAL C 555 -19.20 -92.30 38.30
N MET C 556 -20.50 -91.99 38.38
CA MET C 556 -20.97 -90.66 38.03
C MET C 556 -20.95 -89.82 39.29
N ILE C 557 -20.30 -88.67 39.21
CA ILE C 557 -20.25 -87.72 40.30
C ILE C 557 -20.75 -86.39 39.76
N ASP C 558 -21.73 -85.79 40.44
CA ASP C 558 -22.27 -84.50 40.05
C ASP C 558 -21.75 -83.46 41.03
N ALA C 559 -21.21 -82.37 40.51
CA ALA C 559 -20.61 -81.34 41.34
C ALA C 559 -21.63 -80.54 42.14
N LYS C 560 -22.92 -80.56 41.77
CA LYS C 560 -23.97 -79.84 42.50
C LYS C 560 -23.96 -80.14 43.99
N GLU C 561 -23.60 -81.38 44.35
CA GLU C 561 -23.54 -81.81 45.74
C GLU C 561 -22.54 -80.97 46.54
N VAL C 562 -21.45 -80.54 45.91
CA VAL C 562 -20.42 -79.76 46.60
C VAL C 562 -20.18 -78.39 45.99
N SER C 563 -20.70 -78.07 44.81
CA SER C 563 -20.41 -76.77 44.19
C SER C 563 -21.68 -76.18 43.58
N ALA C 564 -21.54 -74.95 43.07
CA ALA C 564 -22.64 -74.20 42.49
C ALA C 564 -22.80 -74.41 40.98
N ALA C 565 -22.34 -75.54 40.46
CA ALA C 565 -22.48 -75.86 39.05
C ALA C 565 -23.08 -77.25 38.88
N HIS C 566 -23.90 -77.42 37.85
CA HIS C 566 -24.32 -78.76 37.43
C HIS C 566 -23.24 -79.32 36.52
N ARG C 567 -22.46 -80.23 37.07
CA ARG C 567 -21.29 -80.78 36.43
C ARG C 567 -21.30 -82.26 36.77
N ALA C 568 -22.01 -83.03 35.95
CA ALA C 568 -22.14 -84.47 36.14
C ALA C 568 -21.09 -85.11 35.25
N ARG C 569 -20.17 -85.86 35.86
CA ARG C 569 -19.02 -86.40 35.15
C ARG C 569 -18.77 -87.85 35.55
N TYR C 570 -18.32 -88.64 34.60
CA TYR C 570 -17.86 -89.99 34.89
C TYR C 570 -16.40 -89.97 35.32
N PHE C 571 -16.10 -90.80 36.31
CA PHE C 571 -14.76 -91.00 36.85
C PHE C 571 -14.54 -92.51 36.93
N TRP C 572 -13.69 -93.01 36.05
CA TRP C 572 -13.12 -94.34 36.16
C TRP C 572 -11.83 -94.25 36.96
N GLY C 573 -11.54 -95.26 37.76
CA GLY C 573 -10.28 -95.29 38.47
C GLY C 573 -10.27 -96.30 39.59
N ASN C 574 -9.11 -96.38 40.25
CA ASN C 574 -8.89 -97.29 41.36
C ASN C 574 -8.49 -96.57 42.64
N LEU C 575 -8.73 -95.27 42.72
CA LEU C 575 -8.49 -94.54 43.95
C LEU C 575 -9.45 -95.05 45.03
N PRO C 576 -8.98 -95.31 46.25
CA PRO C 576 -9.87 -95.77 47.33
C PRO C 576 -10.96 -94.74 47.63
N GLY C 577 -12.16 -95.24 47.91
CA GLY C 577 -13.26 -94.36 48.24
C GLY C 577 -13.74 -93.50 47.09
N MET C 578 -13.75 -94.04 45.88
CA MET C 578 -14.29 -93.28 44.75
C MET C 578 -15.81 -93.37 44.68
N ASN C 579 -16.41 -94.33 45.40
CA ASN C 579 -17.85 -94.51 45.42
C ASN C 579 -18.54 -93.73 46.53
N ARG C 580 -17.84 -93.47 47.64
CA ARG C 580 -18.41 -92.89 48.86
C ARG C 580 -19.07 -91.53 48.59
N PRO C 581 -20.07 -91.13 49.40
CA PRO C 581 -20.83 -89.91 49.09
C PRO C 581 -20.03 -88.63 49.28
N LEU C 582 -20.39 -87.62 48.50
CA LEU C 582 -19.69 -86.34 48.50
C LEU C 582 -20.13 -85.46 49.66
N ALA C 583 -19.15 -84.95 50.39
CA ALA C 583 -19.39 -83.99 51.46
C ALA C 583 -18.92 -82.62 51.00
N SER C 584 -19.72 -81.60 51.31
CA SER C 584 -19.42 -80.21 50.98
C SER C 584 -18.97 -79.49 52.25
N THR C 585 -17.72 -79.05 52.26
CA THR C 585 -17.21 -78.24 53.36
C THR C 585 -17.78 -76.83 53.31
N VAL C 586 -17.69 -76.15 54.46
CA VAL C 586 -18.26 -74.80 54.61
C VAL C 586 -17.63 -73.81 53.64
N ASN C 587 -16.34 -74.00 53.30
CA ASN C 587 -15.68 -73.16 52.30
C ASN C 587 -16.35 -73.25 50.94
N ASP C 588 -16.91 -74.41 50.59
CA ASP C 588 -17.58 -74.56 49.31
C ASP C 588 -18.89 -73.78 49.31
N LYS C 589 -19.26 -73.28 48.14
CA LYS C 589 -20.42 -72.39 47.99
C LYS C 589 -21.53 -73.08 47.20
N LEU C 590 -22.52 -73.61 47.93
CA LEU C 590 -23.63 -74.33 47.33
C LEU C 590 -24.67 -73.43 46.69
N GLU C 591 -24.56 -72.12 46.84
CA GLU C 591 -25.49 -71.18 46.24
C GLU C 591 -24.71 -70.33 45.25
N LEU C 592 -25.36 -70.00 44.13
CA LEU C 592 -24.70 -69.17 43.12
C LEU C 592 -24.40 -67.78 43.65
N GLN C 593 -25.31 -67.24 44.47
CA GLN C 593 -25.25 -65.86 44.97
C GLN C 593 -23.97 -65.58 45.76
N GLU C 594 -23.52 -66.56 46.55
CA GLU C 594 -22.27 -66.42 47.29
C GLU C 594 -21.05 -66.33 46.37
N CYS C 595 -21.18 -66.82 45.12
CA CYS C 595 -20.07 -66.80 44.18
C CYS C 595 -20.07 -65.54 43.31
N LEU C 596 -21.10 -64.70 43.45
CA LEU C 596 -21.19 -63.52 42.60
C LEU C 596 -20.30 -62.42 43.16
N GLU C 597 -20.11 -61.38 42.36
CA GLU C 597 -19.45 -60.20 42.89
C GLU C 597 -20.44 -59.37 43.68
N HIS C 598 -19.91 -58.49 44.53
CA HIS C 598 -20.77 -57.59 45.29
C HIS C 598 -21.45 -56.61 44.34
N GLY C 599 -22.71 -56.30 44.63
CA GLY C 599 -23.51 -55.50 43.74
C GLY C 599 -24.33 -56.30 42.75
N ARG C 600 -24.11 -57.62 42.69
CA ARG C 600 -24.82 -58.50 41.78
C ARG C 600 -25.74 -59.40 42.58
N ILE C 601 -26.88 -59.75 41.98
CA ILE C 601 -27.80 -60.69 42.58
C ILE C 601 -28.13 -61.74 41.53
N ALA C 602 -28.16 -63.00 41.95
CA ALA C 602 -28.43 -64.12 41.06
C ALA C 602 -29.85 -64.61 41.27
N LYS C 603 -30.65 -64.58 40.19
CA LYS C 603 -31.92 -65.29 40.22
C LYS C 603 -31.69 -66.79 40.29
N PHE C 604 -30.57 -67.27 39.74
CA PHE C 604 -30.27 -68.68 39.70
C PHE C 604 -29.54 -69.08 40.99
N SER C 605 -29.75 -70.33 41.40
CA SER C 605 -28.98 -70.89 42.50
C SER C 605 -27.87 -71.80 42.01
N LYS C 606 -27.97 -72.28 40.77
CA LYS C 606 -26.98 -73.11 40.10
C LYS C 606 -26.85 -72.64 38.65
N VAL C 607 -25.65 -72.79 38.09
CA VAL C 607 -25.42 -72.53 36.67
C VAL C 607 -25.22 -73.87 35.97
N ARG C 608 -26.02 -74.11 34.93
CA ARG C 608 -25.93 -75.33 34.13
C ARG C 608 -24.86 -75.11 33.09
N THR C 609 -23.77 -75.87 33.17
CA THR C 609 -22.64 -75.74 32.25
C THR C 609 -21.98 -77.10 32.12
N ILE C 610 -22.02 -77.65 30.92
CA ILE C 610 -21.54 -79.01 30.66
C ILE C 610 -20.44 -78.99 29.60
N GLN C 623 -32.79 -68.22 28.96
CA GLN C 623 -32.10 -67.57 30.06
C GLN C 623 -30.62 -67.91 30.00
N HIS C 624 -30.02 -67.57 28.85
CA HIS C 624 -28.61 -67.85 28.59
C HIS C 624 -27.69 -67.15 29.58
N PHE C 625 -27.98 -65.89 29.87
CA PHE C 625 -27.08 -65.07 30.66
C PHE C 625 -27.60 -65.04 32.09
N PRO C 626 -26.91 -65.67 33.03
CA PRO C 626 -27.52 -66.03 34.32
C PRO C 626 -27.75 -64.92 35.33
N VAL C 627 -27.45 -63.65 35.07
CA VAL C 627 -27.38 -62.67 36.16
C VAL C 627 -28.29 -61.48 35.88
N PHE C 628 -29.03 -61.06 36.93
CA PHE C 628 -29.76 -59.79 36.96
C PHE C 628 -28.90 -58.82 37.77
N MET C 629 -28.23 -57.89 37.10
CA MET C 629 -27.50 -56.82 37.77
C MET C 629 -28.02 -55.50 37.22
N ASN C 630 -28.44 -54.63 38.14
CA ASN C 630 -28.96 -53.29 37.84
C ASN C 630 -30.12 -53.37 36.84
N GLU C 631 -30.99 -54.36 37.10
CA GLU C 631 -32.16 -54.67 36.27
C GLU C 631 -31.76 -54.98 34.83
N LYS C 632 -30.65 -55.71 34.65
CA LYS C 632 -30.12 -56.06 33.34
C LYS C 632 -29.56 -57.48 33.35
N GLU C 633 -29.62 -58.16 32.20
CA GLU C 633 -29.18 -59.54 32.04
C GLU C 633 -27.72 -59.62 31.57
N ASP C 634 -26.85 -60.16 32.43
CA ASP C 634 -25.41 -60.28 32.16
C ASP C 634 -24.91 -61.71 32.34
N ILE C 635 -23.79 -62.00 31.65
CA ILE C 635 -23.00 -63.22 31.80
C ILE C 635 -22.29 -63.18 33.17
N LEU C 636 -21.96 -64.36 33.70
CA LEU C 636 -21.04 -64.42 34.84
C LEU C 636 -19.68 -63.87 34.44
N TRP C 637 -19.04 -63.13 35.34
CA TRP C 637 -17.69 -62.65 35.07
C TRP C 637 -16.71 -63.81 35.26
N CYS C 638 -15.56 -63.72 34.57
CA CYS C 638 -14.54 -64.79 34.56
C CYS C 638 -14.09 -65.20 35.96
N THR C 639 -13.93 -64.22 36.86
CA THR C 639 -13.51 -64.51 38.22
C THR C 639 -14.62 -65.22 38.98
N GLU C 640 -15.87 -64.98 38.60
CA GLU C 640 -16.99 -65.68 39.23
C GLU C 640 -17.11 -67.10 38.71
N MET C 641 -16.86 -67.31 37.40
CA MET C 641 -16.81 -68.66 36.85
C MET C 641 -15.76 -69.50 37.58
N GLU C 642 -14.61 -68.89 37.85
CA GLU C 642 -13.61 -69.51 38.73
C GLU C 642 -14.18 -69.82 40.11
N ARG C 643 -14.97 -68.90 40.68
CA ARG C 643 -15.53 -69.13 42.01
C ARG C 643 -16.57 -70.24 42.02
N VAL C 644 -17.34 -70.34 40.92
CA VAL C 644 -18.32 -71.42 40.75
C VAL C 644 -17.62 -72.76 40.75
N PHE C 645 -16.53 -72.87 39.99
CA PHE C 645 -15.88 -74.18 39.91
C PHE C 645 -14.93 -74.46 41.07
N GLY C 646 -14.79 -73.54 42.02
CA GLY C 646 -13.93 -73.79 43.17
C GLY C 646 -12.49 -73.35 43.02
N PHE C 647 -12.10 -72.80 41.87
CA PHE C 647 -10.74 -72.32 41.66
C PHE C 647 -10.43 -71.15 42.60
N PRO C 648 -9.16 -70.97 42.96
CA PRO C 648 -8.78 -69.78 43.73
C PRO C 648 -9.07 -68.50 42.97
N VAL C 649 -9.32 -67.44 43.74
CA VAL C 649 -9.70 -66.14 43.19
C VAL C 649 -8.63 -65.63 42.24
N HIS C 650 -9.08 -65.19 41.05
CA HIS C 650 -8.22 -64.66 39.96
C HIS C 650 -7.19 -65.68 39.48
N TYR C 651 -7.62 -66.94 39.29
CA TYR C 651 -6.70 -68.02 38.92
C TYR C 651 -6.24 -67.99 37.46
N THR C 652 -7.10 -67.63 36.51
CA THR C 652 -6.75 -67.67 35.09
C THR C 652 -6.31 -66.31 34.54
N ASP C 653 -6.23 -65.27 35.37
CA ASP C 653 -5.72 -63.99 34.90
C ASP C 653 -4.19 -64.01 34.90
N VAL C 654 -3.63 -64.71 33.93
CA VAL C 654 -2.17 -64.70 33.86
C VAL C 654 -1.75 -63.90 32.62
N SER C 655 -2.01 -64.39 31.42
CA SER C 655 -1.54 -63.71 30.22
C SER C 655 -2.64 -62.83 29.65
N ASN C 656 -2.32 -62.23 28.50
CA ASN C 656 -3.21 -61.28 27.83
C ASN C 656 -4.02 -62.04 26.78
N MET C 657 -5.16 -62.57 27.22
CA MET C 657 -6.05 -63.33 26.38
C MET C 657 -7.47 -62.76 26.44
N SER C 658 -8.24 -63.04 25.39
CA SER C 658 -9.60 -62.54 25.28
C SER C 658 -10.51 -63.23 26.31
N ARG C 659 -11.65 -62.59 26.56
CA ARG C 659 -12.62 -63.12 27.52
C ARG C 659 -13.29 -64.41 27.03
N LEU C 660 -13.64 -64.49 25.74
CA LEU C 660 -14.27 -65.69 25.18
C LEU C 660 -13.38 -66.90 25.33
N ALA C 661 -12.09 -66.72 25.04
CA ALA C 661 -11.13 -67.80 25.18
C ALA C 661 -10.97 -68.19 26.64
N ARG C 662 -10.89 -67.19 27.52
CA ARG C 662 -10.64 -67.44 28.95
C ARG C 662 -11.83 -68.14 29.61
N GLN C 663 -13.05 -67.76 29.23
CA GLN C 663 -14.25 -68.48 29.67
C GLN C 663 -14.23 -69.92 29.20
N ARG C 664 -13.96 -70.13 27.90
CA ARG C 664 -13.81 -71.47 27.30
C ARG C 664 -12.79 -72.32 28.05
N LEU C 665 -11.65 -71.71 28.36
CA LEU C 665 -10.56 -72.36 29.13
C LEU C 665 -11.11 -72.81 30.48
N LEU C 666 -11.82 -71.92 31.19
CA LEU C 666 -12.38 -72.31 32.48
C LEU C 666 -13.45 -73.39 32.33
N GLY C 667 -14.24 -73.29 31.26
CA GLY C 667 -15.38 -74.18 31.04
C GLY C 667 -15.01 -75.64 30.95
N ARG C 668 -13.87 -75.93 30.29
CA ARG C 668 -13.49 -77.33 30.13
C ARG C 668 -13.07 -78.02 31.42
N SER C 669 -12.77 -77.26 32.47
CA SER C 669 -11.96 -77.77 33.57
C SER C 669 -12.75 -78.67 34.50
N TRP C 670 -12.00 -79.41 35.33
CA TRP C 670 -12.58 -80.24 36.36
C TRP C 670 -13.08 -79.37 37.51
N SER C 671 -14.18 -79.81 38.15
CA SER C 671 -14.70 -79.11 39.32
C SER C 671 -13.79 -79.37 40.52
N VAL C 672 -13.24 -78.28 41.08
CA VAL C 672 -12.19 -78.39 42.12
C VAL C 672 -12.61 -79.17 43.38
N PRO C 673 -13.79 -78.95 44.01
CA PRO C 673 -14.07 -79.74 45.22
C PRO C 673 -14.38 -81.20 44.96
N VAL C 674 -14.88 -81.54 43.76
CA VAL C 674 -15.06 -82.93 43.35
C VAL C 674 -13.72 -83.63 43.26
N ILE C 675 -12.77 -82.99 42.60
CA ILE C 675 -11.42 -83.50 42.47
C ILE C 675 -10.72 -83.57 43.83
N ARG C 676 -11.01 -82.63 44.73
CA ARG C 676 -10.52 -82.71 46.10
C ARG C 676 -11.08 -83.92 46.82
N HIS C 677 -12.37 -84.18 46.62
CA HIS C 677 -13.05 -85.33 47.19
C HIS C 677 -12.42 -86.64 46.71
N LEU C 678 -12.14 -86.73 45.41
CA LEU C 678 -11.52 -87.93 44.85
C LEU C 678 -10.08 -88.10 45.33
N PHE C 679 -9.30 -87.02 45.31
CA PHE C 679 -7.88 -87.11 45.62
C PHE C 679 -7.58 -87.21 47.10
N ALA C 680 -8.55 -86.91 47.97
CA ALA C 680 -8.33 -86.86 49.42
C ALA C 680 -7.73 -88.13 50.06
N PRO C 681 -8.17 -89.36 49.75
CA PRO C 681 -7.55 -90.52 50.44
C PRO C 681 -6.13 -90.84 50.00
N LEU C 682 -5.62 -90.21 48.92
CA LEU C 682 -4.20 -90.30 48.58
C LEU C 682 -3.28 -89.78 49.68
N LYS C 683 -3.79 -88.94 50.58
CA LYS C 683 -3.04 -88.50 51.76
C LYS C 683 -2.64 -89.67 52.65
N GLU C 684 -3.40 -90.77 52.62
CA GLU C 684 -3.07 -91.96 53.39
C GLU C 684 -1.97 -92.78 52.74
N TYR C 685 -1.52 -92.41 51.53
CA TYR C 685 -0.53 -93.21 50.84
C TYR C 685 0.74 -92.43 50.48
N PHE C 686 0.78 -91.11 50.67
CA PHE C 686 1.96 -90.33 50.29
C PHE C 686 2.23 -89.25 51.34
N ALA C 687 3.34 -88.53 51.14
CA ALA C 687 3.91 -87.65 52.15
C ALA C 687 3.21 -86.29 52.17
N CYS C 688 3.20 -85.67 53.35
CA CYS C 688 2.53 -84.41 53.60
C CYS C 688 3.54 -83.28 53.80
N VAL C 689 3.09 -82.06 53.54
CA VAL C 689 3.91 -80.87 53.76
C VAL C 689 3.82 -80.42 55.22
N ARG D 253 23.85 -21.02 13.10
CA ARG D 253 24.89 -21.13 14.11
C ARG D 253 26.20 -21.76 13.65
N GLU D 254 26.35 -22.08 12.35
CA GLU D 254 27.59 -22.70 11.87
C GLU D 254 28.79 -21.73 11.97
N ARG D 255 28.59 -20.47 11.62
CA ARG D 255 29.66 -19.47 11.62
C ARG D 255 29.97 -19.02 13.04
N LEU D 256 28.96 -19.02 13.89
CA LEU D 256 29.13 -18.60 15.27
C LEU D 256 29.94 -19.63 16.04
N VAL D 257 29.68 -20.92 15.81
CA VAL D 257 30.47 -21.98 16.44
C VAL D 257 31.84 -22.10 15.78
N TYR D 258 31.99 -21.67 14.51
CA TYR D 258 33.33 -21.48 13.97
C TYR D 258 34.12 -20.51 14.84
N GLU D 259 33.50 -19.38 15.18
CA GLU D 259 34.18 -18.44 16.08
C GLU D 259 34.29 -18.97 17.52
N VAL D 260 33.43 -19.90 17.93
CA VAL D 260 33.55 -20.50 19.27
C VAL D 260 34.77 -21.41 19.34
N ARG D 261 35.01 -22.23 18.31
CA ARG D 261 36.13 -23.16 18.36
C ARG D 261 37.47 -22.48 18.06
N GLN D 262 37.46 -21.28 17.48
CA GLN D 262 38.68 -20.48 17.31
C GLN D 262 39.10 -19.76 18.59
N LYS D 263 38.45 -20.05 19.73
CA LYS D 263 38.68 -19.41 21.03
C LYS D 263 38.45 -17.90 20.96
N CYS D 264 37.48 -17.48 20.15
CA CYS D 264 37.08 -16.08 20.06
C CYS D 264 35.73 -15.82 20.70
N ARG D 265 34.94 -16.87 20.93
CA ARG D 265 33.65 -16.77 21.60
C ARG D 265 33.53 -17.93 22.58
N ASN D 266 33.01 -17.63 23.77
CA ASN D 266 32.71 -18.68 24.73
C ASN D 266 31.47 -19.44 24.30
N ILE D 267 31.52 -20.78 24.41
CA ILE D 267 30.33 -21.59 24.15
C ILE D 267 29.22 -21.27 25.14
N GLU D 268 29.59 -20.86 26.37
CA GLU D 268 28.61 -20.49 27.38
C GLU D 268 27.95 -19.13 27.10
N ASP D 269 28.47 -18.38 26.12
CA ASP D 269 27.90 -17.10 25.72
C ASP D 269 26.98 -17.23 24.52
N ILE D 270 26.79 -18.44 24.00
CA ILE D 270 25.93 -18.67 22.85
C ILE D 270 24.87 -19.71 23.22
N CYS D 271 23.69 -19.55 22.64
CA CYS D 271 22.59 -20.50 22.82
C CYS D 271 22.79 -21.67 21.88
N ILE D 272 23.22 -22.81 22.43
CA ILE D 272 23.60 -23.98 21.63
C ILE D 272 22.40 -24.69 20.98
N SER D 273 21.17 -24.24 21.28
CA SER D 273 20.01 -24.83 20.64
C SER D 273 19.77 -24.24 19.25
N CYS D 274 19.69 -22.91 19.14
CA CYS D 274 19.40 -22.26 17.87
C CYS D 274 20.42 -21.20 17.46
N GLY D 275 21.45 -20.95 18.25
CA GLY D 275 22.43 -19.93 17.91
C GLY D 275 22.01 -18.50 18.19
N SER D 276 21.04 -18.31 19.08
CA SER D 276 20.62 -16.96 19.47
C SER D 276 21.65 -16.30 20.39
N LEU D 277 21.71 -14.98 20.31
CA LEU D 277 22.59 -14.17 21.16
C LEU D 277 21.91 -13.70 22.43
N ASN D 278 20.59 -13.91 22.54
CA ASN D 278 19.82 -13.49 23.71
C ASN D 278 19.91 -14.59 24.78
N VAL D 279 21.10 -14.71 25.35
CA VAL D 279 21.36 -15.74 26.36
C VAL D 279 20.86 -15.25 27.70
N THR D 280 19.92 -15.99 28.29
CA THR D 280 19.39 -15.71 29.62
C THR D 280 19.70 -16.83 30.60
N LEU D 281 19.54 -18.08 30.17
CA LEU D 281 19.76 -19.26 30.98
C LEU D 281 20.99 -20.01 30.47
N GLU D 282 21.38 -21.02 31.23
CA GLU D 282 22.32 -22.03 30.78
C GLU D 282 21.55 -23.29 30.41
N HIS D 283 22.05 -24.01 29.40
CA HIS D 283 21.46 -25.28 29.00
C HIS D 283 21.62 -26.29 30.13
N PRO D 284 20.55 -26.95 30.58
CA PRO D 284 20.63 -27.77 31.79
C PRO D 284 21.47 -29.03 31.65
N LEU D 285 21.52 -29.62 30.45
CA LEU D 285 22.22 -30.89 30.27
C LEU D 285 23.66 -30.72 29.77
N PHE D 286 23.93 -29.71 28.94
CA PHE D 286 25.19 -29.57 28.24
C PHE D 286 25.69 -28.13 28.33
N VAL D 287 26.88 -27.90 27.77
CA VAL D 287 27.57 -26.61 27.87
C VAL D 287 27.08 -25.63 26.83
N GLY D 288 26.65 -24.47 27.30
CA GLY D 288 26.19 -23.41 26.44
C GLY D 288 25.16 -22.57 27.16
N GLY D 289 24.73 -21.52 26.47
CA GLY D 289 23.66 -20.67 26.95
C GLY D 289 22.32 -21.16 26.43
N MET D 290 21.26 -20.49 26.87
CA MET D 290 19.92 -20.88 26.47
C MET D 290 19.03 -19.65 26.40
N CYS D 291 18.39 -19.43 25.26
CA CYS D 291 17.42 -18.35 25.14
C CYS D 291 16.03 -18.83 25.57
N GLN D 292 15.15 -17.85 25.82
CA GLN D 292 13.84 -18.12 26.42
C GLN D 292 12.91 -18.90 25.48
N ASN D 293 12.92 -18.57 24.18
CA ASN D 293 12.11 -19.31 23.21
C ASN D 293 12.50 -20.78 23.18
N CYS D 294 13.81 -21.06 23.24
CA CYS D 294 14.27 -22.43 23.34
C CYS D 294 13.88 -23.06 24.67
N LYS D 295 13.76 -22.27 25.75
CA LYS D 295 13.23 -22.82 27.00
C LYS D 295 11.79 -23.27 26.84
N ASN D 296 10.97 -22.47 26.15
CA ASN D 296 9.57 -22.85 25.91
C ASN D 296 9.49 -24.10 25.03
N CYS D 297 10.28 -24.12 23.96
CA CYS D 297 10.41 -25.32 23.11
C CYS D 297 10.84 -26.54 23.92
N PHE D 298 11.82 -26.35 24.82
CA PHE D 298 12.33 -27.44 25.65
C PHE D 298 11.27 -27.95 26.62
N LEU D 299 10.45 -27.04 27.17
CA LEU D 299 9.34 -27.41 28.02
C LEU D 299 8.34 -28.29 27.27
N GLU D 300 7.93 -27.84 26.07
CA GLU D 300 6.99 -28.61 25.27
C GLU D 300 7.55 -29.96 24.82
N CYS D 301 8.82 -29.99 24.40
CA CYS D 301 9.29 -31.02 23.49
C CYS D 301 10.15 -32.12 24.10
N ALA D 302 10.89 -31.81 25.19
CA ALA D 302 11.87 -32.74 25.78
C ALA D 302 11.29 -34.11 26.09
N TYR D 303 10.17 -34.14 26.82
CA TYR D 303 9.55 -35.41 27.22
C TYR D 303 8.46 -35.84 26.24
N GLN D 304 8.63 -35.55 24.95
CA GLN D 304 7.75 -36.07 23.91
C GLN D 304 8.42 -37.27 23.27
N TYR D 305 7.71 -38.41 23.26
CA TYR D 305 8.23 -39.65 22.73
C TYR D 305 7.35 -40.13 21.60
N ASP D 306 7.97 -40.75 20.59
CA ASP D 306 7.25 -41.28 19.45
C ASP D 306 6.65 -42.64 19.79
N ASP D 307 6.06 -43.30 18.78
CA ASP D 307 5.49 -44.62 19.01
C ASP D 307 6.56 -45.69 19.15
N ASP D 308 7.80 -45.42 18.73
CA ASP D 308 8.89 -46.38 18.88
C ASP D 308 9.46 -46.40 20.30
N GLY D 309 8.96 -45.55 21.18
CA GLY D 309 9.45 -45.40 22.54
C GLY D 309 10.66 -44.50 22.67
N TYR D 310 11.16 -43.95 21.58
CA TYR D 310 12.26 -43.01 21.59
C TYR D 310 11.72 -41.60 21.41
N GLN D 311 12.57 -40.61 21.73
CA GLN D 311 12.21 -39.20 21.69
C GLN D 311 11.71 -38.75 20.32
N SER D 312 10.77 -37.80 20.34
CA SER D 312 10.18 -37.30 19.11
C SER D 312 11.12 -36.36 18.37
N TYR D 313 11.97 -35.63 19.11
CA TYR D 313 12.86 -34.65 18.53
C TYR D 313 14.23 -34.78 19.19
N CYS D 314 15.18 -34.00 18.66
CA CYS D 314 16.54 -34.00 19.19
C CYS D 314 16.56 -33.53 20.63
N THR D 315 17.47 -34.09 21.42
CA THR D 315 17.55 -33.72 22.83
C THR D 315 18.14 -32.33 23.01
N ILE D 316 19.04 -31.91 22.12
CA ILE D 316 19.75 -30.63 22.27
C ILE D 316 18.83 -29.46 21.96
N CYS D 317 18.43 -29.35 20.69
CA CYS D 317 17.71 -28.19 20.22
C CYS D 317 16.19 -28.33 20.31
N CYS D 318 15.70 -29.53 20.67
CA CYS D 318 14.28 -29.89 20.69
C CYS D 318 13.61 -29.70 19.32
N GLY D 319 14.39 -29.77 18.25
CA GLY D 319 13.90 -29.80 16.89
C GLY D 319 14.62 -30.87 16.09
N GLY D 320 15.15 -30.51 14.93
CA GLY D 320 15.92 -31.46 14.13
C GLY D 320 15.08 -32.20 13.12
N ARG D 321 15.66 -32.44 11.95
CA ARG D 321 14.94 -33.04 10.83
C ARG D 321 15.13 -34.54 10.70
N GLU D 322 16.36 -35.03 10.88
CA GLU D 322 16.63 -36.48 10.94
C GLU D 322 17.50 -36.73 12.16
N VAL D 323 17.09 -37.67 13.00
CA VAL D 323 17.70 -37.85 14.31
C VAL D 323 18.43 -39.19 14.38
N LEU D 324 19.34 -39.27 15.35
CA LEU D 324 20.08 -40.48 15.69
C LEU D 324 19.50 -41.04 16.98
N MET D 325 18.95 -42.24 16.90
CA MET D 325 18.44 -42.93 18.06
C MET D 325 19.57 -43.66 18.76
N CYS D 326 19.38 -43.97 20.04
CA CYS D 326 20.46 -44.47 20.88
C CYS D 326 20.38 -45.98 21.07
N GLY D 327 21.52 -46.64 20.95
CA GLY D 327 21.58 -48.09 21.05
C GLY D 327 21.51 -48.62 22.48
N ASN D 328 22.03 -47.86 23.44
CA ASN D 328 22.09 -48.28 24.85
C ASN D 328 20.72 -48.65 25.40
N ASN D 329 20.72 -49.65 26.28
CA ASN D 329 19.49 -50.19 26.83
C ASN D 329 18.83 -49.18 27.75
N ASN D 330 17.50 -49.04 27.59
CA ASN D 330 16.57 -48.17 28.33
C ASN D 330 16.75 -46.70 27.96
N CYS D 331 17.79 -46.34 27.21
CA CYS D 331 17.94 -44.96 26.80
C CYS D 331 17.11 -44.70 25.56
N CYS D 332 16.43 -43.57 25.55
CA CYS D 332 15.47 -43.26 24.50
C CYS D 332 15.80 -41.96 23.78
N ARG D 333 16.99 -41.41 24.01
CA ARG D 333 17.32 -40.09 23.49
C ARG D 333 17.65 -40.14 22.00
N CYS D 334 17.50 -39.00 21.34
CA CYS D 334 17.85 -38.84 19.94
C CYS D 334 18.65 -37.56 19.77
N PHE D 335 19.62 -37.57 18.85
CA PHE D 335 20.44 -36.42 18.51
C PHE D 335 20.41 -36.22 17.00
N CYS D 336 19.88 -35.10 16.53
CA CYS D 336 19.80 -34.84 15.10
C CYS D 336 21.18 -34.59 14.49
N VAL D 337 21.28 -34.87 13.18
CA VAL D 337 22.51 -34.75 12.39
C VAL D 337 23.16 -33.36 12.52
N GLU D 338 22.34 -32.31 12.61
CA GLU D 338 22.83 -30.93 12.60
C GLU D 338 23.60 -30.61 13.88
N CYS D 339 23.04 -31.00 15.03
CA CYS D 339 23.68 -30.79 16.34
C CYS D 339 25.03 -31.47 16.42
N VAL D 340 25.14 -32.71 15.93
CA VAL D 340 26.38 -33.48 16.00
C VAL D 340 27.47 -32.86 15.11
N ASP D 341 27.09 -32.03 14.13
CA ASP D 341 28.08 -31.41 13.26
C ASP D 341 28.84 -30.31 13.96
N LEU D 342 28.26 -29.69 14.98
CA LEU D 342 28.97 -28.66 15.71
C LEU D 342 29.75 -29.26 16.87
N LEU D 343 29.06 -30.01 17.73
CA LEU D 343 29.59 -30.38 19.03
C LEU D 343 30.57 -31.53 18.97
N VAL D 344 30.41 -32.45 18.01
CA VAL D 344 31.36 -33.56 17.84
C VAL D 344 32.21 -33.37 16.58
N GLY D 345 31.81 -32.49 15.66
CA GLY D 345 32.59 -32.21 14.48
C GLY D 345 31.82 -32.49 13.20
N PRO D 346 32.29 -31.97 12.07
CA PRO D 346 31.58 -32.17 10.81
C PRO D 346 31.73 -33.59 10.31
N GLY D 347 30.63 -34.14 9.79
CA GLY D 347 30.59 -35.51 9.34
C GLY D 347 30.60 -36.56 10.43
N ALA D 348 30.64 -36.15 11.70
CA ALA D 348 30.62 -37.10 12.81
C ALA D 348 29.29 -37.83 12.92
N ALA D 349 28.19 -37.19 12.52
CA ALA D 349 26.90 -37.86 12.53
C ALA D 349 26.83 -38.95 11.47
N GLN D 350 27.27 -38.63 10.24
CA GLN D 350 27.26 -39.62 9.16
C GLN D 350 28.20 -40.78 9.45
N ALA D 351 29.32 -40.50 10.11
CA ALA D 351 30.23 -41.56 10.55
C ALA D 351 29.66 -42.33 11.74
N ALA D 352 28.91 -41.65 12.61
CA ALA D 352 28.30 -42.26 13.78
C ALA D 352 27.12 -43.16 13.44
N ILE D 353 26.43 -42.89 12.32
CA ILE D 353 25.40 -43.81 11.83
C ILE D 353 25.99 -45.19 11.57
N LYS D 354 27.21 -45.22 11.03
CA LYS D 354 27.87 -46.44 10.62
C LYS D 354 28.35 -47.27 11.82
N GLU D 355 28.40 -46.67 13.00
CA GLU D 355 28.81 -47.37 14.21
C GLU D 355 27.59 -48.10 14.75
N ASP D 356 27.51 -49.42 14.46
CA ASP D 356 26.29 -50.20 14.72
C ASP D 356 25.97 -50.29 16.22
N PRO D 357 26.92 -50.66 17.14
CA PRO D 357 26.62 -50.42 18.57
C PRO D 357 27.00 -49.02 19.04
N TRP D 358 26.09 -48.05 18.92
CA TRP D 358 26.39 -46.66 19.23
C TRP D 358 25.76 -46.25 20.56
N ASN D 359 26.50 -45.44 21.32
CA ASN D 359 26.03 -44.87 22.58
C ASN D 359 25.90 -43.36 22.44
N CYS D 360 24.80 -42.81 22.95
CA CYS D 360 24.61 -41.36 22.90
C CYS D 360 25.44 -40.67 23.99
N TYR D 361 25.53 -39.35 23.88
CA TYR D 361 26.47 -38.56 24.66
C TYR D 361 26.04 -38.36 26.11
N MET D 362 24.76 -38.58 26.44
CA MET D 362 24.36 -38.68 27.83
C MET D 362 24.72 -40.04 28.43
N CYS D 363 24.97 -41.03 27.57
CA CYS D 363 25.31 -42.39 27.99
C CYS D 363 26.75 -42.78 27.69
N GLY D 364 27.52 -41.90 27.04
CA GLY D 364 28.89 -42.24 26.69
C GLY D 364 29.76 -42.49 27.91
N HIS D 365 30.60 -43.52 27.81
CA HIS D 365 31.36 -43.99 28.96
C HIS D 365 32.49 -43.04 29.32
N LYS D 366 33.09 -42.38 28.33
CA LYS D 366 34.17 -41.43 28.60
C LYS D 366 33.63 -40.21 29.34
N GLY D 367 32.54 -39.63 28.84
CA GLY D 367 31.91 -38.49 29.46
C GLY D 367 32.53 -37.16 29.14
N THR D 368 33.55 -37.12 28.26
CA THR D 368 34.27 -35.90 27.91
C THR D 368 34.62 -35.91 26.43
N TYR D 369 34.18 -34.88 25.71
CA TYR D 369 34.50 -34.72 24.30
C TYR D 369 35.05 -33.31 24.09
N GLY D 370 35.55 -33.07 22.89
CA GLY D 370 36.21 -31.81 22.56
C GLY D 370 35.40 -30.54 22.72
N LEU D 371 34.39 -30.35 21.88
CA LEU D 371 33.55 -29.17 21.96
C LEU D 371 32.38 -29.36 22.92
N LEU D 372 31.87 -30.57 23.04
CA LEU D 372 30.74 -30.90 23.91
C LEU D 372 31.24 -31.62 25.15
N ARG D 373 30.90 -31.10 26.32
CA ARG D 373 31.22 -31.82 27.55
C ARG D 373 29.95 -31.84 28.41
N ARG D 374 29.74 -32.94 29.11
CA ARG D 374 28.52 -33.11 29.88
C ARG D 374 28.71 -32.47 31.26
N ARG D 375 27.74 -31.63 31.65
CA ARG D 375 27.82 -30.93 32.92
C ARG D 375 27.43 -31.89 34.04
N GLU D 376 28.08 -31.77 35.21
CA GLU D 376 28.13 -32.88 36.16
C GLU D 376 26.83 -33.06 36.96
N ASP D 377 26.22 -31.98 37.45
CA ASP D 377 25.01 -32.16 38.27
C ASP D 377 23.73 -32.01 37.48
N TRP D 378 23.74 -32.53 36.24
CA TRP D 378 22.56 -32.48 35.37
C TRP D 378 21.24 -33.04 35.95
N PRO D 379 21.20 -34.13 36.76
CA PRO D 379 19.89 -34.47 37.35
C PRO D 379 19.41 -33.42 38.34
N SER D 380 20.33 -32.88 39.14
CA SER D 380 20.01 -31.80 40.06
C SER D 380 19.54 -30.57 39.31
N ARG D 381 20.21 -30.24 38.21
CA ARG D 381 19.80 -29.11 37.37
C ARG D 381 18.45 -29.36 36.72
N LEU D 382 18.17 -30.61 36.34
CA LEU D 382 16.86 -30.96 35.79
C LEU D 382 15.76 -30.74 36.82
N GLN D 383 16.00 -31.11 38.07
CA GLN D 383 15.04 -30.84 39.14
C GLN D 383 14.90 -29.34 39.40
N MET D 384 16.03 -28.61 39.40
CA MET D 384 16.01 -27.16 39.62
C MET D 384 15.33 -26.40 38.48
N PHE D 385 15.39 -26.96 37.26
CA PHE D 385 14.87 -26.32 36.04
C PHE D 385 13.39 -26.02 36.13
N PHE D 386 12.63 -26.85 36.84
CA PHE D 386 11.21 -26.57 37.03
C PHE D 386 10.98 -25.53 38.11
N ALA D 387 11.85 -25.51 39.14
CA ALA D 387 11.84 -24.40 40.10
C ALA D 387 12.25 -23.10 39.42
N ASN D 388 13.06 -23.19 38.36
CA ASN D 388 13.49 -22.06 37.52
C ASN D 388 12.31 -21.44 36.74
N ASN D 389 11.14 -22.07 36.73
CA ASN D 389 9.97 -21.51 36.05
C ASN D 389 9.30 -20.50 36.97
N HIS D 390 10.00 -19.38 37.15
CA HIS D 390 9.53 -18.26 37.94
C HIS D 390 8.89 -17.19 37.08
N ASP D 391 8.78 -17.44 35.76
CA ASP D 391 8.07 -16.55 34.85
C ASP D 391 6.61 -16.44 35.28
N GLN D 392 6.00 -17.58 35.60
CA GLN D 392 4.64 -17.62 36.14
C GLN D 392 4.71 -17.53 37.67
N GLU D 393 5.04 -16.31 38.13
CA GLU D 393 5.10 -16.06 39.57
C GLU D 393 3.69 -16.08 40.17
N PHE D 394 3.55 -16.75 41.31
CA PHE D 394 2.29 -16.81 42.03
C PHE D 394 2.55 -16.82 43.53
N ASP D 395 1.52 -16.46 44.29
CA ASP D 395 1.60 -16.44 45.74
C ASP D 395 1.68 -17.86 46.29
N PRO D 396 2.31 -18.06 47.45
CA PRO D 396 2.38 -19.42 48.01
C PRO D 396 1.02 -19.88 48.50
N PRO D 397 0.75 -21.19 48.43
CA PRO D 397 -0.56 -21.71 48.89
C PRO D 397 -0.81 -21.50 50.37
N LYS D 398 -2.05 -21.16 50.70
CA LYS D 398 -2.46 -20.89 52.08
C LYS D 398 -2.32 -22.13 52.95
N VAL D 399 -1.46 -22.03 53.97
CA VAL D 399 -1.20 -23.12 54.91
C VAL D 399 -2.22 -23.06 56.06
N TYR D 400 -3.02 -24.13 56.21
CA TYR D 400 -4.03 -24.26 57.25
C TYR D 400 -3.46 -24.96 58.48
N PRO D 401 -3.67 -24.42 59.68
CA PRO D 401 -3.08 -25.02 60.91
C PRO D 401 -3.72 -26.35 61.26
N PRO D 402 -2.91 -27.32 61.69
CA PRO D 402 -3.40 -28.67 62.03
C PRO D 402 -4.50 -28.74 63.08
N VAL D 403 -5.53 -29.52 62.77
CA VAL D 403 -6.67 -29.77 63.64
C VAL D 403 -6.27 -30.83 64.66
N PRO D 404 -6.61 -30.67 65.95
CA PRO D 404 -6.28 -31.69 66.96
C PRO D 404 -6.89 -33.05 66.65
N ALA D 405 -6.19 -34.10 67.12
CA ALA D 405 -6.49 -35.48 66.74
C ALA D 405 -7.88 -35.92 67.16
N GLU D 406 -8.31 -35.51 68.36
CA GLU D 406 -9.63 -35.88 68.86
C GLU D 406 -10.75 -35.24 68.06
N LYS D 407 -10.48 -34.09 67.44
CA LYS D 407 -11.47 -33.31 66.70
C LYS D 407 -11.62 -33.77 65.26
N ARG D 408 -10.70 -34.58 64.75
CA ARG D 408 -10.68 -35.01 63.35
C ARG D 408 -11.94 -35.80 63.00
N LYS D 409 -12.34 -35.69 61.74
CA LYS D 409 -13.55 -36.28 61.19
C LYS D 409 -13.22 -37.00 59.90
N PRO D 410 -14.09 -37.90 59.42
CA PRO D 410 -13.84 -38.54 58.12
C PRO D 410 -13.83 -37.57 56.94
N ILE D 411 -12.94 -37.83 55.98
CA ILE D 411 -12.74 -36.96 54.82
C ILE D 411 -13.86 -37.17 53.81
N ARG D 412 -14.22 -36.08 53.13
CA ARG D 412 -15.18 -36.12 52.04
C ARG D 412 -14.51 -35.68 50.75
N VAL D 413 -14.67 -36.48 49.69
CA VAL D 413 -13.88 -36.32 48.47
C VAL D 413 -14.84 -36.17 47.30
N LEU D 414 -14.66 -35.10 46.53
CA LEU D 414 -15.24 -34.97 45.20
C LEU D 414 -14.12 -35.29 44.22
N SER D 415 -14.35 -36.28 43.37
CA SER D 415 -13.29 -36.80 42.51
C SER D 415 -13.80 -36.76 41.07
N LEU D 416 -13.26 -35.83 40.31
CA LEU D 416 -13.64 -35.66 38.92
C LEU D 416 -12.65 -36.42 38.06
N PHE D 417 -13.13 -36.95 36.94
CA PHE D 417 -12.37 -37.84 36.05
C PHE D 417 -11.75 -38.98 36.84
N ASP D 418 -12.62 -39.71 37.54
CA ASP D 418 -12.17 -40.63 38.58
C ASP D 418 -11.41 -41.81 38.01
N GLY D 419 -11.86 -42.32 36.86
CA GLY D 419 -11.25 -43.49 36.28
C GLY D 419 -11.52 -44.73 37.13
N ILE D 420 -10.45 -45.35 37.59
CA ILE D 420 -10.55 -46.63 38.29
C ILE D 420 -10.44 -46.47 39.81
N ALA D 421 -10.76 -45.27 40.33
CA ALA D 421 -10.83 -44.96 41.77
C ALA D 421 -9.49 -45.14 42.47
N THR D 422 -8.43 -44.62 41.82
CA THR D 422 -7.10 -44.65 42.43
C THR D 422 -7.04 -43.81 43.70
N GLY D 423 -7.75 -42.68 43.71
CA GLY D 423 -7.72 -41.78 44.86
C GLY D 423 -8.28 -42.40 46.13
N LEU D 424 -9.49 -42.96 46.03
CA LEU D 424 -10.12 -43.62 47.17
C LEU D 424 -9.30 -44.81 47.67
N LEU D 425 -8.77 -45.60 46.73
CA LEU D 425 -7.88 -46.72 47.03
C LEU D 425 -6.67 -46.28 47.86
N VAL D 426 -6.04 -45.19 47.44
CA VAL D 426 -4.87 -44.67 48.15
C VAL D 426 -5.27 -44.17 49.54
N LEU D 427 -6.44 -43.51 49.64
CA LEU D 427 -6.94 -43.04 50.94
C LEU D 427 -7.19 -44.21 51.89
N LYS D 428 -7.72 -45.32 51.36
CA LYS D 428 -7.87 -46.55 52.13
C LYS D 428 -6.52 -47.09 52.58
N ASP D 429 -5.57 -47.21 51.64
CA ASP D 429 -4.19 -47.64 51.94
C ASP D 429 -3.53 -46.81 53.04
N LEU D 430 -3.87 -45.51 53.12
CA LEU D 430 -3.36 -44.66 54.18
C LEU D 430 -4.17 -44.79 55.47
N GLY D 431 -5.29 -45.49 55.42
CA GLY D 431 -6.11 -45.69 56.60
C GLY D 431 -6.87 -44.46 57.04
N ILE D 432 -7.27 -43.61 56.10
CA ILE D 432 -8.09 -42.44 56.39
C ILE D 432 -9.56 -42.82 56.24
N GLN D 433 -10.36 -42.52 57.27
CA GLN D 433 -11.80 -42.76 57.21
C GLN D 433 -12.43 -41.87 56.16
N VAL D 434 -13.22 -42.46 55.27
CA VAL D 434 -13.84 -41.75 54.17
C VAL D 434 -15.34 -41.70 54.45
N ASP D 435 -15.84 -40.51 54.78
CA ASP D 435 -17.28 -40.30 54.97
C ASP D 435 -18.04 -40.60 53.68
N ARG D 436 -17.60 -40.02 52.58
CA ARG D 436 -18.24 -40.24 51.29
C ARG D 436 -17.24 -39.93 50.18
N TYR D 437 -17.53 -40.47 49.00
CA TYR D 437 -16.63 -40.36 47.84
C TYR D 437 -17.51 -40.21 46.60
N ILE D 438 -17.79 -38.96 46.25
CA ILE D 438 -18.58 -38.65 45.06
C ILE D 438 -17.65 -38.69 43.86
N ALA D 439 -18.08 -39.32 42.76
CA ALA D 439 -17.21 -39.51 41.62
C ALA D 439 -17.97 -39.35 40.31
N SER D 440 -17.45 -38.49 39.44
CA SER D 440 -17.95 -38.35 38.08
C SER D 440 -17.01 -39.09 37.12
N GLU D 441 -17.60 -39.88 36.23
CA GLU D 441 -16.87 -40.65 35.22
C GLU D 441 -17.89 -41.08 34.17
N VAL D 442 -17.40 -41.34 32.95
CA VAL D 442 -18.28 -41.67 31.82
C VAL D 442 -17.92 -43.03 31.20
N CYS D 443 -16.72 -43.54 31.40
CA CYS D 443 -16.33 -44.82 30.79
C CYS D 443 -16.82 -45.95 31.69
N GLU D 444 -17.67 -46.81 31.12
CA GLU D 444 -18.39 -47.85 31.87
C GLU D 444 -17.45 -48.84 32.54
N ASP D 445 -16.37 -49.22 31.86
CA ASP D 445 -15.39 -50.15 32.40
C ASP D 445 -14.77 -49.61 33.69
N SER D 446 -14.40 -48.33 33.70
CA SER D 446 -13.81 -47.70 34.87
C SER D 446 -14.81 -47.60 36.02
N ILE D 447 -16.08 -47.30 35.69
CA ILE D 447 -17.17 -47.31 36.66
C ILE D 447 -17.23 -48.65 37.36
N THR D 448 -17.30 -49.72 36.56
CA THR D 448 -17.35 -51.11 37.05
C THR D 448 -16.17 -51.45 37.96
N VAL D 449 -14.94 -51.11 37.52
CA VAL D 449 -13.73 -51.32 38.32
C VAL D 449 -13.88 -50.70 39.69
N GLY D 450 -14.33 -49.44 39.74
CA GLY D 450 -14.49 -48.77 41.02
C GLY D 450 -15.57 -49.40 41.89
N MET D 451 -16.73 -49.69 41.28
CA MET D 451 -17.86 -50.37 41.92
C MET D 451 -17.42 -51.62 42.67
N VAL D 452 -16.78 -52.53 41.94
CA VAL D 452 -16.39 -53.81 42.54
C VAL D 452 -15.31 -53.62 43.59
N ARG D 453 -14.21 -52.95 43.21
CA ARG D 453 -13.06 -52.85 44.11
C ARG D 453 -13.34 -52.03 45.36
N HIS D 454 -14.32 -51.13 45.30
CA HIS D 454 -14.62 -50.26 46.43
C HIS D 454 -16.03 -50.49 46.95
N GLN D 455 -16.65 -51.60 46.53
CA GLN D 455 -17.70 -52.30 47.28
C GLN D 455 -18.98 -51.48 47.44
N GLY D 456 -19.36 -50.76 46.39
CA GLY D 456 -20.59 -50.00 46.40
C GLY D 456 -20.51 -48.67 47.12
N LYS D 457 -19.41 -48.39 47.83
CA LYS D 457 -19.27 -47.17 48.62
C LYS D 457 -19.31 -45.92 47.75
N ILE D 458 -18.85 -46.02 46.50
CA ILE D 458 -18.73 -44.85 45.63
C ILE D 458 -20.12 -44.51 45.09
N MET D 459 -20.54 -43.26 45.28
CA MET D 459 -21.77 -42.74 44.68
C MET D 459 -21.45 -42.20 43.29
N TYR D 460 -21.90 -42.92 42.26
CA TYR D 460 -21.57 -42.59 40.88
C TYR D 460 -22.45 -41.51 40.29
N VAL D 461 -21.81 -40.48 39.73
CA VAL D 461 -22.44 -39.42 38.97
C VAL D 461 -22.15 -39.66 37.48
N GLY D 462 -22.84 -38.92 36.61
CA GLY D 462 -22.61 -39.01 35.19
C GLY D 462 -21.50 -38.07 34.76
N ASP D 463 -21.65 -37.53 33.54
CA ASP D 463 -20.74 -36.53 32.98
C ASP D 463 -20.54 -35.33 33.90
N VAL D 464 -19.30 -34.83 33.92
CA VAL D 464 -18.92 -33.68 34.74
C VAL D 464 -19.71 -32.43 34.33
N ARG D 465 -20.09 -32.33 33.05
CA ARG D 465 -20.81 -31.16 32.55
C ARG D 465 -22.26 -31.13 32.97
N SER D 466 -22.75 -32.18 33.62
CA SER D 466 -24.11 -32.22 34.14
C SER D 466 -24.15 -31.89 35.62
N VAL D 467 -22.99 -31.65 36.23
CA VAL D 467 -22.90 -31.36 37.65
C VAL D 467 -23.02 -29.85 37.83
N THR D 468 -24.08 -29.42 38.52
CA THR D 468 -24.36 -28.01 38.75
C THR D 468 -23.83 -27.60 40.12
N GLN D 469 -23.82 -26.28 40.37
CA GLN D 469 -23.44 -25.78 41.69
C GLN D 469 -24.43 -26.23 42.76
N LYS D 470 -25.70 -26.36 42.38
CA LYS D 470 -26.74 -26.89 43.29
C LYS D 470 -26.42 -28.32 43.72
N HIS D 471 -26.06 -29.17 42.75
CA HIS D 471 -25.52 -30.52 43.03
C HIS D 471 -24.38 -30.49 44.03
N ILE D 472 -23.41 -29.59 43.81
CA ILE D 472 -22.24 -29.47 44.70
C ILE D 472 -22.67 -29.09 46.11
N GLN D 473 -23.68 -28.22 46.23
CA GLN D 473 -24.12 -27.79 47.56
C GLN D 473 -24.89 -28.89 48.27
N GLU D 474 -25.78 -29.60 47.57
CA GLU D 474 -26.65 -30.57 48.22
C GLU D 474 -25.95 -31.91 48.52
N TRP D 475 -24.80 -32.17 47.91
CA TRP D 475 -24.03 -33.37 48.20
C TRP D 475 -23.06 -33.18 49.38
N GLY D 476 -23.31 -32.16 50.20
CA GLY D 476 -22.58 -31.97 51.43
C GLY D 476 -21.25 -31.30 51.19
N PRO D 477 -20.72 -30.62 52.22
CA PRO D 477 -19.40 -29.98 52.10
C PRO D 477 -18.33 -31.00 51.76
N PHE D 478 -17.42 -30.60 50.88
CA PHE D 478 -16.33 -31.47 50.48
C PHE D 478 -15.05 -31.03 51.16
N ASP D 479 -14.25 -32.01 51.54
CA ASP D 479 -12.97 -31.76 52.20
C ASP D 479 -11.78 -31.90 51.27
N LEU D 480 -11.95 -32.57 50.14
CA LEU D 480 -10.87 -32.86 49.20
C LEU D 480 -11.47 -33.01 47.82
N VAL D 481 -11.06 -32.17 46.88
CA VAL D 481 -11.48 -32.25 45.49
C VAL D 481 -10.26 -32.57 44.65
N ILE D 482 -10.35 -33.65 43.86
CA ILE D 482 -9.22 -34.15 43.10
C ILE D 482 -9.66 -34.41 41.67
N GLY D 483 -8.66 -34.45 40.78
CA GLY D 483 -8.94 -34.75 39.40
C GLY D 483 -7.76 -34.61 38.44
N GLY D 484 -7.86 -35.33 37.32
CA GLY D 484 -6.88 -35.25 36.25
C GLY D 484 -7.54 -35.24 34.89
N SER D 485 -7.25 -34.22 34.07
CA SER D 485 -7.86 -34.07 32.75
C SER D 485 -7.44 -35.23 31.84
N PRO D 486 -8.24 -35.53 30.81
CA PRO D 486 -7.84 -36.55 29.83
C PRO D 486 -6.47 -36.25 29.21
N CYS D 487 -5.64 -37.28 29.23
CA CYS D 487 -4.25 -37.16 28.80
C CYS D 487 -3.97 -37.88 27.50
N ASN D 488 -4.90 -38.71 27.02
CA ASN D 488 -4.70 -39.50 25.81
C ASN D 488 -4.54 -38.61 24.59
N ASP D 489 -5.30 -37.51 24.52
CA ASP D 489 -5.19 -36.62 23.37
C ASP D 489 -4.00 -35.69 23.50
N LEU D 490 -3.59 -35.37 24.72
CA LEU D 490 -2.39 -34.57 24.93
C LEU D 490 -1.14 -35.38 24.65
N SER D 491 -1.15 -36.66 25.03
CA SER D 491 -0.01 -37.56 24.83
C SER D 491 0.27 -37.80 23.35
N ILE D 492 1.57 -37.89 23.03
CA ILE D 492 2.04 -38.13 21.66
C ILE D 492 1.95 -39.61 21.30
N VAL D 493 1.54 -40.47 22.23
CA VAL D 493 1.48 -41.90 21.98
C VAL D 493 0.30 -42.29 21.09
N ASN D 494 -0.80 -41.54 21.15
CA ASN D 494 -1.97 -41.81 20.29
C ASN D 494 -1.66 -41.38 18.86
N PRO D 495 -1.73 -42.27 17.88
CA PRO D 495 -1.46 -41.86 16.47
C PRO D 495 -2.37 -40.77 15.94
N ALA D 496 -3.63 -40.73 16.36
CA ALA D 496 -4.60 -39.78 15.83
C ALA D 496 -4.66 -38.53 16.71
N ARG D 497 -3.64 -37.69 16.54
CA ARG D 497 -3.54 -36.43 17.30
C ARG D 497 -4.17 -35.31 16.46
N LYS D 498 -5.51 -35.29 16.46
CA LYS D 498 -6.23 -34.26 15.74
C LYS D 498 -6.04 -32.89 16.40
N GLY D 499 -6.12 -32.85 17.71
CA GLY D 499 -5.82 -31.64 18.45
C GLY D 499 -5.45 -31.95 19.88
N LEU D 500 -5.04 -30.90 20.58
CA LEU D 500 -4.63 -30.96 21.98
C LEU D 500 -5.52 -30.10 22.84
N TYR D 501 -5.92 -28.95 22.33
CA TYR D 501 -6.75 -28.01 23.07
C TYR D 501 -8.22 -28.43 23.02
N GLU D 502 -8.60 -29.15 21.97
CA GLU D 502 -9.96 -29.64 21.83
C GLU D 502 -10.21 -30.82 22.75
N GLY D 503 -11.44 -30.91 23.25
CA GLY D 503 -11.83 -32.01 24.10
C GLY D 503 -11.24 -31.94 25.51
N THR D 504 -9.92 -32.15 25.61
CA THR D 504 -9.25 -32.21 26.91
C THR D 504 -9.22 -30.85 27.61
N GLY D 505 -8.95 -29.79 26.84
CA GLY D 505 -8.84 -28.46 27.44
C GLY D 505 -10.16 -28.00 28.01
N ARG D 506 -11.26 -28.27 27.29
CA ARG D 506 -12.61 -27.88 27.70
C ARG D 506 -12.98 -28.55 29.00
N LEU D 507 -12.73 -29.85 29.07
CA LEU D 507 -12.95 -30.65 30.26
C LEU D 507 -12.14 -30.17 31.46
N PHE D 508 -10.96 -29.57 31.21
CA PHE D 508 -10.17 -28.96 32.28
C PHE D 508 -10.98 -27.93 33.05
N PHE D 509 -11.70 -27.08 32.31
CA PHE D 509 -12.46 -25.99 32.91
C PHE D 509 -13.57 -26.50 33.78
N GLU D 510 -14.08 -27.69 33.43
CA GLU D 510 -15.09 -28.35 34.25
C GLU D 510 -14.60 -28.55 35.66
N PHE D 511 -13.36 -29.09 35.80
CA PHE D 511 -12.69 -29.19 37.09
C PHE D 511 -12.64 -27.84 37.77
N TYR D 512 -12.18 -26.83 37.01
CA TYR D 512 -12.05 -25.45 37.45
C TYR D 512 -13.34 -24.96 38.07
N ARG D 513 -14.44 -25.15 37.32
CA ARG D 513 -15.76 -24.68 37.77
C ARG D 513 -16.15 -25.34 39.06
N LEU D 514 -16.08 -26.67 39.10
CA LEU D 514 -16.58 -27.39 40.26
C LEU D 514 -15.70 -27.15 41.46
N LEU D 515 -14.42 -26.85 41.22
CA LEU D 515 -13.51 -26.48 42.30
C LEU D 515 -14.03 -25.25 43.02
N HIS D 516 -14.38 -24.21 42.26
CA HIS D 516 -14.95 -23.00 42.83
C HIS D 516 -16.29 -23.28 43.47
N ASP D 517 -17.05 -24.23 42.91
CA ASP D 517 -18.32 -24.59 43.50
C ASP D 517 -18.13 -25.29 44.83
N ALA D 518 -17.03 -26.04 44.99
CA ALA D 518 -16.82 -26.83 46.19
C ALA D 518 -16.03 -26.09 47.26
N ARG D 519 -15.49 -24.93 46.94
CA ARG D 519 -14.59 -24.19 47.81
C ARG D 519 -15.41 -23.47 48.89
N PRO D 520 -14.97 -23.52 50.15
CA PRO D 520 -15.61 -22.71 51.19
C PRO D 520 -15.38 -21.22 50.95
N LYS D 521 -16.33 -20.42 51.44
CA LYS D 521 -16.22 -18.97 51.35
C LYS D 521 -15.07 -18.45 52.21
N GLU D 522 -14.64 -17.24 51.89
CA GLU D 522 -13.69 -16.53 52.74
C GLU D 522 -14.35 -16.25 54.10
N GLY D 523 -13.58 -16.42 55.16
CA GLY D 523 -14.13 -16.39 56.50
C GLY D 523 -14.52 -17.75 57.04
N ASP D 524 -14.77 -18.72 56.17
CA ASP D 524 -14.92 -20.12 56.55
C ASP D 524 -13.53 -20.75 56.47
N ASP D 525 -12.87 -20.87 57.62
CA ASP D 525 -11.49 -21.33 57.70
C ASP D 525 -11.38 -22.84 57.88
N ARG D 526 -12.43 -23.59 57.54
CA ARG D 526 -12.36 -25.04 57.61
C ARG D 526 -11.34 -25.55 56.59
N PRO D 527 -10.59 -26.62 56.92
CA PRO D 527 -9.61 -27.15 55.97
C PRO D 527 -10.26 -27.65 54.69
N PHE D 528 -9.63 -27.32 53.56
CA PHE D 528 -10.11 -27.70 52.24
C PHE D 528 -8.91 -27.90 51.34
N PHE D 529 -8.96 -28.96 50.54
CA PHE D 529 -7.80 -29.34 49.75
C PHE D 529 -8.21 -29.80 48.37
N TRP D 530 -7.32 -29.58 47.41
CA TRP D 530 -7.60 -29.90 46.02
C TRP D 530 -6.32 -30.30 45.31
N LEU D 531 -6.49 -31.13 44.28
CA LEU D 531 -5.37 -31.65 43.50
C LEU D 531 -5.82 -31.75 42.05
N PHE D 532 -5.05 -31.14 41.16
CA PHE D 532 -5.19 -31.37 39.74
C PHE D 532 -3.92 -31.99 39.18
N GLU D 533 -4.10 -32.91 38.23
CA GLU D 533 -3.04 -33.69 37.62
C GLU D 533 -3.06 -33.53 36.10
N ASN D 534 -1.87 -33.51 35.48
CA ASN D 534 -1.76 -33.46 34.00
C ASN D 534 -0.40 -33.99 33.58
N VAL D 535 -0.21 -34.19 32.26
CA VAL D 535 1.05 -34.71 31.70
C VAL D 535 2.07 -33.59 31.53
N VAL D 536 3.34 -33.99 31.44
CA VAL D 536 4.41 -33.03 31.19
C VAL D 536 4.55 -32.67 29.70
N ALA D 537 4.14 -33.56 28.79
CA ALA D 537 4.24 -33.28 27.37
C ALA D 537 3.03 -32.44 26.93
N MET D 538 3.09 -31.15 27.28
CA MET D 538 2.00 -30.24 27.00
C MET D 538 2.53 -28.89 26.51
N GLY D 539 1.62 -28.08 25.96
CA GLY D 539 1.99 -26.76 25.47
C GLY D 539 2.33 -25.78 26.57
N VAL D 540 3.13 -24.77 26.22
CA VAL D 540 3.56 -23.78 27.21
C VAL D 540 2.43 -22.82 27.54
N SER D 541 1.76 -22.28 26.51
CA SER D 541 0.62 -21.39 26.73
C SER D 541 -0.54 -22.14 27.39
N ASP D 542 -0.68 -23.42 27.07
CA ASP D 542 -1.62 -24.30 27.76
C ASP D 542 -1.30 -24.38 29.25
N LYS D 543 -0.03 -24.68 29.56
CA LYS D 543 0.44 -24.78 30.94
C LYS D 543 0.29 -23.45 31.68
N ARG D 544 0.52 -22.34 30.96
CA ARG D 544 0.37 -21.03 31.55
C ARG D 544 -1.08 -20.78 31.90
N ASP D 545 -2.01 -21.07 30.98
CA ASP D 545 -3.44 -20.85 31.20
C ASP D 545 -3.95 -21.69 32.36
N ILE D 546 -3.47 -22.93 32.45
CA ILE D 546 -3.79 -23.80 33.59
C ILE D 546 -3.28 -23.19 34.89
N SER D 547 -2.01 -22.73 34.90
CA SER D 547 -1.44 -22.10 36.09
C SER D 547 -2.17 -20.80 36.44
N ARG D 548 -2.64 -20.07 35.42
CA ARG D 548 -3.35 -18.81 35.64
C ARG D 548 -4.69 -19.07 36.31
N PHE D 549 -5.38 -20.11 35.85
CA PHE D 549 -6.73 -20.35 36.31
C PHE D 549 -6.73 -21.01 37.69
N LEU D 550 -5.83 -21.96 37.92
CA LEU D 550 -5.75 -22.55 39.24
C LEU D 550 -4.94 -21.69 40.20
N GLU D 551 -4.38 -20.57 39.71
CA GLU D 551 -3.67 -19.57 40.51
C GLU D 551 -2.54 -20.17 41.33
N SER D 552 -1.81 -21.09 40.71
CA SER D 552 -0.72 -21.79 41.38
C SER D 552 0.36 -22.17 40.36
N ASN D 553 1.50 -22.62 40.90
CA ASN D 553 2.74 -23.08 40.29
C ASN D 553 2.73 -24.60 40.25
N PRO D 554 2.99 -25.23 39.10
CA PRO D 554 2.95 -26.69 39.05
C PRO D 554 4.14 -27.32 39.77
N VAL D 555 3.90 -28.51 40.33
CA VAL D 555 5.00 -29.37 40.76
C VAL D 555 5.07 -30.54 39.78
N MET D 556 6.25 -30.80 39.22
CA MET D 556 6.45 -31.99 38.41
C MET D 556 6.95 -33.08 39.34
N ILE D 557 6.27 -34.22 39.30
CA ILE D 557 6.66 -35.39 40.06
C ILE D 557 6.80 -36.54 39.08
N ASP D 558 7.95 -37.21 39.10
CA ASP D 558 8.20 -38.36 38.24
C ASP D 558 8.12 -39.62 39.10
N ALA D 559 7.34 -40.59 38.64
CA ALA D 559 7.12 -41.81 39.40
C ALA D 559 8.34 -42.71 39.48
N LYS D 560 9.35 -42.54 38.58
CA LYS D 560 10.57 -43.35 38.60
C LYS D 560 11.25 -43.37 39.97
N GLU D 561 11.14 -42.26 40.72
CA GLU D 561 11.71 -42.16 42.05
C GLU D 561 11.13 -43.21 43.00
N VAL D 562 9.85 -43.54 42.84
CA VAL D 562 9.20 -44.51 43.72
C VAL D 562 8.64 -45.72 43.00
N SER D 563 8.57 -45.75 41.67
CA SER D 563 7.98 -46.90 40.97
C SER D 563 8.81 -47.27 39.75
N ALA D 564 8.41 -48.36 39.11
CA ALA D 564 9.10 -48.91 37.94
C ALA D 564 8.59 -48.36 36.61
N ALA D 565 8.00 -47.17 36.60
CA ALA D 565 7.52 -46.55 35.38
C ALA D 565 8.04 -45.12 35.28
N HIS D 566 8.33 -44.68 34.05
CA HIS D 566 8.60 -43.27 33.81
C HIS D 566 7.26 -42.58 33.61
N ARG D 567 6.84 -41.86 34.63
CA ARG D 567 5.54 -41.26 34.71
C ARG D 567 5.77 -39.87 35.32
N ALA D 568 6.08 -38.90 34.46
CA ALA D 568 6.35 -37.54 34.89
C ALA D 568 5.05 -36.78 34.71
N ARG D 569 4.53 -36.23 35.82
CA ARG D 569 3.22 -35.62 35.83
C ARG D 569 3.25 -34.31 36.61
N TYR D 570 2.46 -33.34 36.15
CA TYR D 570 2.24 -32.12 36.91
C TYR D 570 1.12 -32.31 37.91
N PHE D 571 1.34 -31.74 39.09
CA PHE D 571 0.39 -31.72 40.19
C PHE D 571 0.30 -30.29 40.69
N TRP D 572 -0.84 -29.65 40.41
CA TRP D 572 -1.23 -28.41 41.06
C TRP D 572 -2.05 -28.75 42.30
N GLY D 573 -1.89 -27.94 43.33
CA GLY D 573 -2.70 -28.15 44.52
C GLY D 573 -2.17 -27.40 45.73
N ASN D 574 -2.92 -27.53 46.82
CA ASN D 574 -2.59 -26.90 48.09
C ASN D 574 -2.40 -27.90 49.23
N LEU D 575 -2.22 -29.18 48.91
CA LEU D 575 -1.92 -30.17 49.92
C LEU D 575 -0.56 -29.85 50.54
N PRO D 576 -0.44 -29.89 51.87
CA PRO D 576 0.86 -29.63 52.51
C PRO D 576 1.91 -30.64 52.06
N GLY D 577 3.14 -30.14 51.90
CA GLY D 577 4.23 -31.02 51.51
C GLY D 577 4.11 -31.59 50.11
N MET D 578 3.60 -30.79 49.16
CA MET D 578 3.56 -31.26 47.78
C MET D 578 4.89 -31.07 47.07
N ASN D 579 5.79 -30.26 47.64
CA ASN D 579 7.11 -30.01 47.06
C ASN D 579 8.18 -30.98 47.55
N ARG D 580 8.02 -31.51 48.77
CA ARG D 580 9.04 -32.32 49.46
C ARG D 580 9.45 -33.55 48.64
N PRO D 581 10.68 -34.05 48.81
CA PRO D 581 11.17 -35.14 47.93
C PRO D 581 10.47 -36.47 48.18
N LEU D 582 10.40 -37.26 47.10
CA LEU D 582 9.71 -38.55 47.14
C LEU D 582 10.57 -39.63 47.76
N ALA D 583 9.99 -40.35 48.72
CA ALA D 583 10.62 -41.50 49.33
C ALA D 583 9.93 -42.77 48.84
N SER D 584 10.74 -43.78 48.53
CA SER D 584 10.26 -45.08 48.07
C SER D 584 10.37 -46.09 49.21
N THR D 585 9.23 -46.58 49.67
CA THR D 585 9.22 -47.63 50.69
C THR D 585 9.65 -48.97 50.08
N VAL D 586 10.04 -49.90 50.96
CA VAL D 586 10.55 -51.20 50.56
C VAL D 586 9.50 -52.00 49.77
N ASN D 587 8.22 -51.80 50.08
CA ASN D 587 7.14 -52.43 49.32
C ASN D 587 7.14 -52.02 47.86
N ASP D 588 7.54 -50.79 47.57
CA ASP D 588 7.59 -50.31 46.19
C ASP D 588 8.72 -51.01 45.44
N LYS D 589 8.52 -51.21 44.15
CA LYS D 589 9.45 -51.99 43.32
C LYS D 589 10.12 -51.08 42.30
N LEU D 590 11.36 -50.68 42.60
CA LEU D 590 12.13 -49.78 41.75
C LEU D 590 12.74 -50.47 40.54
N GLU D 591 12.63 -51.78 40.42
CA GLU D 591 13.15 -52.52 39.28
C GLU D 591 11.98 -53.18 38.58
N LEU D 592 12.04 -53.22 37.26
CA LEU D 592 10.97 -53.84 36.48
C LEU D 592 10.86 -55.32 36.77
N GLN D 593 12.03 -55.98 36.96
CA GLN D 593 12.11 -57.44 37.12
C GLN D 593 11.30 -57.94 38.32
N GLU D 594 11.31 -57.19 39.42
CA GLU D 594 10.49 -57.55 40.58
C GLU D 594 8.99 -57.50 40.29
N CYS D 595 8.58 -56.76 39.26
CA CYS D 595 7.17 -56.63 38.92
C CYS D 595 6.73 -57.65 37.89
N LEU D 596 7.66 -58.45 37.37
CA LEU D 596 7.32 -59.42 36.34
C LEU D 596 6.71 -60.66 36.98
N GLU D 597 6.14 -61.51 36.13
CA GLU D 597 5.71 -62.81 36.62
C GLU D 597 6.93 -63.73 36.69
N HIS D 598 6.78 -64.81 37.46
CA HIS D 598 7.84 -65.80 37.56
C HIS D 598 7.97 -66.51 36.22
N GLY D 599 9.21 -66.81 35.84
CA GLY D 599 9.50 -67.35 34.54
C GLY D 599 9.83 -66.31 33.50
N ARG D 600 9.68 -65.03 33.83
CA ARG D 600 9.96 -63.93 32.91
C ARG D 600 11.18 -63.18 33.41
N ILE D 601 11.95 -62.66 32.46
CA ILE D 601 13.08 -61.81 32.77
C ILE D 601 12.98 -60.54 31.95
N ALA D 602 13.24 -59.41 32.59
CA ALA D 602 13.14 -58.11 31.94
C ALA D 602 14.54 -57.60 31.59
N LYS D 603 14.78 -57.35 30.31
CA LYS D 603 15.97 -56.59 29.92
C LYS D 603 15.87 -55.16 30.41
N PHE D 604 14.65 -54.64 30.53
CA PHE D 604 14.43 -53.27 30.95
C PHE D 604 14.37 -53.20 32.47
N SER D 605 14.79 -52.06 33.01
CA SER D 605 14.62 -51.80 34.43
C SER D 605 13.45 -50.86 34.70
N LYS D 606 13.02 -50.12 33.67
CA LYS D 606 11.88 -49.22 33.71
C LYS D 606 11.10 -49.36 32.41
N VAL D 607 9.79 -49.16 32.47
CA VAL D 607 8.93 -49.11 31.28
C VAL D 607 8.51 -47.67 31.06
N ARG D 608 8.78 -47.16 29.86
CA ARG D 608 8.42 -45.81 29.47
C ARG D 608 6.97 -45.84 28.97
N THR D 609 6.08 -45.19 29.71
CA THR D 609 4.66 -45.17 29.37
C THR D 609 4.07 -43.85 29.84
N ILE D 610 3.60 -43.05 28.90
CA ILE D 610 3.13 -41.69 29.18
C ILE D 610 1.68 -41.53 28.75
N GLN D 623 11.93 -51.23 20.38
CA GLN D 623 11.77 -52.16 21.50
C GLN D 623 10.43 -51.88 22.17
N HIS D 624 9.37 -51.99 21.36
CA HIS D 624 8.00 -51.73 21.83
C HIS D 624 7.58 -52.69 22.93
N PHE D 625 7.90 -53.96 22.78
CA PHE D 625 7.40 -54.98 23.68
C PHE D 625 8.50 -55.30 24.70
N PRO D 626 8.32 -54.93 25.96
CA PRO D 626 9.46 -54.82 26.88
C PRO D 626 10.05 -56.11 27.42
N VAL D 627 9.60 -57.31 27.05
CA VAL D 627 9.97 -58.50 27.81
C VAL D 627 10.62 -59.55 26.91
N PHE D 628 11.72 -60.16 27.41
CA PHE D 628 12.31 -61.36 26.84
C PHE D 628 11.86 -62.53 27.71
N MET D 629 10.92 -63.32 27.20
CA MET D 629 10.50 -64.54 27.88
C MET D 629 10.67 -65.68 26.89
N ASN D 630 11.40 -66.72 27.31
CA ASN D 630 11.68 -67.92 26.52
C ASN D 630 12.28 -67.56 25.16
N GLU D 631 13.21 -66.61 25.21
CA GLU D 631 13.91 -66.06 24.05
C GLU D 631 12.93 -65.47 23.04
N LYS D 632 11.90 -64.78 23.53
CA LYS D 632 10.86 -64.18 22.70
C LYS D 632 10.43 -62.84 23.27
N GLU D 633 10.01 -61.92 22.39
CA GLU D 633 9.62 -60.55 22.75
C GLU D 633 8.12 -60.45 23.00
N ASP D 634 7.73 -60.16 24.26
CA ASP D 634 6.34 -60.07 24.68
C ASP D 634 6.03 -58.73 25.38
N ILE D 635 4.74 -58.36 25.33
CA ILE D 635 4.16 -57.26 26.07
C ILE D 635 4.13 -57.63 27.56
N LEU D 636 4.12 -56.62 28.44
CA LEU D 636 3.81 -56.86 29.84
C LEU D 636 2.37 -57.37 29.97
N TRP D 637 2.16 -58.33 30.87
CA TRP D 637 0.82 -58.80 31.13
C TRP D 637 0.07 -57.76 31.98
N CYS D 638 -1.26 -57.76 31.87
CA CYS D 638 -2.12 -56.78 32.54
C CYS D 638 -1.89 -56.70 34.05
N THR D 639 -1.70 -57.87 34.68
CA THR D 639 -1.45 -57.90 36.12
C THR D 639 -0.07 -57.31 36.46
N GLU D 640 0.86 -57.40 35.51
CA GLU D 640 2.17 -56.80 35.73
C GLU D 640 2.12 -55.29 35.53
N MET D 641 1.34 -54.82 34.55
CA MET D 641 1.11 -53.38 34.39
C MET D 641 0.53 -52.77 35.67
N GLU D 642 -0.42 -53.49 36.29
CA GLU D 642 -0.89 -53.14 37.62
C GLU D 642 0.25 -53.11 38.64
N ARG D 643 1.16 -54.09 38.59
CA ARG D 643 2.26 -54.12 39.55
C ARG D 643 3.25 -52.99 39.33
N VAL D 644 3.46 -52.61 38.07
CA VAL D 644 4.32 -51.48 37.72
C VAL D 644 3.75 -50.20 38.33
N PHE D 645 2.45 -49.98 38.17
CA PHE D 645 1.90 -48.72 38.67
C PHE D 645 1.57 -48.76 40.16
N GLY D 646 1.82 -49.87 40.85
CA GLY D 646 1.58 -49.93 42.28
C GLY D 646 0.19 -50.40 42.69
N PHE D 647 -0.69 -50.70 41.73
CA PHE D 647 -2.02 -51.20 42.05
C PHE D 647 -1.94 -52.55 42.75
N PRO D 648 -2.94 -52.88 43.59
CA PRO D 648 -3.00 -54.23 44.16
C PRO D 648 -3.13 -55.29 43.09
N VAL D 649 -2.63 -56.48 43.42
CA VAL D 649 -2.58 -57.60 42.48
C VAL D 649 -4.00 -57.96 42.02
N HIS D 650 -4.14 -58.10 40.69
CA HIS D 650 -5.41 -58.42 40.00
C HIS D 650 -6.50 -57.38 40.26
N TYR D 651 -6.14 -56.09 40.18
CA TYR D 651 -7.07 -55.00 40.51
C TYR D 651 -8.13 -54.74 39.43
N THR D 652 -7.80 -54.84 38.14
CA THR D 652 -8.72 -54.50 37.07
C THR D 652 -9.43 -55.73 36.49
N ASP D 653 -9.19 -56.93 37.02
CA ASP D 653 -9.92 -58.11 36.56
C ASP D 653 -11.29 -58.17 37.24
N VAL D 654 -12.19 -57.30 36.78
CA VAL D 654 -13.52 -57.38 37.36
C VAL D 654 -14.49 -57.91 36.30
N SER D 655 -14.75 -57.15 35.24
CA SER D 655 -15.74 -57.58 34.27
C SER D 655 -15.06 -58.25 33.08
N ASN D 656 -15.87 -58.60 32.09
CA ASN D 656 -15.43 -59.32 30.92
C ASN D 656 -15.12 -58.32 29.81
N MET D 657 -13.89 -57.85 29.81
CA MET D 657 -13.41 -56.86 28.84
C MET D 657 -12.15 -57.36 28.15
N SER D 658 -11.91 -56.82 26.95
CA SER D 658 -10.76 -57.21 26.16
C SER D 658 -9.47 -56.72 26.80
N ARG D 659 -8.35 -57.33 26.37
CA ARG D 659 -7.03 -56.97 26.90
C ARG D 659 -6.59 -55.57 26.47
N LEU D 660 -6.84 -55.19 25.21
CA LEU D 660 -6.47 -53.87 24.70
C LEU D 660 -7.13 -52.77 25.48
N ALA D 661 -8.43 -52.94 25.75
CA ALA D 661 -9.17 -51.98 26.54
C ALA D 661 -8.65 -51.93 27.97
N ARG D 662 -8.38 -53.10 28.56
CA ARG D 662 -7.97 -53.18 29.96
C ARG D 662 -6.58 -52.58 30.17
N GLN D 663 -5.66 -52.79 29.22
CA GLN D 663 -4.36 -52.13 29.22
C GLN D 663 -4.52 -50.61 29.13
N ARG D 664 -5.33 -50.15 28.17
CA ARG D 664 -5.65 -48.73 28.01
C ARG D 664 -6.19 -48.11 29.31
N LEU D 665 -7.11 -48.84 29.94
CA LEU D 665 -7.72 -48.43 31.23
C LEU D 665 -6.60 -48.26 32.26
N LEU D 666 -5.70 -49.24 32.39
CA LEU D 666 -4.60 -49.11 33.34
C LEU D 666 -3.67 -47.97 32.98
N GLY D 667 -3.43 -47.78 31.67
CA GLY D 667 -2.46 -46.82 31.18
C GLY D 667 -2.77 -45.40 31.57
N ARG D 668 -4.05 -45.02 31.57
CA ARG D 668 -4.40 -43.64 31.91
C ARG D 668 -4.16 -43.28 33.37
N SER D 669 -4.01 -44.27 34.25
CA SER D 669 -4.24 -44.06 35.67
C SER D 669 -3.06 -43.34 36.33
N TRP D 670 -3.34 -42.84 37.54
CA TRP D 670 -2.31 -42.22 38.36
C TRP D 670 -1.41 -43.29 38.96
N SER D 671 -0.12 -42.95 39.12
CA SER D 671 0.82 -43.85 39.77
C SER D 671 0.56 -43.91 41.27
N VAL D 672 0.26 -45.13 41.76
CA VAL D 672 -0.22 -45.30 43.15
C VAL D 672 0.74 -44.80 44.22
N PRO D 673 2.07 -45.09 44.20
CA PRO D 673 2.90 -44.57 45.31
C PRO D 673 3.13 -43.07 45.27
N VAL D 674 3.07 -42.45 44.08
CA VAL D 674 3.12 -41.00 43.94
C VAL D 674 1.92 -40.36 44.62
N ILE D 675 0.74 -40.90 44.31
CA ILE D 675 -0.51 -40.44 44.91
C ILE D 675 -0.54 -40.70 46.42
N ARG D 676 0.08 -41.81 46.87
CA ARG D 676 0.24 -42.06 48.30
C ARG D 676 1.12 -40.99 48.94
N HIS D 677 2.21 -40.64 48.26
CA HIS D 677 3.12 -39.60 48.70
C HIS D 677 2.42 -38.26 48.86
N LEU D 678 1.60 -37.90 47.87
CA LEU D 678 0.85 -36.65 47.91
C LEU D 678 -0.22 -36.66 49.00
N PHE D 679 -0.98 -37.75 49.09
CA PHE D 679 -2.11 -37.80 50.00
C PHE D 679 -1.72 -38.04 51.45
N ALA D 680 -0.47 -38.48 51.71
CA ALA D 680 -0.05 -38.86 53.07
C ALA D 680 -0.23 -37.80 54.16
N PRO D 681 0.08 -36.49 53.97
CA PRO D 681 -0.10 -35.55 55.10
C PRO D 681 -1.56 -35.22 55.40
N LEU D 682 -2.52 -35.62 54.55
CA LEU D 682 -3.95 -35.54 54.90
C LEU D 682 -4.31 -36.33 56.15
N LYS D 683 -3.50 -37.33 56.52
CA LYS D 683 -3.67 -38.04 57.78
C LYS D 683 -3.59 -37.13 58.98
N GLU D 684 -2.85 -36.01 58.87
CA GLU D 684 -2.74 -35.04 59.95
C GLU D 684 -3.98 -34.15 60.05
N TYR D 685 -4.93 -34.27 59.12
CA TYR D 685 -6.10 -33.40 59.12
C TYR D 685 -7.43 -34.14 59.21
N PHE D 686 -7.44 -35.47 59.10
CA PHE D 686 -8.69 -36.22 59.12
C PHE D 686 -8.54 -37.51 59.92
N ALA D 687 -9.66 -38.22 60.06
CA ALA D 687 -9.75 -39.34 61.00
C ALA D 687 -9.18 -40.63 60.41
N CYS D 688 -8.70 -41.48 61.31
CA CYS D 688 -8.05 -42.73 60.95
C CYS D 688 -8.92 -43.94 61.32
N VAL D 689 -8.69 -45.04 60.62
CA VAL D 689 -9.38 -46.30 60.92
C VAL D 689 -8.68 -47.04 62.05
N ARG E 253 -35.93 -38.27 2.17
CA ARG E 253 -37.28 -37.78 2.32
C ARG E 253 -38.11 -37.71 1.04
N GLU E 254 -37.59 -38.18 -0.10
CA GLU E 254 -38.35 -38.11 -1.35
C GLU E 254 -39.58 -39.03 -1.34
N ARG E 255 -39.43 -40.24 -0.79
CA ARG E 255 -40.51 -41.22 -0.75
C ARG E 255 -41.53 -40.88 0.33
N LEU E 256 -41.04 -40.25 1.40
CA LEU E 256 -41.91 -39.88 2.50
C LEU E 256 -42.82 -38.73 2.10
N VAL E 257 -42.28 -37.76 1.37
CA VAL E 257 -43.09 -36.65 0.86
C VAL E 257 -43.97 -37.12 -0.31
N TYR E 258 -43.57 -38.18 -1.03
CA TYR E 258 -44.51 -38.83 -1.93
C TYR E 258 -45.75 -39.28 -1.17
N GLU E 259 -45.55 -39.93 -0.02
CA GLU E 259 -46.71 -40.32 0.79
C GLU E 259 -47.39 -39.12 1.46
N VAL E 260 -46.70 -38.00 1.64
CA VAL E 260 -47.33 -36.79 2.18
C VAL E 260 -48.30 -36.19 1.17
N ARG E 261 -47.89 -36.10 -0.10
CA ARG E 261 -48.76 -35.49 -1.11
C ARG E 261 -49.88 -36.40 -1.57
N GLN E 262 -49.78 -37.71 -1.32
CA GLN E 262 -50.88 -38.65 -1.57
C GLN E 262 -51.96 -38.60 -0.48
N LYS E 263 -51.88 -37.65 0.45
CA LYS E 263 -52.79 -37.51 1.60
C LYS E 263 -52.79 -38.76 2.48
N CYS E 264 -51.63 -39.40 2.60
CA CYS E 264 -51.44 -40.54 3.48
C CYS E 264 -50.60 -40.21 4.71
N ARG E 265 -49.87 -39.09 4.67
CA ARG E 265 -49.08 -38.63 5.79
C ARG E 265 -49.26 -37.12 5.90
N ASN E 266 -49.42 -36.63 7.14
CA ASN E 266 -49.44 -35.20 7.38
C ASN E 266 -48.04 -34.62 7.25
N ILE E 267 -47.93 -33.48 6.57
CA ILE E 267 -46.66 -32.77 6.50
C ILE E 267 -46.20 -32.32 7.89
N GLU E 268 -47.16 -32.05 8.79
CA GLU E 268 -46.84 -31.67 10.17
C GLU E 268 -46.34 -32.85 11.00
N ASP E 269 -46.45 -34.07 10.50
CA ASP E 269 -45.95 -35.25 11.18
C ASP E 269 -44.57 -35.67 10.70
N ILE E 270 -43.97 -34.91 9.79
CA ILE E 270 -42.65 -35.22 9.25
C ILE E 270 -41.75 -34.01 9.45
N CYS E 271 -40.47 -34.27 9.68
CA CYS E 271 -39.46 -33.23 9.81
C CYS E 271 -39.02 -32.81 8.41
N ILE E 272 -39.47 -31.63 7.98
CA ILE E 272 -39.25 -31.15 6.62
C ILE E 272 -37.80 -30.74 6.34
N SER E 273 -36.94 -30.77 7.36
CA SER E 273 -35.54 -30.45 7.14
C SER E 273 -34.77 -31.66 6.61
N CYS E 274 -34.85 -32.81 7.30
CA CYS E 274 -34.09 -33.98 6.90
C CYS E 274 -34.94 -35.24 6.71
N GLY E 275 -36.26 -35.18 6.91
CA GLY E 275 -37.10 -36.35 6.77
C GLY E 275 -37.08 -37.30 7.93
N SER E 276 -36.69 -36.85 9.12
CA SER E 276 -36.72 -37.68 10.32
C SER E 276 -38.14 -37.88 10.82
N LEU E 277 -38.36 -39.03 11.47
CA LEU E 277 -39.64 -39.36 12.08
C LEU E 277 -39.72 -38.96 13.54
N ASN E 278 -38.59 -38.53 14.13
CA ASN E 278 -38.53 -38.12 15.54
C ASN E 278 -38.94 -36.65 15.64
N VAL E 279 -40.23 -36.41 15.41
CA VAL E 279 -40.76 -35.06 15.42
C VAL E 279 -41.04 -34.65 16.87
N THR E 280 -40.39 -33.58 17.31
CA THR E 280 -40.58 -33.01 18.64
C THR E 280 -41.14 -31.60 18.57
N LEU E 281 -40.61 -30.79 17.67
CA LEU E 281 -41.01 -29.40 17.48
C LEU E 281 -41.73 -29.24 16.14
N GLU E 282 -42.27 -28.04 15.95
CA GLU E 282 -42.72 -27.59 14.64
C GLU E 282 -41.69 -26.64 14.06
N HIS E 283 -41.54 -26.68 12.73
CA HIS E 283 -40.64 -25.75 12.05
C HIS E 283 -41.17 -24.33 12.21
N PRO E 284 -40.34 -23.39 12.67
CA PRO E 284 -40.86 -22.05 13.03
C PRO E 284 -41.33 -21.22 11.84
N LEU E 285 -40.73 -21.38 10.67
CA LEU E 285 -41.07 -20.54 9.52
C LEU E 285 -42.10 -21.16 8.60
N PHE E 286 -42.10 -22.49 8.44
CA PHE E 286 -42.89 -23.18 7.44
C PHE E 286 -43.59 -24.40 8.05
N VAL E 287 -44.40 -25.07 7.22
CA VAL E 287 -45.24 -26.18 7.66
C VAL E 287 -44.47 -27.49 7.70
N GLY E 288 -44.50 -28.12 8.86
CA GLY E 288 -43.85 -29.40 9.06
C GLY E 288 -43.41 -29.55 10.50
N GLY E 289 -42.87 -30.73 10.79
CA GLY E 289 -42.30 -31.00 12.09
C GLY E 289 -40.83 -30.68 12.08
N MET E 290 -40.20 -30.83 13.25
CA MET E 290 -38.79 -30.53 13.40
C MET E 290 -38.17 -31.45 14.43
N CYS E 291 -37.10 -32.16 14.06
CA CYS E 291 -36.36 -32.97 15.02
C CYS E 291 -35.29 -32.14 15.70
N GLN E 292 -34.78 -32.68 16.82
CA GLN E 292 -33.89 -31.94 17.71
C GLN E 292 -32.52 -31.66 17.07
N ASN E 293 -31.98 -32.64 16.34
CA ASN E 293 -30.70 -32.45 15.64
C ASN E 293 -30.81 -31.31 14.64
N CYS E 294 -31.93 -31.23 13.92
CA CYS E 294 -32.18 -30.11 13.03
C CYS E 294 -32.36 -28.81 13.80
N LYS E 295 -32.88 -28.86 15.03
CA LYS E 295 -32.92 -27.64 15.84
C LYS E 295 -31.52 -27.15 16.17
N ASN E 296 -30.60 -28.06 16.52
CA ASN E 296 -29.22 -27.67 16.80
C ASN E 296 -28.54 -27.10 15.55
N CYS E 297 -28.74 -27.78 14.40
CA CYS E 297 -28.27 -27.27 13.12
C CYS E 297 -28.84 -25.90 12.81
N PHE E 298 -30.13 -25.70 13.07
CA PHE E 298 -30.81 -24.42 12.83
C PHE E 298 -30.26 -23.33 13.72
N LEU E 299 -29.95 -23.66 14.98
CA LEU E 299 -29.32 -22.71 15.90
C LEU E 299 -27.96 -22.26 15.37
N GLU E 300 -27.13 -23.21 14.96
CA GLU E 300 -25.80 -22.87 14.43
C GLU E 300 -25.88 -22.09 13.12
N CYS E 301 -26.78 -22.47 12.22
CA CYS E 301 -26.61 -22.19 10.80
C CYS E 301 -27.48 -21.08 10.23
N ALA E 302 -28.68 -20.86 10.80
CA ALA E 302 -29.67 -19.92 10.25
C ALA E 302 -29.10 -18.52 10.00
N TYR E 303 -28.46 -17.93 11.01
CA TYR E 303 -27.92 -16.59 10.89
C TYR E 303 -26.45 -16.59 10.49
N GLN E 304 -26.03 -17.55 9.67
CA GLN E 304 -24.71 -17.57 9.07
C GLN E 304 -24.80 -17.01 7.67
N TYR E 305 -24.01 -15.99 7.37
CA TYR E 305 -24.03 -15.31 6.09
C TYR E 305 -22.65 -15.41 5.45
N ASP E 306 -22.62 -15.53 4.12
CA ASP E 306 -21.38 -15.61 3.37
C ASP E 306 -20.82 -14.22 3.15
N ASP E 307 -19.74 -14.13 2.37
CA ASP E 307 -19.15 -12.84 2.08
C ASP E 307 -19.97 -12.03 1.09
N ASP E 308 -20.90 -12.66 0.37
CA ASP E 308 -21.78 -11.94 -0.55
C ASP E 308 -22.93 -11.25 0.15
N GLY E 309 -23.04 -11.40 1.46
CA GLY E 309 -24.12 -10.86 2.26
C GLY E 309 -25.38 -11.70 2.27
N TYR E 310 -25.38 -12.82 1.57
CA TYR E 310 -26.48 -13.77 1.57
C TYR E 310 -26.15 -14.95 2.48
N GLN E 311 -27.19 -15.71 2.83
CA GLN E 311 -27.07 -16.85 3.74
C GLN E 311 -26.06 -17.89 3.27
N SER E 312 -25.39 -18.52 4.24
CA SER E 312 -24.38 -19.52 3.92
C SER E 312 -25.00 -20.84 3.48
N TYR E 313 -26.19 -21.16 3.98
CA TYR E 313 -26.85 -22.42 3.70
C TYR E 313 -28.32 -22.16 3.44
N CYS E 314 -29.02 -23.22 3.05
CA CYS E 314 -30.45 -23.16 2.78
C CYS E 314 -31.22 -22.76 4.03
N THR E 315 -32.29 -22.00 3.85
CA THR E 315 -33.08 -21.55 4.99
C THR E 315 -33.89 -22.69 5.60
N ILE E 316 -34.32 -23.66 4.79
CA ILE E 316 -35.20 -24.74 5.25
C ILE E 316 -34.43 -25.73 6.10
N CYS E 317 -33.51 -26.46 5.48
CA CYS E 317 -32.83 -27.57 6.11
C CYS E 317 -31.53 -27.17 6.81
N CYS E 318 -31.09 -25.91 6.64
CA CYS E 318 -29.80 -25.40 7.12
C CYS E 318 -28.61 -26.19 6.59
N GLY E 319 -28.78 -26.84 5.44
CA GLY E 319 -27.71 -27.48 4.71
C GLY E 319 -27.80 -27.13 3.24
N GLY E 320 -27.77 -28.14 2.37
CA GLY E 320 -27.93 -27.90 0.95
C GLY E 320 -26.60 -27.72 0.23
N ARG E 321 -26.53 -28.24 -1.00
CA ARG E 321 -25.29 -28.26 -1.76
C ARG E 321 -25.17 -27.11 -2.76
N GLU E 322 -26.24 -26.78 -3.48
CA GLU E 322 -26.29 -25.61 -4.35
C GLU E 322 -27.58 -24.86 -4.04
N VAL E 323 -27.46 -23.56 -3.77
CA VAL E 323 -28.59 -22.79 -3.25
C VAL E 323 -29.05 -21.76 -4.27
N LEU E 324 -30.29 -21.31 -4.07
CA LEU E 324 -30.90 -20.23 -4.82
C LEU E 324 -30.92 -18.97 -3.96
N MET E 325 -30.22 -17.95 -4.42
CA MET E 325 -30.21 -16.67 -3.73
C MET E 325 -31.43 -15.86 -4.17
N CYS E 326 -31.81 -14.87 -3.36
CA CYS E 326 -33.07 -14.16 -3.56
C CYS E 326 -32.86 -12.80 -4.20
N GLY E 327 -33.71 -12.49 -5.19
CA GLY E 327 -33.58 -11.25 -5.93
C GLY E 327 -34.11 -10.03 -5.20
N ASN E 328 -35.13 -10.21 -4.36
CA ASN E 328 -35.79 -9.12 -3.63
C ASN E 328 -34.78 -8.30 -2.82
N ASN E 329 -35.05 -6.99 -2.74
CA ASN E 329 -34.15 -6.06 -2.07
C ASN E 329 -34.16 -6.30 -0.57
N ASN E 330 -32.95 -6.30 0.02
CA ASN E 330 -32.62 -6.48 1.43
C ASN E 330 -32.83 -7.92 1.90
N CYS E 331 -33.43 -8.78 1.08
CA CYS E 331 -33.58 -10.17 1.48
C CYS E 331 -32.31 -10.93 1.14
N CYS E 332 -31.88 -11.78 2.07
CA CYS E 332 -30.61 -12.45 1.96
C CYS E 332 -30.76 -13.97 2.00
N ARG E 333 -31.98 -14.48 1.90
CA ARG E 333 -32.23 -15.90 2.11
C ARG E 333 -31.80 -16.71 0.89
N CYS E 334 -31.54 -18.00 1.12
CA CYS E 334 -31.22 -18.94 0.06
C CYS E 334 -32.02 -20.21 0.27
N PHE E 335 -32.43 -20.84 -0.84
CA PHE E 335 -33.16 -22.10 -0.83
C PHE E 335 -32.45 -23.08 -1.77
N CYS E 336 -31.95 -24.19 -1.22
CA CYS E 336 -31.24 -25.16 -2.05
C CYS E 336 -32.19 -25.92 -2.98
N VAL E 337 -31.62 -26.42 -4.10
CA VAL E 337 -32.34 -27.13 -5.15
C VAL E 337 -33.19 -28.29 -4.62
N GLU E 338 -32.68 -29.00 -3.60
CA GLU E 338 -33.31 -30.20 -3.09
C GLU E 338 -34.62 -29.89 -2.38
N CYS E 339 -34.61 -28.86 -1.53
CA CYS E 339 -35.81 -28.41 -0.81
C CYS E 339 -36.93 -28.00 -1.76
N VAL E 340 -36.59 -27.27 -2.82
CA VAL E 340 -37.60 -26.78 -3.77
C VAL E 340 -38.23 -27.93 -4.56
N ASP E 341 -37.56 -29.09 -4.62
CA ASP E 341 -38.10 -30.23 -5.36
C ASP E 341 -39.27 -30.88 -4.63
N LEU E 342 -39.32 -30.75 -3.30
CA LEU E 342 -40.45 -31.31 -2.56
C LEU E 342 -41.58 -30.30 -2.45
N LEU E 343 -41.26 -29.11 -1.95
CA LEU E 343 -42.28 -28.18 -1.48
C LEU E 343 -42.94 -27.39 -2.61
N VAL E 344 -42.22 -27.14 -3.71
CA VAL E 344 -42.78 -26.47 -4.86
C VAL E 344 -42.97 -27.43 -6.04
N GLY E 345 -42.32 -28.59 -6.01
CA GLY E 345 -42.48 -29.58 -7.06
C GLY E 345 -41.17 -29.93 -7.73
N PRO E 346 -41.14 -31.05 -8.45
CA PRO E 346 -39.89 -31.46 -9.12
C PRO E 346 -39.57 -30.58 -10.31
N GLY E 347 -38.29 -30.25 -10.45
CA GLY E 347 -37.83 -29.35 -11.49
C GLY E 347 -38.19 -27.89 -11.30
N ALA E 348 -38.88 -27.55 -10.20
CA ALA E 348 -39.24 -26.16 -9.95
C ALA E 348 -38.03 -25.30 -9.64
N ALA E 349 -36.98 -25.88 -9.06
CA ALA E 349 -35.76 -25.13 -8.81
C ALA E 349 -35.05 -24.79 -10.11
N GLN E 350 -34.88 -25.79 -10.99
CA GLN E 350 -34.23 -25.56 -12.27
C GLN E 350 -35.01 -24.59 -13.15
N ALA E 351 -36.34 -24.63 -13.06
CA ALA E 351 -37.17 -23.64 -13.76
C ALA E 351 -37.11 -22.27 -13.08
N ALA E 352 -36.97 -22.25 -11.75
CA ALA E 352 -36.91 -21.02 -10.98
C ALA E 352 -35.58 -20.28 -11.15
N ILE E 353 -34.49 -21.01 -11.47
CA ILE E 353 -33.23 -20.37 -11.83
C ILE E 353 -33.42 -19.46 -13.03
N LYS E 354 -34.22 -19.92 -14.00
CA LYS E 354 -34.41 -19.22 -15.27
C LYS E 354 -35.26 -17.97 -15.10
N GLU E 355 -35.96 -17.82 -13.97
CA GLU E 355 -36.77 -16.64 -13.69
C GLU E 355 -35.84 -15.56 -13.15
N ASP E 356 -35.45 -14.63 -14.03
CA ASP E 356 -34.40 -13.66 -13.70
C ASP E 356 -34.80 -12.72 -12.55
N PRO E 357 -36.01 -12.05 -12.55
CA PRO E 357 -36.45 -11.43 -11.29
C PRO E 357 -37.22 -12.38 -10.38
N TRP E 358 -36.52 -13.12 -9.52
CA TRP E 358 -37.13 -14.14 -8.68
C TRP E 358 -37.26 -13.67 -7.23
N ASN E 359 -38.39 -14.02 -6.61
CA ASN E 359 -38.67 -13.75 -5.20
C ASN E 359 -38.70 -15.05 -4.43
N CYS E 360 -38.07 -15.07 -3.25
CA CYS E 360 -38.10 -16.25 -2.41
C CYS E 360 -39.44 -16.36 -1.67
N TYR E 361 -39.66 -17.53 -1.07
CA TYR E 361 -40.97 -17.89 -0.55
C TYR E 361 -41.30 -17.21 0.78
N MET E 362 -40.31 -16.66 1.49
CA MET E 362 -40.60 -15.75 2.60
C MET E 362 -40.99 -14.36 2.10
N CYS E 363 -40.65 -14.04 0.85
CA CYS E 363 -40.94 -12.75 0.24
C CYS E 363 -41.99 -12.81 -0.86
N GLY E 364 -42.48 -14.00 -1.20
CA GLY E 364 -43.47 -14.11 -2.26
C GLY E 364 -44.75 -13.36 -1.95
N HIS E 365 -45.29 -12.71 -2.99
CA HIS E 365 -46.42 -11.80 -2.79
C HIS E 365 -47.72 -12.56 -2.55
N LYS E 366 -47.88 -13.73 -3.17
CA LYS E 366 -49.07 -14.53 -2.97
C LYS E 366 -49.14 -15.06 -1.53
N GLY E 367 -48.04 -15.64 -1.06
CA GLY E 367 -47.96 -16.15 0.29
C GLY E 367 -48.56 -17.53 0.49
N THR E 368 -49.03 -18.19 -0.57
CA THR E 368 -49.69 -19.49 -0.49
C THR E 368 -49.28 -20.33 -1.69
N TYR E 369 -48.73 -21.51 -1.43
CA TYR E 369 -48.38 -22.45 -2.48
C TYR E 369 -48.97 -23.81 -2.11
N GLY E 370 -48.87 -24.75 -3.05
CA GLY E 370 -49.48 -26.06 -2.91
C GLY E 370 -49.04 -26.90 -1.73
N LEU E 371 -47.79 -27.36 -1.74
CA LEU E 371 -47.29 -28.17 -0.64
C LEU E 371 -46.69 -27.32 0.48
N LEU E 372 -46.12 -26.17 0.13
CA LEU E 372 -45.49 -25.27 1.10
C LEU E 372 -46.40 -24.07 1.33
N ARG E 373 -46.74 -23.81 2.59
CA ARG E 373 -47.47 -22.60 2.91
C ARG E 373 -46.77 -21.93 4.09
N ARG E 374 -46.74 -20.60 4.07
CA ARG E 374 -46.02 -19.86 5.09
C ARG E 374 -46.93 -19.67 6.31
N ARG E 375 -46.40 -20.01 7.48
CA ARG E 375 -47.17 -19.91 8.72
C ARG E 375 -47.20 -18.43 9.16
N GLU E 376 -48.34 -18.00 9.73
CA GLU E 376 -48.66 -16.58 9.78
C GLU E 376 -47.88 -15.80 10.84
N ASP E 377 -47.73 -16.33 12.06
CA ASP E 377 -47.05 -15.56 13.10
C ASP E 377 -45.58 -15.92 13.23
N TRP E 378 -44.93 -16.17 12.08
CA TRP E 378 -43.51 -16.51 12.05
C TRP E 378 -42.55 -15.53 12.77
N PRO E 379 -42.72 -14.18 12.77
CA PRO E 379 -41.81 -13.39 13.61
C PRO E 379 -42.01 -13.65 15.09
N SER E 380 -43.28 -13.80 15.50
CA SER E 380 -43.59 -14.14 16.89
C SER E 380 -43.02 -15.49 17.25
N ARG E 381 -43.13 -16.46 16.34
CA ARG E 381 -42.55 -17.79 16.57
C ARG E 381 -41.04 -17.74 16.62
N LEU E 382 -40.42 -16.87 15.81
CA LEU E 382 -38.97 -16.68 15.84
C LEU E 382 -38.52 -16.15 17.20
N GLN E 383 -39.27 -15.19 17.75
CA GLN E 383 -38.97 -14.70 19.10
C GLN E 383 -39.20 -15.77 20.16
N MET E 384 -40.29 -16.54 20.04
CA MET E 384 -40.60 -17.62 20.97
C MET E 384 -39.59 -18.76 20.90
N PHE E 385 -38.99 -18.98 19.74
CA PHE E 385 -38.06 -20.08 19.48
C PHE E 385 -36.86 -20.06 20.41
N PHE E 386 -36.40 -18.87 20.80
CA PHE E 386 -35.30 -18.80 21.74
C PHE E 386 -35.76 -19.03 23.17
N ALA E 387 -37.00 -18.62 23.50
CA ALA E 387 -37.61 -19.02 24.76
C ALA E 387 -37.85 -20.52 24.80
N ASN E 388 -38.04 -21.14 23.64
CA ASN E 388 -38.19 -22.59 23.47
C ASN E 388 -36.90 -23.35 23.81
N ASN E 389 -35.77 -22.66 24.01
CA ASN E 389 -34.52 -23.32 24.38
C ASN E 389 -34.53 -23.56 25.89
N HIS E 390 -35.40 -24.49 26.30
CA HIS E 390 -35.52 -24.92 27.68
C HIS E 390 -34.71 -26.18 27.96
N ASP E 391 -33.97 -26.66 26.96
CA ASP E 391 -33.06 -27.79 27.14
C ASP E 391 -32.00 -27.43 28.18
N GLN E 392 -31.45 -26.22 28.08
CA GLN E 392 -30.52 -25.69 29.06
C GLN E 392 -31.31 -24.95 30.14
N GLU E 393 -32.00 -25.74 30.98
CA GLU E 393 -32.76 -25.19 32.09
C GLU E 393 -31.82 -24.64 33.16
N PHE E 394 -32.13 -23.44 33.66
CA PHE E 394 -31.35 -22.80 34.71
C PHE E 394 -32.28 -22.03 35.63
N ASP E 395 -31.79 -21.75 36.84
CA ASP E 395 -32.55 -21.00 37.82
C ASP E 395 -32.65 -19.53 37.40
N PRO E 396 -33.73 -18.83 37.80
CA PRO E 396 -33.85 -17.42 37.42
C PRO E 396 -32.82 -16.57 38.16
N PRO E 397 -32.35 -15.49 37.52
CA PRO E 397 -31.34 -14.62 38.17
C PRO E 397 -31.86 -13.94 39.43
N LYS E 398 -30.99 -13.86 40.43
CA LYS E 398 -31.31 -13.27 41.72
C LYS E 398 -31.66 -11.79 41.60
N VAL E 399 -32.90 -11.45 41.96
CA VAL E 399 -33.40 -10.07 41.90
C VAL E 399 -33.06 -9.36 43.20
N TYR E 400 -32.28 -8.26 43.10
CA TYR E 400 -31.86 -7.45 44.24
C TYR E 400 -32.83 -6.27 44.44
N PRO E 401 -33.30 -6.05 45.67
CA PRO E 401 -34.28 -4.97 45.92
C PRO E 401 -33.69 -3.58 45.74
N PRO E 402 -34.46 -2.66 45.14
CA PRO E 402 -33.98 -1.30 44.87
C PRO E 402 -33.50 -0.50 46.09
N VAL E 403 -32.35 0.13 45.92
CA VAL E 403 -31.73 0.98 46.93
C VAL E 403 -32.40 2.35 46.87
N PRO E 404 -32.73 2.97 48.02
CA PRO E 404 -33.33 4.31 48.01
C PRO E 404 -32.45 5.36 47.35
N ALA E 405 -33.12 6.38 46.79
CA ALA E 405 -32.48 7.36 45.90
C ALA E 405 -31.39 8.16 46.61
N GLU E 406 -31.64 8.53 47.88
CA GLU E 406 -30.67 9.31 48.63
C GLU E 406 -29.41 8.50 48.95
N LYS E 407 -29.54 7.18 49.02
CA LYS E 407 -28.45 6.29 49.39
C LYS E 407 -27.57 5.89 48.21
N ARG E 408 -28.02 6.16 46.98
CA ARG E 408 -27.31 5.75 45.77
C ARG E 408 -25.93 6.40 45.67
N LYS E 409 -25.00 5.68 45.06
CA LYS E 409 -23.60 6.05 44.92
C LYS E 409 -23.19 5.90 43.46
N PRO E 410 -22.06 6.50 43.06
CA PRO E 410 -21.57 6.30 41.68
C PRO E 410 -21.17 4.86 41.40
N ILE E 411 -21.46 4.42 40.17
CA ILE E 411 -21.24 3.04 39.73
C ILE E 411 -19.75 2.82 39.44
N ARG E 412 -19.28 1.61 39.72
CA ARG E 412 -17.92 1.18 39.40
C ARG E 412 -17.96 0.02 38.42
N VAL E 413 -17.22 0.14 37.32
CA VAL E 413 -17.34 -0.78 36.20
C VAL E 413 -15.98 -1.40 35.91
N LEU E 414 -15.95 -2.73 35.87
CA LEU E 414 -14.84 -3.46 35.29
C LEU E 414 -15.31 -3.90 33.91
N SER E 415 -14.57 -3.51 32.89
CA SER E 415 -14.99 -3.71 31.50
C SER E 415 -13.89 -4.44 30.77
N LEU E 416 -14.13 -5.71 30.48
CA LEU E 416 -13.17 -6.55 29.79
C LEU E 416 -13.53 -6.54 28.32
N PHE E 417 -12.50 -6.63 27.48
CA PHE E 417 -12.61 -6.50 26.01
C PHE E 417 -13.35 -5.22 25.65
N ASP E 418 -12.81 -4.10 26.14
CA ASP E 418 -13.56 -2.86 26.17
C ASP E 418 -13.76 -2.29 24.77
N GLY E 419 -12.76 -2.44 23.91
CA GLY E 419 -12.83 -1.87 22.58
C GLY E 419 -12.82 -0.35 22.62
N ILE E 420 -13.88 0.26 22.11
CA ILE E 420 -13.93 1.70 21.94
C ILE E 420 -14.75 2.38 23.04
N ALA E 421 -14.89 1.72 24.20
CA ALA E 421 -15.55 2.25 25.41
C ALA E 421 -17.02 2.58 25.17
N THR E 422 -17.73 1.66 24.50
CA THR E 422 -19.16 1.80 24.28
C THR E 422 -19.93 1.80 25.60
N GLY E 423 -19.49 0.97 26.56
CA GLY E 423 -20.20 0.85 27.82
C GLY E 423 -20.21 2.13 28.63
N LEU E 424 -19.03 2.72 28.82
CA LEU E 424 -18.92 3.98 29.56
C LEU E 424 -19.67 5.11 28.87
N LEU E 425 -19.58 5.17 27.54
CA LEU E 425 -20.32 6.13 26.73
C LEU E 425 -21.82 6.04 26.98
N VAL E 426 -22.36 4.82 26.97
CA VAL E 426 -23.77 4.60 27.21
C VAL E 426 -24.16 5.00 28.63
N LEU E 427 -23.29 4.68 29.61
CA LEU E 427 -23.54 5.08 31.00
C LEU E 427 -23.58 6.60 31.15
N LYS E 428 -22.71 7.30 30.42
CA LYS E 428 -22.75 8.76 30.36
C LYS E 428 -24.05 9.26 29.75
N ASP E 429 -24.43 8.71 28.59
CA ASP E 429 -25.70 9.02 27.92
C ASP E 429 -26.92 8.82 28.82
N LEU E 430 -26.85 7.86 29.75
CA LEU E 430 -27.92 7.65 30.71
C LEU E 430 -27.80 8.57 31.91
N GLY E 431 -26.69 9.29 32.03
CA GLY E 431 -26.51 10.22 33.13
C GLY E 431 -26.24 9.56 34.46
N ILE E 432 -25.58 8.40 34.45
CA ILE E 432 -25.17 7.72 35.67
C ILE E 432 -23.77 8.17 36.05
N GLN E 433 -23.60 8.60 37.30
CA GLN E 433 -22.29 8.99 37.80
C GLN E 433 -21.38 7.76 37.86
N VAL E 434 -20.19 7.89 37.28
CA VAL E 434 -19.23 6.79 37.20
C VAL E 434 -18.06 7.13 38.11
N ASP E 435 -17.97 6.40 39.24
CA ASP E 435 -16.84 6.55 40.15
C ASP E 435 -15.53 6.21 39.45
N ARG E 436 -15.48 5.06 38.78
CA ARG E 436 -14.28 4.64 38.06
C ARG E 436 -14.68 3.64 37.01
N TYR E 437 -13.80 3.48 36.02
CA TYR E 437 -14.04 2.64 34.86
C TYR E 437 -12.72 1.96 34.48
N ILE E 438 -12.50 0.78 35.05
CA ILE E 438 -11.31 0.00 34.76
C ILE E 438 -11.55 -0.77 33.47
N ALA E 439 -10.56 -0.77 32.56
CA ALA E 439 -10.75 -1.36 31.25
C ALA E 439 -9.50 -2.11 30.79
N SER E 440 -9.69 -3.36 30.40
CA SER E 440 -8.63 -4.14 29.76
C SER E 440 -8.89 -4.20 28.26
N GLU E 441 -7.85 -3.93 27.47
CA GLU E 441 -7.88 -3.96 26.02
C GLU E 441 -6.44 -4.03 25.53
N VAL E 442 -6.25 -4.54 24.31
CA VAL E 442 -4.92 -4.75 23.75
C VAL E 442 -4.72 -4.03 22.42
N CYS E 443 -5.79 -3.67 21.71
CA CYS E 443 -5.65 -3.01 20.42
C CYS E 443 -5.47 -1.51 20.65
N GLU E 444 -4.33 -0.97 20.19
CA GLU E 444 -3.91 0.39 20.49
C GLU E 444 -4.89 1.44 19.99
N ASP E 445 -5.44 1.21 18.79
CA ASP E 445 -6.42 2.13 18.20
C ASP E 445 -7.64 2.30 19.10
N SER E 446 -8.16 1.19 19.63
CA SER E 446 -9.32 1.21 20.51
C SER E 446 -9.00 1.91 21.83
N ILE E 447 -7.79 1.67 22.35
CA ILE E 447 -7.29 2.37 23.54
C ILE E 447 -7.36 3.86 23.34
N THR E 448 -6.76 4.33 22.22
CA THR E 448 -6.74 5.74 21.84
C THR E 448 -8.14 6.35 21.73
N VAL E 449 -9.05 5.65 21.04
CA VAL E 449 -10.45 6.07 20.91
C VAL E 449 -11.07 6.34 22.28
N GLY E 450 -10.89 5.38 23.20
CA GLY E 450 -11.45 5.54 24.54
C GLY E 450 -10.82 6.70 25.30
N MET E 451 -9.48 6.78 25.26
CA MET E 451 -8.69 7.86 25.87
C MET E 451 -9.23 9.23 25.51
N VAL E 452 -9.31 9.50 24.21
CA VAL E 452 -9.73 10.81 23.74
C VAL E 452 -11.20 11.07 24.07
N ARG E 453 -12.09 10.15 23.66
CA ARG E 453 -13.52 10.38 23.79
C ARG E 453 -13.98 10.43 25.25
N HIS E 454 -13.25 9.80 26.15
CA HIS E 454 -13.64 9.76 27.55
C HIS E 454 -12.62 10.42 28.45
N GLN E 455 -11.72 11.20 27.85
CA GLN E 455 -11.06 12.34 28.48
C GLN E 455 -10.14 11.95 29.64
N GLY E 456 -9.42 10.84 29.47
CA GLY E 456 -8.47 10.40 30.48
C GLY E 456 -9.08 9.68 31.66
N LYS E 457 -10.41 9.67 31.79
CA LYS E 457 -11.09 9.07 32.93
C LYS E 457 -10.83 7.56 33.03
N ILE E 458 -10.64 6.90 31.89
CA ILE E 458 -10.50 5.45 31.86
C ILE E 458 -9.10 5.07 32.32
N MET E 459 -9.01 4.21 33.33
CA MET E 459 -7.74 3.64 33.77
C MET E 459 -7.45 2.40 32.95
N TYR E 460 -6.46 2.49 32.06
CA TYR E 460 -6.16 1.41 31.11
C TYR E 460 -5.26 0.34 31.71
N VAL E 461 -5.73 -0.90 31.57
CA VAL E 461 -4.98 -2.10 31.91
C VAL E 461 -4.49 -2.75 30.61
N GLY E 462 -3.60 -3.74 30.73
CA GLY E 462 -3.13 -4.48 29.58
C GLY E 462 -4.03 -5.65 29.27
N ASP E 463 -3.41 -6.74 28.79
CA ASP E 463 -4.09 -8.01 28.51
C ASP E 463 -4.87 -8.52 29.71
N VAL E 464 -6.04 -9.11 29.41
CA VAL E 464 -6.92 -9.68 30.43
C VAL E 464 -6.23 -10.80 31.19
N ARG E 465 -5.32 -11.53 30.53
CA ARG E 465 -4.65 -12.65 31.16
C ARG E 465 -3.57 -12.24 32.16
N SER E 466 -3.29 -10.94 32.26
CA SER E 466 -2.35 -10.43 33.24
C SER E 466 -3.06 -9.90 34.47
N VAL E 467 -4.39 -9.93 34.48
CA VAL E 467 -5.18 -9.42 35.59
C VAL E 467 -5.38 -10.55 36.59
N THR E 468 -4.86 -10.37 37.79
CA THR E 468 -4.93 -11.37 38.86
C THR E 468 -6.10 -11.04 39.78
N GLN E 469 -6.42 -11.99 40.67
CA GLN E 469 -7.44 -11.74 41.68
C GLN E 469 -7.02 -10.65 42.65
N LYS E 470 -5.71 -10.55 42.91
CA LYS E 470 -5.17 -9.47 43.74
C LYS E 470 -5.42 -8.10 43.12
N HIS E 471 -5.16 -7.97 41.80
CA HIS E 471 -5.54 -6.80 41.02
C HIS E 471 -7.01 -6.44 41.20
N ILE E 472 -7.90 -7.44 41.08
CA ILE E 472 -9.34 -7.24 41.21
C ILE E 472 -9.69 -6.72 42.60
N GLN E 473 -9.00 -7.22 43.63
CA GLN E 473 -9.29 -6.80 44.99
C GLN E 473 -8.80 -5.37 45.27
N GLU E 474 -7.59 -5.05 44.81
CA GLU E 474 -6.99 -3.76 45.13
C GLU E 474 -7.53 -2.60 44.29
N TRP E 475 -8.21 -2.88 43.18
CA TRP E 475 -8.85 -1.85 42.37
C TRP E 475 -10.25 -1.51 42.85
N GLY E 476 -10.58 -1.87 44.08
CA GLY E 476 -11.82 -1.46 44.70
C GLY E 476 -12.97 -2.36 44.28
N PRO E 477 -14.02 -2.43 45.11
CA PRO E 477 -15.20 -3.22 44.76
C PRO E 477 -15.83 -2.73 43.47
N PHE E 478 -16.27 -3.67 42.64
CA PHE E 478 -16.90 -3.33 41.38
C PHE E 478 -18.39 -3.51 41.48
N ASP E 479 -19.13 -2.61 40.84
CA ASP E 479 -20.58 -2.65 40.84
C ASP E 479 -21.16 -3.23 39.56
N LEU E 480 -20.38 -3.26 38.49
CA LEU E 480 -20.84 -3.70 37.17
C LEU E 480 -19.64 -4.22 36.40
N VAL E 481 -19.69 -5.49 36.02
CA VAL E 481 -18.65 -6.12 35.20
C VAL E 481 -19.28 -6.48 33.87
N ILE E 482 -18.66 -6.01 32.78
CA ILE E 482 -19.22 -6.18 31.45
C ILE E 482 -18.12 -6.68 30.51
N GLY E 483 -18.57 -7.28 29.41
CA GLY E 483 -17.63 -7.75 28.41
C GLY E 483 -18.22 -8.56 27.27
N GLY E 484 -17.52 -8.56 26.14
CA GLY E 484 -17.88 -9.35 24.98
C GLY E 484 -16.66 -10.00 24.35
N SER E 485 -16.69 -11.33 24.19
CA SER E 485 -15.56 -12.08 23.64
C SER E 485 -15.32 -11.68 22.19
N PRO E 486 -14.10 -11.88 21.68
CA PRO E 486 -13.84 -11.63 20.25
C PRO E 486 -14.77 -12.41 19.35
N CYS E 487 -15.36 -11.68 18.40
CA CYS E 487 -16.39 -12.21 17.52
C CYS E 487 -15.91 -12.37 16.09
N ASN E 488 -14.75 -11.80 15.75
CA ASN E 488 -14.24 -11.84 14.38
C ASN E 488 -13.94 -13.27 13.94
N ASP E 489 -13.42 -14.10 14.84
CA ASP E 489 -13.10 -15.47 14.47
C ASP E 489 -14.34 -16.36 14.51
N LEU E 490 -15.32 -16.00 15.34
CA LEU E 490 -16.58 -16.74 15.37
C LEU E 490 -17.42 -16.40 14.14
N SER E 491 -17.38 -15.14 13.71
CA SER E 491 -18.15 -14.68 12.55
C SER E 491 -17.67 -15.33 11.26
N ILE E 492 -18.63 -15.62 10.37
CA ILE E 492 -18.38 -16.24 9.07
C ILE E 492 -17.90 -15.20 8.05
N VAL E 493 -17.85 -13.92 8.43
CA VAL E 493 -17.46 -12.85 7.51
C VAL E 493 -15.95 -12.86 7.23
N ASN E 494 -15.14 -13.27 8.19
CA ASN E 494 -13.68 -13.34 8.00
C ASN E 494 -13.35 -14.51 7.10
N PRO E 495 -12.68 -14.31 5.96
CA PRO E 495 -12.33 -15.44 5.08
C PRO E 495 -11.45 -16.51 5.72
N ALA E 496 -10.55 -16.12 6.64
CA ALA E 496 -9.60 -17.05 7.23
C ALA E 496 -10.15 -17.59 8.54
N ARG E 497 -11.09 -18.53 8.42
CA ARG E 497 -11.72 -19.18 9.57
C ARG E 497 -10.95 -20.46 9.90
N LYS E 498 -9.79 -20.28 10.54
CA LYS E 498 -8.98 -21.42 10.93
C LYS E 498 -9.66 -22.21 12.03
N GLY E 499 -10.22 -21.52 13.03
CA GLY E 499 -10.99 -22.17 14.05
C GLY E 499 -11.94 -21.18 14.70
N LEU E 500 -12.79 -21.73 15.56
CA LEU E 500 -13.79 -20.99 16.31
C LEU E 500 -13.56 -21.08 17.80
N TYR E 501 -13.13 -22.26 18.26
CA TYR E 501 -12.90 -22.51 19.68
C TYR E 501 -11.55 -21.98 20.10
N GLU E 502 -10.60 -21.89 19.16
CA GLU E 502 -9.28 -21.37 19.43
C GLU E 502 -9.32 -19.85 19.55
N GLY E 503 -8.47 -19.33 20.42
CA GLY E 503 -8.38 -17.89 20.61
C GLY E 503 -9.54 -17.28 21.34
N THR E 504 -10.71 -17.24 20.68
CA THR E 504 -11.89 -16.58 21.25
C THR E 504 -12.46 -17.33 22.44
N GLY E 505 -12.49 -18.67 22.36
CA GLY E 505 -13.06 -19.45 23.45
C GLY E 505 -12.25 -19.33 24.72
N ARG E 506 -10.92 -19.33 24.58
CA ARG E 506 -10.01 -19.23 25.72
C ARG E 506 -10.18 -17.91 26.44
N LEU E 507 -10.24 -16.83 25.65
CA LEU E 507 -10.48 -15.50 26.16
C LEU E 507 -11.82 -15.37 26.86
N PHE E 508 -12.83 -16.17 26.46
CA PHE E 508 -14.11 -16.21 27.18
C PHE E 508 -13.90 -16.52 28.65
N PHE E 509 -13.07 -17.52 28.94
CA PHE E 509 -12.86 -17.98 30.30
C PHE E 509 -12.22 -16.92 31.15
N GLU E 510 -11.43 -16.05 30.49
CA GLU E 510 -10.83 -14.92 31.18
C GLU E 510 -11.90 -14.05 31.83
N PHE E 511 -12.96 -13.73 31.05
CA PHE E 511 -14.14 -13.04 31.58
C PHE E 511 -14.70 -13.78 32.76
N TYR E 512 -14.89 -15.10 32.56
CA TYR E 512 -15.42 -16.01 33.57
C TYR E 512 -14.66 -15.89 34.87
N ARG E 513 -13.32 -15.99 34.77
CA ARG E 513 -12.46 -15.94 35.94
C ARG E 513 -12.62 -14.63 36.68
N LEU E 514 -12.49 -13.52 35.94
CA LEU E 514 -12.49 -12.21 36.59
C LEU E 514 -13.86 -11.89 37.15
N LEU E 515 -14.92 -12.46 36.54
CA LEU E 515 -16.27 -12.31 37.07
C LEU E 515 -16.34 -12.87 38.48
N HIS E 516 -15.83 -14.08 38.67
CA HIS E 516 -15.79 -14.69 40.01
C HIS E 516 -14.88 -13.90 40.93
N ASP E 517 -13.81 -13.31 40.37
CA ASP E 517 -12.93 -12.51 41.19
C ASP E 517 -13.61 -11.22 41.65
N ALA E 518 -14.53 -10.70 40.83
CA ALA E 518 -15.16 -9.42 41.13
C ALA E 518 -16.46 -9.57 41.92
N ARG E 519 -16.96 -10.79 42.06
CA ARG E 519 -18.26 -11.05 42.67
C ARG E 519 -18.17 -10.94 44.19
N PRO E 520 -19.12 -10.27 44.82
CA PRO E 520 -19.18 -10.29 46.30
C PRO E 520 -19.49 -11.68 46.83
N LYS E 521 -19.02 -11.94 48.04
CA LYS E 521 -19.29 -13.19 48.73
C LYS E 521 -20.77 -13.34 49.05
N GLU E 522 -21.18 -14.58 49.29
CA GLU E 522 -22.51 -14.83 49.82
C GLU E 522 -22.61 -14.24 51.23
N GLY E 523 -23.75 -13.62 51.52
CA GLY E 523 -23.92 -12.84 52.72
C GLY E 523 -23.63 -11.37 52.55
N ASP E 524 -22.86 -11.00 51.53
CA ASP E 524 -22.68 -9.62 51.11
C ASP E 524 -23.75 -9.35 50.05
N ASP E 525 -24.86 -8.73 50.48
CA ASP E 525 -26.02 -8.51 49.64
C ASP E 525 -25.97 -7.18 48.89
N ARG E 526 -24.78 -6.59 48.74
CA ARG E 526 -24.66 -5.36 47.96
C ARG E 526 -24.99 -5.64 46.51
N PRO E 527 -25.64 -4.70 45.81
CA PRO E 527 -25.97 -4.91 44.39
C PRO E 527 -24.73 -5.10 43.53
N PHE E 528 -24.80 -6.08 42.63
CA PHE E 528 -23.70 -6.41 41.73
C PHE E 528 -24.29 -6.92 40.44
N PHE E 529 -23.71 -6.47 39.32
CA PHE E 529 -24.29 -6.76 38.02
C PHE E 529 -23.22 -7.07 37.00
N TRP E 530 -23.58 -7.90 36.02
CA TRP E 530 -22.64 -8.35 35.02
C TRP E 530 -23.35 -8.60 33.71
N LEU E 531 -22.61 -8.44 32.63
CA LEU E 531 -23.13 -8.61 31.28
C LEU E 531 -22.05 -9.25 30.43
N PHE E 532 -22.40 -10.34 29.77
CA PHE E 532 -21.57 -10.91 28.72
C PHE E 532 -22.32 -10.90 27.40
N GLU E 533 -21.58 -10.62 26.32
CA GLU E 533 -22.10 -10.46 24.97
C GLU E 533 -21.40 -11.42 24.01
N ASN E 534 -22.14 -11.95 23.03
CA ASN E 534 -21.54 -12.80 21.99
C ASN E 534 -22.45 -12.81 20.76
N VAL E 535 -21.97 -13.39 19.65
CA VAL E 535 -22.72 -13.45 18.39
C VAL E 535 -23.70 -14.62 18.39
N VAL E 536 -24.71 -14.53 17.52
CA VAL E 536 -25.67 -15.62 17.37
C VAL E 536 -25.15 -16.74 16.45
N ALA E 537 -24.23 -16.44 15.53
CA ALA E 537 -23.68 -17.47 14.64
C ALA E 537 -22.57 -18.22 15.37
N MET E 538 -22.97 -19.11 16.27
CA MET E 538 -22.02 -19.84 17.10
C MET E 538 -22.46 -21.29 17.24
N GLY E 539 -21.53 -22.14 17.72
CA GLY E 539 -21.82 -23.55 17.91
C GLY E 539 -22.79 -23.80 19.06
N VAL E 540 -23.47 -24.95 18.98
CA VAL E 540 -24.46 -25.29 20.01
C VAL E 540 -23.77 -25.75 21.29
N SER E 541 -22.79 -26.64 21.18
CA SER E 541 -22.04 -27.09 22.36
C SER E 541 -21.23 -25.94 22.96
N ASP E 542 -20.76 -25.03 22.10
CA ASP E 542 -20.13 -23.79 22.54
C ASP E 542 -21.09 -22.96 23.38
N LYS E 543 -22.30 -22.74 22.85
CA LYS E 543 -23.34 -21.98 23.53
C LYS E 543 -23.75 -22.66 24.83
N ARG E 544 -23.79 -23.99 24.83
CA ARG E 544 -24.13 -24.73 26.03
C ARG E 544 -23.07 -24.54 27.09
N ASP E 545 -21.78 -24.66 26.72
CA ASP E 545 -20.68 -24.50 27.67
C ASP E 545 -20.65 -23.11 28.27
N ILE E 546 -20.93 -22.10 27.42
CA ILE E 546 -21.05 -20.72 27.90
C ILE E 546 -22.21 -20.58 28.89
N SER E 547 -23.37 -21.14 28.55
CA SER E 547 -24.52 -21.11 29.45
C SER E 547 -24.25 -21.88 30.74
N ARG E 548 -23.48 -22.97 30.66
CA ARG E 548 -23.15 -23.78 31.83
C ARG E 548 -22.25 -23.01 32.77
N PHE E 549 -21.28 -22.29 32.21
CA PHE E 549 -20.28 -21.65 33.05
C PHE E 549 -20.83 -20.36 33.65
N LEU E 550 -21.58 -19.59 32.86
CA LEU E 550 -22.18 -18.39 33.43
C LEU E 550 -23.47 -18.69 34.19
N GLU E 551 -23.89 -19.97 34.19
CA GLU E 551 -25.03 -20.48 34.96
C GLU E 551 -26.32 -19.69 34.67
N SER E 552 -26.52 -19.38 33.39
CA SER E 552 -27.67 -18.60 32.97
C SER E 552 -28.08 -19.00 31.55
N ASN E 553 -29.26 -18.51 31.14
CA ASN E 553 -29.98 -18.65 29.89
C ASN E 553 -29.72 -17.41 29.04
N PRO E 554 -29.31 -17.55 27.77
CA PRO E 554 -29.03 -16.36 26.96
C PRO E 554 -30.31 -15.63 26.57
N VAL E 555 -30.19 -14.31 26.43
CA VAL E 555 -31.21 -13.53 25.73
C VAL E 555 -30.64 -13.10 24.39
N MET E 556 -31.37 -13.38 23.30
CA MET E 556 -30.99 -12.86 22.00
C MET E 556 -31.68 -11.53 21.81
N ILE E 557 -30.91 -10.51 21.49
CA ILE E 557 -31.43 -9.19 21.21
C ILE E 557 -30.91 -8.79 19.83
N ASP E 558 -31.83 -8.40 18.94
CA ASP E 558 -31.46 -7.94 17.60
C ASP E 558 -31.60 -6.43 17.56
N ALA E 559 -30.56 -5.76 17.07
CA ALA E 559 -30.55 -4.31 17.04
C ALA E 559 -31.51 -3.71 16.03
N LYS E 560 -31.99 -4.48 15.04
CA LYS E 560 -32.94 -3.99 14.03
C LYS E 560 -34.16 -3.32 14.65
N GLU E 561 -34.59 -3.82 15.82
CA GLU E 561 -35.73 -3.27 16.55
C GLU E 561 -35.51 -1.80 16.90
N VAL E 562 -34.27 -1.42 17.22
CA VAL E 562 -33.97 -0.05 17.61
C VAL E 562 -32.96 0.65 16.71
N SER E 563 -32.28 -0.04 15.80
CA SER E 563 -31.27 0.61 14.97
C SER E 563 -31.36 0.13 13.52
N ALA E 564 -30.53 0.75 12.67
CA ALA E 564 -30.52 0.48 11.24
C ALA E 564 -29.52 -0.63 10.85
N ALA E 565 -29.19 -1.53 11.77
CA ALA E 565 -28.28 -2.64 11.48
C ALA E 565 -28.91 -3.95 11.94
N HIS E 566 -28.66 -5.02 11.18
CA HIS E 566 -28.98 -6.36 11.66
C HIS E 566 -27.84 -6.84 12.52
N ARG E 567 -28.07 -6.82 13.82
CA ARG E 567 -27.05 -7.08 14.82
C ARG E 567 -27.75 -7.92 15.89
N ALA E 568 -27.76 -9.24 15.67
CA ALA E 568 -28.41 -10.18 16.58
C ALA E 568 -27.31 -10.70 17.49
N ARG E 569 -27.46 -10.49 18.79
CA ARG E 569 -26.42 -10.78 19.75
C ARG E 569 -27.01 -11.45 20.99
N TYR E 570 -26.24 -12.38 21.56
CA TYR E 570 -26.59 -12.94 22.86
C TYR E 570 -26.07 -12.06 23.98
N PHE E 571 -26.89 -11.94 25.01
CA PHE E 571 -26.58 -11.20 26.22
C PHE E 571 -26.95 -12.11 27.40
N TRP E 572 -25.93 -12.62 28.08
CA TRP E 572 -26.08 -13.24 29.38
C TRP E 572 -25.91 -12.15 30.45
N GLY E 573 -26.64 -12.28 31.54
CA GLY E 573 -26.46 -11.35 32.63
C GLY E 573 -27.61 -11.38 33.63
N ASN E 574 -27.45 -10.56 34.68
CA ASN E 574 -28.42 -10.45 35.74
C ASN E 574 -28.97 -9.04 35.90
N LEU E 575 -28.78 -8.19 34.90
CA LEU E 575 -29.36 -6.85 34.92
C LEU E 575 -30.88 -6.99 34.90
N PRO E 576 -31.62 -6.25 35.74
CA PRO E 576 -33.08 -6.31 35.73
C PRO E 576 -33.65 -5.88 34.38
N GLY E 577 -34.70 -6.56 33.95
CA GLY E 577 -35.33 -6.21 32.68
C GLY E 577 -34.49 -6.48 31.46
N MET E 578 -33.72 -7.57 31.47
CA MET E 578 -32.97 -7.94 30.28
C MET E 578 -33.83 -8.68 29.25
N ASN E 579 -35.00 -9.17 29.67
CA ASN E 579 -35.91 -9.89 28.79
C ASN E 579 -36.93 -8.98 28.10
N ARG E 580 -37.28 -7.86 28.72
CA ARG E 580 -38.36 -6.98 28.29
C ARG E 580 -38.15 -6.46 26.86
N PRO E 581 -39.23 -6.14 26.13
CA PRO E 581 -39.07 -5.79 24.71
C PRO E 581 -38.39 -4.46 24.48
N LEU E 582 -37.70 -4.36 23.34
CA LEU E 582 -36.93 -3.18 22.99
C LEU E 582 -37.80 -2.08 22.43
N ALA E 583 -37.63 -0.88 22.99
CA ALA E 583 -38.29 0.32 22.48
C ALA E 583 -37.27 1.19 21.77
N SER E 584 -37.68 1.75 20.64
CA SER E 584 -36.85 2.63 19.83
C SER E 584 -37.33 4.07 20.02
N THR E 585 -36.48 4.91 20.61
CA THR E 585 -36.79 6.32 20.76
C THR E 585 -36.68 7.03 19.40
N VAL E 586 -37.29 8.22 19.33
CA VAL E 586 -37.33 9.00 18.10
C VAL E 586 -35.95 9.39 17.61
N ASN E 587 -34.99 9.58 18.54
CA ASN E 587 -33.60 9.86 18.17
C ASN E 587 -32.99 8.72 17.38
N ASP E 588 -33.38 7.47 17.65
CA ASP E 588 -32.85 6.34 16.93
C ASP E 588 -33.38 6.33 15.50
N LYS E 589 -32.57 5.83 14.58
CA LYS E 589 -32.87 5.88 13.15
C LYS E 589 -33.11 4.47 12.62
N LEU E 590 -34.39 4.12 12.47
CA LEU E 590 -34.80 2.80 12.00
C LEU E 590 -34.65 2.62 10.49
N GLU E 591 -34.31 3.66 9.75
CA GLU E 591 -34.13 3.57 8.32
C GLU E 591 -32.67 3.91 8.02
N LEU E 592 -32.10 3.22 7.04
CA LEU E 592 -30.71 3.46 6.68
C LEU E 592 -30.53 4.86 6.11
N GLN E 593 -31.53 5.34 5.35
CA GLN E 593 -31.46 6.62 4.63
C GLN E 593 -31.23 7.80 5.56
N GLU E 594 -31.86 7.78 6.74
CA GLU E 594 -31.65 8.83 7.73
C GLU E 594 -30.22 8.86 8.26
N CYS E 595 -29.49 7.75 8.13
CA CYS E 595 -28.12 7.66 8.64
C CYS E 595 -27.11 8.02 7.57
N LEU E 596 -27.55 8.26 6.34
CA LEU E 596 -26.62 8.54 5.26
C LEU E 596 -26.20 10.00 5.31
N GLU E 597 -25.18 10.34 4.53
CA GLU E 597 -24.85 11.74 4.36
C GLU E 597 -25.79 12.36 3.34
N HIS E 598 -25.86 13.69 3.37
CA HIS E 598 -26.67 14.40 2.40
C HIS E 598 -26.07 14.24 1.01
N GLY E 599 -26.91 14.10 0.01
CA GLY E 599 -26.47 13.80 -1.33
C GLY E 599 -26.44 12.32 -1.65
N ARG E 600 -26.64 11.46 -0.64
CA ARG E 600 -26.63 10.02 -0.82
C ARG E 600 -28.04 9.47 -0.63
N ILE E 601 -28.35 8.42 -1.38
CA ILE E 601 -29.62 7.72 -1.23
C ILE E 601 -29.32 6.24 -1.07
N ALA E 602 -30.02 5.61 -0.13
CA ALA E 602 -29.83 4.20 0.17
C ALA E 602 -30.95 3.39 -0.45
N LYS E 603 -30.59 2.44 -1.33
CA LYS E 603 -31.56 1.44 -1.74
C LYS E 603 -31.93 0.53 -0.57
N PHE E 604 -31.00 0.35 0.37
CA PHE E 604 -31.21 -0.53 1.50
C PHE E 604 -31.88 0.25 2.63
N SER E 605 -32.68 -0.46 3.43
CA SER E 605 -33.23 0.12 4.64
C SER E 605 -32.48 -0.33 5.88
N LYS E 606 -31.74 -1.43 5.78
CA LYS E 606 -30.90 -1.99 6.83
C LYS E 606 -29.59 -2.46 6.20
N VAL E 607 -28.51 -2.40 6.98
CA VAL E 607 -27.22 -2.96 6.57
C VAL E 607 -26.96 -4.21 7.39
N ARG E 608 -26.71 -5.32 6.71
CA ARG E 608 -26.41 -6.60 7.35
C ARG E 608 -24.93 -6.62 7.66
N THR E 609 -24.59 -6.64 8.95
CA THR E 609 -23.19 -6.62 9.39
C THR E 609 -23.12 -7.36 10.71
N ILE E 610 -22.37 -8.47 10.71
CA ILE E 610 -22.30 -9.35 11.86
C ILE E 610 -20.87 -9.51 12.32
N GLN E 623 -24.40 -7.58 -3.58
CA GLN E 623 -24.63 -6.19 -3.22
C GLN E 623 -23.83 -5.85 -1.98
N HIS E 624 -22.51 -6.04 -2.10
CA HIS E 624 -21.58 -5.80 -1.00
C HIS E 624 -21.58 -4.35 -0.55
N PHE E 625 -21.60 -3.42 -1.50
CA PHE E 625 -21.44 -2.00 -1.18
C PHE E 625 -22.81 -1.36 -1.17
N PRO E 626 -23.31 -0.95 0.00
CA PRO E 626 -24.75 -0.72 0.16
C PRO E 626 -25.32 0.56 -0.44
N VAL E 627 -24.58 1.41 -1.14
CA VAL E 627 -25.07 2.76 -1.44
C VAL E 627 -25.05 3.04 -2.93
N PHE E 628 -26.15 3.64 -3.43
CA PHE E 628 -26.22 4.23 -4.77
C PHE E 628 -26.06 5.74 -4.58
N MET E 629 -24.88 6.26 -4.91
CA MET E 629 -24.66 7.70 -4.92
C MET E 629 -24.16 8.08 -6.30
N ASN E 630 -24.83 9.06 -6.91
CA ASN E 630 -24.53 9.59 -8.24
C ASN E 630 -24.46 8.46 -9.27
N GLU E 631 -25.45 7.56 -9.17
CA GLU E 631 -25.60 6.37 -10.01
C GLU E 631 -24.36 5.47 -9.93
N LYS E 632 -23.79 5.33 -8.72
CA LYS E 632 -22.59 4.53 -8.49
C LYS E 632 -22.68 3.80 -7.15
N GLU E 633 -22.05 2.63 -7.08
CA GLU E 633 -22.08 1.75 -5.91
C GLU E 633 -20.91 2.04 -4.96
N ASP E 634 -21.20 2.52 -3.76
CA ASP E 634 -20.20 2.89 -2.76
C ASP E 634 -20.47 2.21 -1.40
N ILE E 635 -19.37 2.07 -0.63
CA ILE E 635 -19.39 1.64 0.76
C ILE E 635 -19.99 2.77 1.62
N LEU E 636 -20.56 2.41 2.77
CA LEU E 636 -20.90 3.41 3.78
C LEU E 636 -19.65 4.12 4.25
N TRP E 637 -19.74 5.44 4.46
CA TRP E 637 -18.61 6.17 5.02
C TRP E 637 -18.52 5.89 6.51
N CYS E 638 -17.31 6.02 7.07
CA CYS E 638 -17.02 5.71 8.47
C CYS E 638 -17.94 6.43 9.46
N THR E 639 -18.24 7.70 9.18
CA THR E 639 -19.12 8.48 10.04
C THR E 639 -20.56 7.97 9.95
N GLU E 640 -20.92 7.40 8.80
CA GLU E 640 -22.25 6.81 8.67
C GLU E 640 -22.34 5.47 9.36
N MET E 641 -21.27 4.67 9.32
CA MET E 641 -21.23 3.43 10.09
C MET E 641 -21.41 3.70 11.58
N GLU E 642 -20.77 4.78 12.07
CA GLU E 642 -21.03 5.28 13.41
C GLU E 642 -22.50 5.63 13.60
N ARG E 643 -23.12 6.28 12.61
CA ARG E 643 -24.53 6.67 12.74
C ARG E 643 -25.46 5.47 12.74
N VAL E 644 -25.10 4.44 11.97
CA VAL E 644 -25.85 3.18 11.94
C VAL E 644 -25.84 2.54 13.31
N PHE E 645 -24.67 2.48 13.94
CA PHE E 645 -24.61 1.79 15.23
C PHE E 645 -25.02 2.68 16.40
N GLY E 646 -25.40 3.94 16.16
CA GLY E 646 -25.84 4.78 17.24
C GLY E 646 -24.76 5.61 17.92
N PHE E 647 -23.50 5.47 17.50
CA PHE E 647 -22.41 6.25 18.08
C PHE E 647 -22.60 7.73 17.79
N PRO E 648 -22.07 8.61 18.66
CA PRO E 648 -22.10 10.05 18.36
C PRO E 648 -21.31 10.36 17.10
N VAL E 649 -21.73 11.45 16.45
CA VAL E 649 -21.15 11.87 15.17
C VAL E 649 -19.65 12.11 15.31
N HIS E 650 -18.88 11.53 14.38
CA HIS E 650 -17.41 11.61 14.32
C HIS E 650 -16.74 11.05 15.58
N TYR E 651 -17.21 9.89 16.05
CA TYR E 651 -16.72 9.30 17.31
C TYR E 651 -15.34 8.66 17.20
N THR E 652 -15.01 7.99 16.09
CA THR E 652 -13.74 7.28 15.97
C THR E 652 -12.67 8.08 15.22
N ASP E 653 -12.95 9.32 14.83
CA ASP E 653 -11.91 10.15 14.21
C ASP E 653 -11.04 10.77 15.29
N VAL E 654 -10.17 9.95 15.87
CA VAL E 654 -9.27 10.53 16.86
C VAL E 654 -7.86 10.53 16.28
N SER E 655 -7.24 9.38 16.08
CA SER E 655 -5.86 9.32 15.63
C SER E 655 -5.80 9.15 14.13
N ASN E 656 -4.57 9.02 13.63
CA ASN E 656 -4.30 8.91 12.20
C ASN E 656 -4.20 7.44 11.83
N MET E 657 -5.35 6.85 11.50
CA MET E 657 -5.45 5.45 11.16
C MET E 657 -6.15 5.29 9.81
N SER E 658 -5.88 4.16 9.16
CA SER E 658 -6.45 3.88 7.85
C SER E 658 -7.96 3.63 7.96
N ARG E 659 -8.63 3.74 6.80
CA ARG E 659 -10.08 3.54 6.75
C ARG E 659 -10.47 2.07 7.00
N LEU E 660 -9.72 1.11 6.45
CA LEU E 660 -10.01 -0.32 6.62
C LEU E 660 -9.96 -0.69 8.09
N ALA E 661 -8.94 -0.21 8.79
CA ALA E 661 -8.80 -0.46 10.21
C ALA E 661 -9.93 0.19 10.99
N ARG E 662 -10.26 1.44 10.64
CA ARG E 662 -11.27 2.20 11.37
C ARG E 662 -12.67 1.62 11.19
N GLN E 663 -12.98 1.14 9.98
CA GLN E 663 -14.22 0.40 9.74
C GLN E 663 -14.28 -0.87 10.58
N ARG E 664 -13.20 -1.67 10.53
CA ARG E 664 -13.04 -2.89 11.35
C ARG E 664 -13.28 -2.61 12.84
N LEU E 665 -12.67 -1.52 13.32
CA LEU E 665 -12.81 -1.07 14.72
C LEU E 665 -14.29 -0.81 15.02
N LEU E 666 -14.97 -0.07 14.14
CA LEU E 666 -16.39 0.18 14.36
C LEU E 666 -17.22 -1.10 14.29
N GLY E 667 -16.84 -1.99 13.37
CA GLY E 667 -17.59 -3.21 13.10
C GLY E 667 -17.73 -4.13 14.29
N ARG E 668 -16.66 -4.24 15.08
CA ARG E 668 -16.73 -5.15 16.23
C ARG E 668 -17.67 -4.69 17.34
N SER E 669 -18.07 -3.42 17.34
CA SER E 669 -18.57 -2.79 18.55
C SER E 669 -20.01 -3.19 18.85
N TRP E 670 -20.42 -2.92 20.10
CA TRP E 670 -21.78 -3.13 20.52
C TRP E 670 -22.70 -2.05 19.93
N SER E 671 -23.94 -2.44 19.63
CA SER E 671 -24.93 -1.48 19.14
C SER E 671 -25.39 -0.57 20.28
N VAL E 672 -25.17 0.74 20.10
CA VAL E 672 -25.40 1.71 21.20
C VAL E 672 -26.81 1.73 21.77
N PRO E 673 -27.91 1.76 20.99
CA PRO E 673 -29.23 1.81 21.64
C PRO E 673 -29.64 0.51 22.32
N VAL E 674 -29.11 -0.62 21.85
CA VAL E 674 -29.32 -1.91 22.53
C VAL E 674 -28.68 -1.90 23.91
N ILE E 675 -27.44 -1.44 23.96
CA ILE E 675 -26.70 -1.31 25.21
C ILE E 675 -27.34 -0.27 26.12
N ARG E 676 -27.92 0.80 25.55
CA ARG E 676 -28.70 1.75 26.34
C ARG E 676 -29.92 1.10 26.95
N HIS E 677 -30.60 0.27 26.15
CA HIS E 677 -31.76 -0.48 26.59
C HIS E 677 -31.42 -1.40 27.76
N LEU E 678 -30.30 -2.12 27.65
CA LEU E 678 -29.86 -3.01 28.71
C LEU E 678 -29.45 -2.25 29.97
N PHE E 679 -28.65 -1.19 29.80
CA PHE E 679 -28.08 -0.48 30.94
C PHE E 679 -29.07 0.45 31.62
N ALA E 680 -30.21 0.76 30.99
CA ALA E 680 -31.15 1.75 31.53
C ALA E 680 -31.67 1.49 32.95
N PRO E 681 -32.06 0.27 33.37
CA PRO E 681 -32.56 0.13 34.76
C PRO E 681 -31.48 0.24 35.84
N LEU E 682 -30.19 0.26 35.48
CA LEU E 682 -29.13 0.58 36.43
C LEU E 682 -29.28 1.97 37.05
N LYS E 683 -30.01 2.88 36.38
CA LYS E 683 -30.34 4.19 36.95
C LYS E 683 -31.12 4.07 38.25
N GLU E 684 -31.87 2.98 38.42
CA GLU E 684 -32.62 2.74 39.66
C GLU E 684 -31.72 2.25 40.79
N TYR E 685 -30.44 1.98 40.52
CA TYR E 685 -29.56 1.43 41.54
C TYR E 685 -28.33 2.29 41.82
N PHE E 686 -28.06 3.33 41.03
CA PHE E 686 -26.87 4.15 41.23
C PHE E 686 -27.18 5.63 41.01
N ALA E 687 -26.17 6.46 41.24
CA ALA E 687 -26.35 7.91 41.35
C ALA E 687 -26.38 8.57 39.97
N CYS E 688 -27.09 9.69 39.89
CA CYS E 688 -27.30 10.43 38.67
C CYS E 688 -26.54 11.76 38.68
N VAL E 689 -26.24 12.25 37.48
CA VAL E 689 -25.59 13.56 37.33
C VAL E 689 -26.61 14.68 37.39
N ARG F 253 33.67 40.59 -0.35
CA ARG F 253 33.49 41.50 0.77
C ARG F 253 34.48 41.31 1.93
N GLU F 254 35.46 40.40 1.82
CA GLU F 254 36.40 40.19 2.93
C GLU F 254 37.30 41.41 3.16
N ARG F 255 37.78 42.04 2.08
CA ARG F 255 38.68 43.18 2.18
C ARG F 255 37.92 44.44 2.57
N LEU F 256 36.66 44.52 2.14
CA LEU F 256 35.84 45.69 2.44
C LEU F 256 35.47 45.71 3.92
N VAL F 257 35.15 44.55 4.48
CA VAL F 257 34.86 44.47 5.92
C VAL F 257 36.16 44.55 6.74
N TYR F 258 37.32 44.20 6.15
CA TYR F 258 38.59 44.57 6.78
C TYR F 258 38.65 46.07 6.97
N GLU F 259 38.32 46.84 5.93
CA GLU F 259 38.30 48.29 6.09
C GLU F 259 37.14 48.78 6.97
N VAL F 260 36.07 47.99 7.10
CA VAL F 260 34.97 48.37 8.01
C VAL F 260 35.41 48.26 9.46
N ARG F 261 36.11 47.18 9.82
CA ARG F 261 36.51 46.99 11.21
C ARG F 261 37.71 47.85 11.60
N GLN F 262 38.47 48.38 10.63
CA GLN F 262 39.53 49.34 10.91
C GLN F 262 39.01 50.76 11.14
N LYS F 263 37.68 50.94 11.25
CA LYS F 263 37.01 52.23 11.42
C LYS F 263 37.33 53.19 10.27
N CYS F 264 37.46 52.63 9.06
CA CYS F 264 37.66 53.41 7.85
C CYS F 264 36.44 53.42 6.95
N ARG F 265 35.50 52.49 7.16
CA ARG F 265 34.26 52.42 6.42
C ARG F 265 33.13 52.11 7.39
N ASN F 266 32.01 52.79 7.24
CA ASN F 266 30.82 52.46 8.02
C ASN F 266 30.20 51.17 7.50
N ILE F 267 29.80 50.30 8.44
CA ILE F 267 29.07 49.08 8.07
C ILE F 267 27.74 49.44 7.41
N GLU F 268 27.14 50.57 7.79
CA GLU F 268 25.88 51.04 7.20
C GLU F 268 26.07 51.57 5.78
N ASP F 269 27.31 51.77 5.34
CA ASP F 269 27.60 52.22 3.98
C ASP F 269 27.94 51.07 3.04
N ILE F 270 27.88 49.84 3.53
CA ILE F 270 28.18 48.67 2.71
C ILE F 270 26.99 47.71 2.77
N CYS F 271 26.76 47.02 1.66
CA CYS F 271 25.70 46.00 1.58
C CYS F 271 26.24 44.70 2.17
N ILE F 272 25.77 44.37 3.37
CA ILE F 272 26.29 43.23 4.14
C ILE F 272 25.88 41.87 3.56
N SER F 273 25.05 41.87 2.52
CA SER F 273 24.67 40.60 1.90
C SER F 273 25.73 40.14 0.89
N CYS F 274 26.11 41.01 -0.05
CA CYS F 274 27.07 40.62 -1.08
C CYS F 274 28.27 41.55 -1.21
N GLY F 275 28.37 42.60 -0.40
CA GLY F 275 29.48 43.53 -0.49
C GLY F 275 29.38 44.54 -1.61
N SER F 276 28.18 44.80 -2.13
CA SER F 276 27.99 45.82 -3.14
C SER F 276 28.10 47.23 -2.56
N LEU F 277 28.54 48.17 -3.41
CA LEU F 277 28.64 49.58 -3.05
C LEU F 277 27.40 50.37 -3.42
N ASN F 278 26.47 49.76 -4.15
CA ASN F 278 25.23 50.41 -4.58
C ASN F 278 24.19 50.27 -3.47
N VAL F 279 24.44 50.99 -2.37
CA VAL F 279 23.57 50.92 -1.20
C VAL F 279 22.38 51.84 -1.44
N THR F 280 21.17 51.27 -1.40
CA THR F 280 19.93 52.01 -1.54
C THR F 280 19.08 51.89 -0.28
N LEU F 281 18.98 50.69 0.27
CA LEU F 281 18.20 50.40 1.46
C LEU F 281 19.11 50.07 2.63
N GLU F 282 18.50 49.94 3.79
CA GLU F 282 19.13 49.33 4.96
C GLU F 282 18.62 47.90 5.12
N HIS F 283 19.50 47.02 5.60
CA HIS F 283 19.10 45.65 5.88
C HIS F 283 18.08 45.63 7.01
N PRO F 284 16.92 44.99 6.83
CA PRO F 284 15.84 45.13 7.82
C PRO F 284 16.11 44.48 9.17
N LEU F 285 16.89 43.40 9.20
CA LEU F 285 17.12 42.66 10.44
C LEU F 285 18.40 43.08 11.17
N PHE F 286 19.45 43.44 10.43
CA PHE F 286 20.78 43.65 10.99
C PHE F 286 21.40 44.93 10.42
N VAL F 287 22.59 45.26 10.93
CA VAL F 287 23.27 46.51 10.61
C VAL F 287 24.03 46.42 9.29
N GLY F 288 23.72 47.35 8.40
CA GLY F 288 24.37 47.43 7.12
C GLY F 288 23.43 48.03 6.09
N GLY F 289 23.97 48.21 4.89
CA GLY F 289 23.19 48.67 3.76
C GLY F 289 22.65 47.48 2.99
N MET F 290 21.86 47.78 1.96
CA MET F 290 21.25 46.72 1.16
C MET F 290 21.09 47.21 -0.27
N CYS F 291 21.63 46.45 -1.23
CA CYS F 291 21.43 46.77 -2.64
C CYS F 291 20.15 46.12 -3.15
N GLN F 292 19.69 46.60 -4.31
CA GLN F 292 18.38 46.23 -4.85
C GLN F 292 18.32 44.76 -5.29
N ASN F 293 19.40 44.26 -5.91
CA ASN F 293 19.45 42.85 -6.31
C ASN F 293 19.32 41.93 -5.11
N CYS F 294 19.98 42.30 -4.00
CA CYS F 294 19.82 41.57 -2.75
C CYS F 294 18.41 41.72 -2.19
N LYS F 295 17.74 42.84 -2.44
CA LYS F 295 16.33 42.95 -2.04
C LYS F 295 15.47 41.96 -2.80
N ASN F 296 15.70 41.81 -4.12
CA ASN F 296 14.95 40.84 -4.91
C ASN F 296 15.22 39.41 -4.45
N CYS F 297 16.51 39.09 -4.22
CA CYS F 297 16.90 37.82 -3.64
C CYS F 297 16.24 37.57 -2.28
N PHE F 298 16.19 38.61 -1.44
CA PHE F 298 15.58 38.51 -0.11
C PHE F 298 14.08 38.28 -0.21
N LEU F 299 13.42 38.92 -1.18
CA LEU F 299 12.00 38.68 -1.43
C LEU F 299 11.74 37.23 -1.81
N GLU F 300 12.53 36.70 -2.76
CA GLU F 300 12.35 35.30 -3.18
C GLU F 300 12.68 34.31 -2.06
N CYS F 301 13.74 34.57 -1.29
CA CYS F 301 14.45 33.49 -0.59
C CYS F 301 14.20 33.41 0.90
N ALA F 302 13.90 34.54 1.57
CA ALA F 302 13.81 34.62 3.03
C ALA F 302 12.85 33.58 3.62
N TYR F 303 11.64 33.52 3.10
CA TYR F 303 10.63 32.59 3.62
C TYR F 303 10.59 31.28 2.83
N GLN F 304 11.75 30.82 2.35
CA GLN F 304 11.87 29.51 1.73
C GLN F 304 12.43 28.54 2.77
N TYR F 305 11.71 27.45 3.02
CA TYR F 305 12.10 26.46 4.01
C TYR F 305 12.29 25.11 3.34
N ASP F 306 13.26 24.34 3.84
CA ASP F 306 13.55 23.02 3.32
C ASP F 306 12.58 22.00 3.89
N ASP F 307 12.82 20.72 3.59
CA ASP F 307 11.96 19.68 4.12
C ASP F 307 12.20 19.42 5.59
N ASP F 308 13.33 19.87 6.14
CA ASP F 308 13.61 19.71 7.57
C ASP F 308 12.88 20.74 8.43
N GLY F 309 12.15 21.65 7.82
CA GLY F 309 11.45 22.72 8.50
C GLY F 309 12.31 23.93 8.80
N TYR F 310 13.58 23.90 8.45
CA TYR F 310 14.49 25.02 8.59
C TYR F 310 14.67 25.73 7.25
N GLN F 311 15.20 26.94 7.31
CA GLN F 311 15.38 27.80 6.12
C GLN F 311 16.24 27.13 5.05
N SER F 312 15.91 27.44 3.79
CA SER F 312 16.62 26.86 2.66
C SER F 312 17.99 27.50 2.47
N TYR F 313 18.14 28.76 2.83
CA TYR F 313 19.37 29.50 2.61
C TYR F 313 19.66 30.33 3.86
N CYS F 314 20.83 30.97 3.85
CA CYS F 314 21.26 31.82 4.95
C CYS F 314 20.30 32.99 5.13
N THR F 315 20.11 33.41 6.38
CA THR F 315 19.19 34.50 6.64
C THR F 315 19.77 35.85 6.22
N ILE F 316 21.10 36.01 6.27
CA ILE F 316 21.74 37.28 5.99
C ILE F 316 21.73 37.57 4.49
N CYS F 317 22.48 36.78 3.74
CA CYS F 317 22.71 37.05 2.33
C CYS F 317 21.70 36.38 1.41
N CYS F 318 20.82 35.54 1.95
CA CYS F 318 19.86 34.71 1.22
C CYS F 318 20.53 33.80 0.19
N GLY F 319 21.79 33.46 0.43
CA GLY F 319 22.52 32.46 -0.34
C GLY F 319 23.26 31.53 0.60
N GLY F 320 24.56 31.33 0.36
CA GLY F 320 25.36 30.52 1.25
C GLY F 320 25.43 29.06 0.81
N ARG F 321 26.60 28.46 1.00
CA ARG F 321 26.86 27.10 0.53
C ARG F 321 26.67 26.03 1.60
N GLU F 322 27.14 26.27 2.82
CA GLU F 322 26.88 25.38 3.94
C GLU F 322 26.41 26.25 5.11
N VAL F 323 25.28 25.89 5.70
CA VAL F 323 24.61 26.75 6.67
C VAL F 323 24.65 26.13 8.06
N LEU F 324 24.43 27.00 9.06
CA LEU F 324 24.30 26.61 10.45
C LEU F 324 22.82 26.72 10.84
N MET F 325 22.24 25.59 11.20
CA MET F 325 20.87 25.55 11.67
C MET F 325 20.84 25.90 13.15
N CYS F 326 19.66 26.33 13.63
CA CYS F 326 19.55 26.88 14.98
C CYS F 326 18.95 25.87 15.95
N GLY F 327 19.56 25.80 17.14
CA GLY F 327 19.13 24.84 18.14
C GLY F 327 17.89 25.24 18.90
N ASN F 328 17.66 26.55 19.08
CA ASN F 328 16.54 27.09 19.84
C ASN F 328 15.20 26.57 19.32
N ASN F 329 14.27 26.36 20.25
CA ASN F 329 12.96 25.79 19.92
C ASN F 329 12.15 26.77 19.11
N ASN F 330 11.51 26.25 18.05
CA ASN F 330 10.63 26.91 17.09
C ASN F 330 11.40 27.83 16.14
N CYS F 331 12.68 28.07 16.38
CA CYS F 331 13.45 28.90 15.47
C CYS F 331 13.96 28.03 14.32
N CYS F 332 13.85 28.56 13.11
CA CYS F 332 14.15 27.81 11.91
C CYS F 332 15.24 28.45 11.06
N ARG F 333 15.93 29.46 11.61
CA ARG F 333 16.85 30.24 10.81
C ARG F 333 18.16 29.48 10.60
N CYS F 334 18.88 29.87 9.54
CA CYS F 334 20.19 29.32 9.24
C CYS F 334 21.14 30.46 8.90
N PHE F 335 22.41 30.31 9.28
CA PHE F 335 23.47 31.28 8.99
C PHE F 335 24.64 30.54 8.36
N CYS F 336 24.96 30.87 7.12
CA CYS F 336 26.07 30.19 6.43
C CYS F 336 27.42 30.59 7.02
N VAL F 337 28.41 29.69 6.84
CA VAL F 337 29.77 29.82 7.37
C VAL F 337 30.43 31.14 6.96
N GLU F 338 30.15 31.62 5.74
CA GLU F 338 30.82 32.79 5.20
C GLU F 338 30.39 34.07 5.92
N CYS F 339 29.08 34.22 6.16
CA CYS F 339 28.54 35.36 6.89
C CYS F 339 29.10 35.48 8.30
N VAL F 340 29.21 34.35 9.01
CA VAL F 340 29.71 34.33 10.39
C VAL F 340 31.19 34.72 10.46
N ASP F 341 31.92 34.59 9.35
CA ASP F 341 33.34 34.93 9.35
C ASP F 341 33.56 36.44 9.39
N LEU F 342 32.60 37.22 8.91
CA LEU F 342 32.74 38.67 8.97
C LEU F 342 32.18 39.22 10.27
N LEU F 343 30.93 38.89 10.56
CA LEU F 343 30.16 39.58 11.57
C LEU F 343 30.48 39.11 12.99
N VAL F 344 30.87 37.86 13.16
CA VAL F 344 31.27 37.34 14.46
C VAL F 344 32.79 37.11 14.53
N GLY F 345 33.47 37.05 13.39
CA GLY F 345 34.91 36.87 13.37
C GLY F 345 35.34 35.64 12.61
N PRO F 346 36.61 35.56 12.24
CA PRO F 346 37.08 34.41 11.46
C PRO F 346 37.18 33.16 12.32
N GLY F 347 36.76 32.03 11.75
CA GLY F 347 36.72 30.78 12.46
C GLY F 347 35.62 30.65 13.49
N ALA F 348 34.79 31.68 13.67
CA ALA F 348 33.69 31.63 14.63
C ALA F 348 32.63 30.64 14.22
N ALA F 349 32.44 30.43 12.91
CA ALA F 349 31.47 29.43 12.46
C ALA F 349 31.94 28.02 12.78
N GLN F 350 33.22 27.72 12.47
CA GLN F 350 33.77 26.40 12.75
C GLN F 350 33.80 26.11 14.25
N ALA F 351 34.06 27.14 15.06
CA ALA F 351 33.98 26.99 16.52
C ALA F 351 32.54 26.89 17.00
N ALA F 352 31.61 27.58 16.32
CA ALA F 352 30.20 27.57 16.67
C ALA F 352 29.51 26.25 16.33
N ILE F 353 30.01 25.52 15.33
CA ILE F 353 29.53 24.17 15.04
C ILE F 353 29.71 23.28 16.26
N LYS F 354 30.85 23.44 16.94
CA LYS F 354 31.22 22.59 18.06
C LYS F 354 30.40 22.88 19.31
N GLU F 355 29.68 24.00 19.34
CA GLU F 355 28.83 24.36 20.47
C GLU F 355 27.50 23.65 20.27
N ASP F 356 27.32 22.51 20.98
CA ASP F 356 26.19 21.62 20.72
C ASP F 356 24.85 22.28 21.04
N PRO F 357 24.61 22.92 22.24
CA PRO F 357 23.42 23.78 22.33
C PRO F 357 23.66 25.21 21.84
N TRP F 358 23.47 25.46 20.55
CA TRP F 358 23.78 26.76 19.96
C TRP F 358 22.51 27.55 19.68
N ASN F 359 22.58 28.87 19.92
CA ASN F 359 21.51 29.82 19.63
C ASN F 359 21.94 30.76 18.52
N CYS F 360 21.04 31.00 17.57
CA CYS F 360 21.34 31.92 16.49
C CYS F 360 21.20 33.37 16.96
N TYR F 361 21.69 34.29 16.14
CA TYR F 361 21.87 35.68 16.53
C TYR F 361 20.57 36.48 16.57
N MET F 362 19.50 36.00 15.93
CA MET F 362 18.18 36.56 16.18
C MET F 362 17.58 36.07 17.49
N CYS F 363 18.11 34.97 18.03
CA CYS F 363 17.65 34.37 19.28
C CYS F 363 18.64 34.50 20.43
N GLY F 364 19.82 35.06 20.19
CA GLY F 364 20.82 35.19 21.23
C GLY F 364 20.35 36.05 22.39
N HIS F 365 20.67 35.60 23.61
CA HIS F 365 20.12 36.22 24.81
C HIS F 365 20.77 37.57 25.08
N LYS F 366 22.07 37.71 24.76
CA LYS F 366 22.76 38.98 24.98
C LYS F 366 22.20 40.05 24.05
N GLY F 367 22.07 39.74 22.77
CA GLY F 367 21.53 40.67 21.79
C GLY F 367 22.51 41.69 21.25
N THR F 368 23.78 41.61 21.64
CA THR F 368 24.80 42.59 21.26
C THR F 368 26.12 41.87 21.01
N TYR F 369 26.68 42.02 19.82
CA TYR F 369 27.97 41.46 19.49
C TYR F 369 28.83 42.56 18.88
N GLY F 370 30.11 42.27 18.68
CA GLY F 370 31.09 43.23 18.22
C GLY F 370 30.81 43.91 16.89
N LEU F 371 30.89 43.16 15.80
CA LEU F 371 30.64 43.71 14.48
C LEU F 371 29.17 43.66 14.11
N LEU F 372 28.45 42.65 14.58
CA LEU F 372 27.03 42.46 14.28
C LEU F 372 26.20 42.85 15.50
N ARG F 373 25.26 43.76 15.31
CA ARG F 373 24.31 44.07 16.38
C ARG F 373 22.91 44.03 15.80
N ARG F 374 21.97 43.55 16.59
CA ARG F 374 20.60 43.38 16.11
C ARG F 374 19.85 44.71 16.27
N ARG F 375 19.20 45.14 15.19
CA ARG F 375 18.46 46.40 15.20
C ARG F 375 17.12 46.19 15.91
N GLU F 376 16.68 47.22 16.66
CA GLU F 376 15.69 46.98 17.71
C GLU F 376 14.26 46.78 17.20
N ASP F 377 13.80 47.59 16.24
CA ASP F 377 12.41 47.45 15.79
C ASP F 377 12.28 46.58 14.54
N TRP F 378 13.08 45.52 14.48
CA TRP F 378 13.05 44.58 13.35
C TRP F 378 11.68 43.97 13.00
N PRO F 379 10.74 43.65 13.93
CA PRO F 379 9.42 43.21 13.43
C PRO F 379 8.67 44.33 12.74
N SER F 380 8.76 45.55 13.29
CA SER F 380 8.16 46.72 12.68
C SER F 380 8.77 46.98 11.30
N ARG F 381 10.10 46.84 11.20
CA ARG F 381 10.78 47.02 9.91
C ARG F 381 10.39 45.92 8.93
N LEU F 382 10.17 44.70 9.42
CA LEU F 382 9.71 43.61 8.57
C LEU F 382 8.34 43.91 7.99
N GLN F 383 7.44 44.46 8.82
CA GLN F 383 6.13 44.87 8.31
C GLN F 383 6.24 46.05 7.32
N MET F 384 7.10 47.02 7.63
CA MET F 384 7.32 48.17 6.76
C MET F 384 7.98 47.78 5.43
N PHE F 385 8.78 46.72 5.44
CA PHE F 385 9.55 46.27 4.28
C PHE F 385 8.67 45.94 3.08
N PHE F 386 7.47 45.44 3.32
CA PHE F 386 6.55 45.17 2.23
C PHE F 386 5.87 46.46 1.74
N ALA F 387 5.62 47.40 2.65
CA ALA F 387 5.19 48.73 2.25
C ALA F 387 6.29 49.45 1.47
N ASN F 388 7.56 49.10 1.74
CA ASN F 388 8.73 49.60 1.04
C ASN F 388 8.79 49.14 -0.41
N ASN F 389 7.93 48.20 -0.83
CA ASN F 389 7.88 47.73 -2.21
C ASN F 389 7.06 48.73 -3.04
N HIS F 390 7.64 49.92 -3.22
CA HIS F 390 7.05 50.97 -4.02
C HIS F 390 7.61 50.99 -5.44
N ASP F 391 8.47 50.01 -5.77
CA ASP F 391 8.96 49.84 -7.13
C ASP F 391 7.80 49.58 -8.08
N GLN F 392 6.89 48.71 -7.66
CA GLN F 392 5.65 48.43 -8.39
C GLN F 392 4.57 49.41 -7.91
N GLU F 393 4.73 50.66 -8.32
CA GLU F 393 3.75 51.69 -7.98
C GLU F 393 2.45 51.46 -8.74
N PHE F 394 1.32 51.58 -8.04
CA PHE F 394 0.01 51.42 -8.64
C PHE F 394 -0.97 52.38 -7.97
N ASP F 395 -2.07 52.66 -8.67
CA ASP F 395 -3.10 53.54 -8.16
C ASP F 395 -3.86 52.86 -7.01
N PRO F 396 -4.40 53.63 -6.06
CA PRO F 396 -5.15 53.02 -4.96
C PRO F 396 -6.45 52.41 -5.45
N PRO F 397 -6.91 51.33 -4.81
CA PRO F 397 -8.16 50.69 -5.23
C PRO F 397 -9.39 51.60 -5.05
N LYS F 398 -10.29 51.52 -6.03
CA LYS F 398 -11.51 52.33 -6.04
C LYS F 398 -12.41 52.01 -4.86
N VAL F 399 -12.65 53.00 -4.00
CA VAL F 399 -13.49 52.86 -2.82
C VAL F 399 -14.93 53.15 -3.19
N TYR F 400 -15.81 52.15 -3.00
CA TYR F 400 -17.25 52.25 -3.29
C TYR F 400 -18.01 52.67 -2.03
N PRO F 401 -18.91 53.67 -2.13
CA PRO F 401 -19.64 54.17 -0.96
C PRO F 401 -20.64 53.16 -0.42
N PRO F 402 -20.74 53.04 0.91
CA PRO F 402 -21.64 52.06 1.55
C PRO F 402 -23.12 52.18 1.17
N VAL F 403 -23.70 51.03 0.87
CA VAL F 403 -25.12 50.89 0.52
C VAL F 403 -25.93 50.87 1.82
N PRO F 404 -27.06 51.58 1.89
CA PRO F 404 -27.89 51.56 3.11
C PRO F 404 -28.39 50.16 3.46
N ALA F 405 -28.60 49.97 4.78
CA ALA F 405 -28.85 48.64 5.35
C ALA F 405 -30.13 48.01 4.79
N GLU F 406 -31.18 48.82 4.62
CA GLU F 406 -32.45 48.30 4.11
C GLU F 406 -32.34 47.85 2.65
N LYS F 407 -31.41 48.43 1.90
CA LYS F 407 -31.25 48.17 0.48
C LYS F 407 -30.35 46.96 0.20
N ARG F 408 -29.64 46.45 1.21
CA ARG F 408 -28.69 45.36 1.04
C ARG F 408 -29.38 44.07 0.57
N LYS F 409 -28.65 43.28 -0.20
CA LYS F 409 -29.12 42.06 -0.82
C LYS F 409 -28.12 40.94 -0.53
N PRO F 410 -28.52 39.67 -0.72
CA PRO F 410 -27.57 38.57 -0.54
C PRO F 410 -26.42 38.60 -1.55
N ILE F 411 -25.23 38.22 -1.08
CA ILE F 411 -24.00 38.27 -1.87
C ILE F 411 -23.96 37.09 -2.84
N ARG F 412 -23.38 37.33 -4.00
CA ARG F 412 -23.14 36.29 -5.00
C ARG F 412 -21.65 36.14 -5.24
N VAL F 413 -21.16 34.90 -5.17
CA VAL F 413 -19.73 34.63 -5.13
C VAL F 413 -19.37 33.69 -6.26
N LEU F 414 -18.40 34.08 -7.08
CA LEU F 414 -17.72 33.19 -7.99
C LEU F 414 -16.39 32.85 -7.33
N SER F 415 -16.14 31.57 -7.11
CA SER F 415 -15.00 31.12 -6.33
C SER F 415 -14.21 30.13 -7.17
N LEU F 416 -13.06 30.57 -7.65
CA LEU F 416 -12.20 29.75 -8.48
C LEU F 416 -11.16 29.13 -7.57
N PHE F 417 -10.74 27.91 -7.92
CA PHE F 417 -9.85 27.06 -7.12
C PHE F 417 -10.36 26.95 -5.69
N ASP F 418 -11.61 26.47 -5.59
CA ASP F 418 -12.37 26.60 -4.34
C ASP F 418 -11.80 25.72 -3.24
N GLY F 419 -11.33 24.53 -3.59
CA GLY F 419 -10.85 23.60 -2.61
C GLY F 419 -11.97 23.10 -1.72
N ILE F 420 -11.84 23.34 -0.42
CA ILE F 420 -12.76 22.80 0.56
C ILE F 420 -13.81 23.82 1.01
N ALA F 421 -14.07 24.83 0.18
CA ALA F 421 -15.12 25.85 0.40
C ALA F 421 -14.89 26.67 1.67
N THR F 422 -13.63 27.10 1.87
CA THR F 422 -13.29 27.95 2.99
C THR F 422 -14.00 29.31 2.91
N GLY F 423 -14.14 29.84 1.68
CA GLY F 423 -14.75 31.16 1.49
C GLY F 423 -16.20 31.21 1.92
N LEU F 424 -17.00 30.26 1.42
CA LEU F 424 -18.42 30.19 1.78
C LEU F 424 -18.61 29.95 3.27
N LEU F 425 -17.79 29.06 3.85
CA LEU F 425 -17.79 28.79 5.28
C LEU F 425 -17.58 30.06 6.10
N VAL F 426 -16.58 30.85 5.70
CA VAL F 426 -16.29 32.11 6.39
C VAL F 426 -17.44 33.10 6.24
N LEU F 427 -18.04 33.16 5.05
CA LEU F 427 -19.20 34.03 4.82
C LEU F 427 -20.38 33.64 5.71
N LYS F 428 -20.59 32.33 5.88
CA LYS F 428 -21.58 31.83 6.82
C LYS F 428 -21.26 32.24 8.26
N ASP F 429 -20.00 32.00 8.69
CA ASP F 429 -19.53 32.42 10.02
C ASP F 429 -19.74 33.91 10.28
N LEU F 430 -19.67 34.74 9.24
CA LEU F 430 -19.93 36.16 9.38
C LEU F 430 -21.41 36.48 9.32
N GLY F 431 -22.25 35.50 8.98
CA GLY F 431 -23.68 35.71 8.93
C GLY F 431 -24.14 36.53 7.75
N ILE F 432 -23.45 36.43 6.62
CA ILE F 432 -23.85 37.11 5.39
C ILE F 432 -24.72 36.16 4.57
N GLN F 433 -25.90 36.64 4.16
CA GLN F 433 -26.77 35.85 3.30
C GLN F 433 -26.12 35.64 1.94
N VAL F 434 -26.07 34.39 1.49
CA VAL F 434 -25.44 34.02 0.24
C VAL F 434 -26.53 33.60 -0.73
N ASP F 435 -26.77 34.46 -1.73
CA ASP F 435 -27.72 34.13 -2.81
C ASP F 435 -27.29 32.87 -3.55
N ARG F 436 -26.03 32.83 -3.98
CA ARG F 436 -25.51 31.68 -4.70
C ARG F 436 -23.99 31.68 -4.57
N TYR F 437 -23.41 30.50 -4.80
CA TYR F 437 -21.97 30.28 -4.62
C TYR F 437 -21.52 29.33 -5.73
N ILE F 438 -21.09 29.90 -6.83
CA ILE F 438 -20.58 29.12 -7.97
C ILE F 438 -19.12 28.79 -7.70
N ALA F 439 -18.74 27.54 -7.93
CA ALA F 439 -17.39 27.10 -7.58
C ALA F 439 -16.81 26.17 -8.63
N SER F 440 -15.62 26.50 -9.11
CA SER F 440 -14.85 25.61 -9.97
C SER F 440 -13.77 24.91 -9.17
N GLU F 441 -13.65 23.60 -9.34
CA GLU F 441 -12.66 22.77 -8.67
C GLU F 441 -12.59 21.45 -9.43
N VAL F 442 -11.45 20.77 -9.32
CA VAL F 442 -11.20 19.54 -10.08
C VAL F 442 -10.88 18.35 -9.16
N CYS F 443 -10.44 18.58 -7.93
CA CYS F 443 -10.10 17.48 -7.03
C CYS F 443 -11.36 16.97 -6.35
N GLU F 444 -11.68 15.69 -6.56
CA GLU F 444 -12.95 15.09 -6.15
C GLU F 444 -13.16 15.15 -4.64
N ASP F 445 -12.08 14.92 -3.88
CA ASP F 445 -12.16 14.96 -2.41
C ASP F 445 -12.62 16.33 -1.92
N SER F 446 -12.06 17.40 -2.49
CA SER F 446 -12.42 18.76 -2.11
C SER F 446 -13.87 19.08 -2.49
N ILE F 447 -14.29 18.59 -3.67
CA ILE F 447 -15.69 18.71 -4.11
C ILE F 447 -16.61 18.12 -3.06
N THR F 448 -16.33 16.87 -2.66
CA THR F 448 -17.09 16.14 -1.64
C THR F 448 -17.17 16.89 -0.32
N VAL F 449 -16.01 17.37 0.16
CA VAL F 449 -15.94 18.17 1.40
C VAL F 449 -16.91 19.34 1.34
N GLY F 450 -16.88 20.08 0.23
CA GLY F 450 -17.76 21.23 0.10
C GLY F 450 -19.23 20.84 0.04
N MET F 451 -19.53 19.81 -0.77
CA MET F 451 -20.88 19.24 -0.91
C MET F 451 -21.51 18.95 0.44
N VAL F 452 -20.83 18.14 1.25
CA VAL F 452 -21.37 17.72 2.53
C VAL F 452 -21.47 18.89 3.50
N ARG F 453 -20.35 19.60 3.71
CA ARG F 453 -20.31 20.65 4.72
C ARG F 453 -21.21 21.83 4.40
N HIS F 454 -21.51 22.05 3.12
CA HIS F 454 -22.33 23.20 2.72
C HIS F 454 -23.62 22.77 2.05
N GLN F 455 -23.96 21.47 2.21
CA GLN F 455 -25.35 20.98 2.18
C GLN F 455 -26.02 21.15 0.82
N GLY F 456 -25.26 20.90 -0.25
CA GLY F 456 -25.81 20.97 -1.58
C GLY F 456 -25.96 22.36 -2.16
N LYS F 457 -25.75 23.41 -1.35
CA LYS F 457 -25.94 24.79 -1.79
C LYS F 457 -24.98 25.17 -2.91
N ILE F 458 -23.78 24.58 -2.93
CA ILE F 458 -22.75 24.96 -3.88
C ILE F 458 -23.07 24.34 -5.23
N MET F 459 -23.15 25.16 -6.28
CA MET F 459 -23.29 24.70 -7.65
C MET F 459 -21.91 24.42 -8.23
N TYR F 460 -21.59 23.14 -8.41
CA TYR F 460 -20.26 22.72 -8.84
C TYR F 460 -20.06 22.80 -10.35
N VAL F 461 -18.99 23.48 -10.74
CA VAL F 461 -18.51 23.55 -12.10
C VAL F 461 -17.28 22.64 -12.22
N GLY F 462 -16.83 22.40 -13.46
CA GLY F 462 -15.64 21.62 -13.71
C GLY F 462 -14.41 22.49 -13.69
N ASP F 463 -13.43 22.12 -14.53
CA ASP F 463 -12.20 22.88 -14.73
C ASP F 463 -12.47 24.34 -15.07
N VAL F 464 -11.59 25.21 -14.53
CA VAL F 464 -11.68 26.65 -14.76
C VAL F 464 -11.52 27.00 -16.23
N ARG F 465 -10.75 26.19 -16.97
CA ARG F 465 -10.49 26.46 -18.38
C ARG F 465 -11.67 26.12 -19.28
N SER F 466 -12.74 25.54 -18.72
CA SER F 466 -13.95 25.27 -19.47
C SER F 466 -15.01 26.34 -19.24
N VAL F 467 -14.71 27.32 -18.39
CA VAL F 467 -15.65 28.38 -18.07
C VAL F 467 -15.46 29.51 -19.06
N THR F 468 -16.50 29.79 -19.84
CA THR F 468 -16.47 30.81 -20.88
C THR F 468 -17.09 32.10 -20.33
N GLN F 469 -16.91 33.19 -21.09
CA GLN F 469 -17.55 34.46 -20.74
C GLN F 469 -19.07 34.35 -20.79
N LYS F 470 -19.59 33.53 -21.71
CA LYS F 470 -21.02 33.25 -21.79
C LYS F 470 -21.54 32.61 -20.50
N HIS F 471 -20.82 31.58 -20.01
CA HIS F 471 -21.06 30.99 -18.69
C HIS F 471 -21.13 32.05 -17.59
N ILE F 472 -20.15 32.96 -17.56
CA ILE F 472 -20.07 34.02 -16.56
C ILE F 472 -21.30 34.92 -16.63
N GLN F 473 -21.77 35.20 -17.86
CA GLN F 473 -22.91 36.09 -18.02
C GLN F 473 -24.22 35.40 -17.61
N GLU F 474 -24.40 34.15 -17.98
CA GLU F 474 -25.68 33.48 -17.74
C GLU F 474 -25.84 32.97 -16.31
N TRP F 475 -24.76 32.89 -15.54
CA TRP F 475 -24.82 32.51 -14.13
C TRP F 475 -25.09 33.70 -13.22
N GLY F 476 -25.58 34.81 -13.77
CA GLY F 476 -26.02 35.94 -13.00
C GLY F 476 -24.86 36.82 -12.59
N PRO F 477 -25.15 38.10 -12.34
CA PRO F 477 -24.10 39.02 -11.87
C PRO F 477 -23.46 38.53 -10.59
N PHE F 478 -22.15 38.69 -10.49
CA PHE F 478 -21.42 38.26 -9.31
C PHE F 478 -21.05 39.49 -8.49
N ASP F 479 -21.12 39.33 -7.17
CA ASP F 479 -20.79 40.38 -6.24
C ASP F 479 -19.40 40.25 -5.64
N LEU F 480 -18.83 39.05 -5.68
CA LEU F 480 -17.56 38.75 -5.05
C LEU F 480 -16.91 37.60 -5.81
N VAL F 481 -15.73 37.84 -6.37
CA VAL F 481 -14.96 36.81 -7.06
C VAL F 481 -13.67 36.59 -6.27
N ILE F 482 -13.43 35.34 -5.90
CA ILE F 482 -12.30 35.00 -5.03
C ILE F 482 -11.55 33.82 -5.64
N GLY F 483 -10.29 33.69 -5.21
CA GLY F 483 -9.49 32.57 -5.65
C GLY F 483 -8.03 32.59 -5.25
N GLY F 484 -7.42 31.41 -5.20
CA GLY F 484 -6.01 31.24 -4.92
C GLY F 484 -5.37 30.20 -5.82
N SER F 485 -4.32 30.59 -6.55
CA SER F 485 -3.64 29.70 -7.49
C SER F 485 -3.03 28.51 -6.75
N PRO F 486 -2.79 27.38 -7.45
CA PRO F 486 -2.08 26.26 -6.82
C PRO F 486 -0.73 26.67 -6.27
N CYS F 487 -0.50 26.28 -5.02
CA CYS F 487 0.68 26.69 -4.28
C CYS F 487 1.65 25.54 -4.03
N ASN F 488 1.22 24.30 -4.30
CA ASN F 488 2.05 23.12 -4.04
C ASN F 488 3.31 23.13 -4.90
N ASP F 489 3.20 23.57 -6.16
CA ASP F 489 4.36 23.59 -7.03
C ASP F 489 5.23 24.81 -6.77
N LEU F 490 4.62 25.90 -6.29
CA LEU F 490 5.40 27.08 -5.91
C LEU F 490 6.16 26.84 -4.61
N SER F 491 5.52 26.13 -3.67
CA SER F 491 6.12 25.84 -2.37
C SER F 491 7.34 24.94 -2.50
N ILE F 492 8.35 25.20 -1.65
CA ILE F 492 9.59 24.45 -1.60
C ILE F 492 9.43 23.15 -0.82
N VAL F 493 8.25 22.90 -0.25
CA VAL F 493 8.01 21.71 0.56
C VAL F 493 7.88 20.45 -0.31
N ASN F 494 7.37 20.56 -1.53
CA ASN F 494 7.24 19.42 -2.43
C ASN F 494 8.62 19.04 -2.97
N PRO F 495 9.09 17.79 -2.76
CA PRO F 495 10.42 17.41 -3.28
C PRO F 495 10.57 17.52 -4.79
N ALA F 496 9.50 17.28 -5.55
CA ALA F 496 9.57 17.26 -7.01
C ALA F 496 9.21 18.63 -7.57
N ARG F 497 10.17 19.55 -7.47
CA ARG F 497 9.99 20.92 -7.98
C ARG F 497 10.53 20.99 -9.40
N LYS F 498 9.74 20.48 -10.34
CA LYS F 498 10.12 20.51 -11.74
C LYS F 498 10.11 21.94 -12.27
N GLY F 499 9.07 22.69 -11.93
CA GLY F 499 9.02 24.10 -12.28
C GLY F 499 8.08 24.83 -11.35
N LEU F 500 8.07 26.15 -11.51
CA LEU F 500 7.25 27.07 -10.75
C LEU F 500 6.29 27.82 -11.63
N TYR F 501 6.73 28.20 -12.83
CA TYR F 501 5.92 28.95 -13.77
C TYR F 501 4.98 28.03 -14.54
N GLU F 502 5.35 26.76 -14.66
CA GLU F 502 4.51 25.78 -15.34
C GLU F 502 3.35 25.36 -14.45
N GLY F 503 2.22 25.09 -15.08
CA GLY F 503 1.04 24.65 -14.36
C GLY F 503 0.36 25.73 -13.55
N THR F 504 1.01 26.17 -12.46
CA THR F 504 0.41 27.13 -11.55
C THR F 504 0.27 28.51 -12.18
N GLY F 505 1.29 28.95 -12.92
CA GLY F 505 1.25 30.28 -13.52
C GLY F 505 0.15 30.40 -14.54
N ARG F 506 -0.03 29.36 -15.36
CA ARG F 506 -1.05 29.33 -16.41
C ARG F 506 -2.43 29.44 -15.81
N LEU F 507 -2.67 28.64 -14.77
CA LEU F 507 -3.92 28.66 -14.03
C LEU F 507 -4.21 30.02 -13.39
N PHE F 508 -3.15 30.79 -13.03
CA PHE F 508 -3.33 32.16 -12.54
C PHE F 508 -4.11 33.00 -13.52
N PHE F 509 -3.77 32.89 -14.81
CA PHE F 509 -4.38 33.72 -15.84
C PHE F 509 -5.85 33.39 -16.00
N GLU F 510 -6.20 32.14 -15.69
CA GLU F 510 -7.59 31.72 -15.71
C GLU F 510 -8.43 32.59 -14.77
N PHE F 511 -7.93 32.78 -13.53
CA PHE F 511 -8.53 33.72 -12.58
C PHE F 511 -8.65 35.10 -13.20
N TYR F 512 -7.54 35.57 -13.78
CA TYR F 512 -7.43 36.86 -14.44
C TYR F 512 -8.54 37.04 -15.46
N ARG F 513 -8.69 36.04 -16.34
CA ARG F 513 -9.68 36.10 -17.40
C ARG F 513 -11.08 36.21 -16.83
N LEU F 514 -11.41 35.31 -15.91
CA LEU F 514 -12.78 35.24 -15.41
C LEU F 514 -13.10 36.47 -14.58
N LEU F 515 -12.06 37.05 -13.96
CA LEU F 515 -12.24 38.30 -13.22
C LEU F 515 -12.77 39.39 -14.14
N HIS F 516 -12.13 39.54 -15.31
CA HIS F 516 -12.58 40.52 -16.30
C HIS F 516 -13.95 40.14 -16.83
N ASP F 517 -14.23 38.84 -16.93
CA ASP F 517 -15.53 38.40 -17.39
C ASP F 517 -16.61 38.74 -16.37
N ALA F 518 -16.26 38.73 -15.08
CA ALA F 518 -17.25 38.95 -14.03
C ALA F 518 -17.39 40.40 -13.61
N ARG F 519 -16.51 41.27 -14.09
CA ARG F 519 -16.45 42.66 -13.67
C ARG F 519 -17.55 43.46 -14.36
N PRO F 520 -18.26 44.32 -13.61
CA PRO F 520 -19.21 45.23 -14.24
C PRO F 520 -18.50 46.26 -15.13
N LYS F 521 -19.22 46.73 -16.14
CA LYS F 521 -18.72 47.76 -17.03
C LYS F 521 -18.52 49.07 -16.29
N GLU F 522 -17.70 49.93 -16.88
CA GLU F 522 -17.60 51.31 -16.40
C GLU F 522 -18.93 52.01 -16.61
N GLY F 523 -19.33 52.81 -15.62
CA GLY F 523 -20.65 53.39 -15.58
C GLY F 523 -21.66 52.57 -14.80
N ASP F 524 -21.41 51.27 -14.64
CA ASP F 524 -22.16 50.42 -13.71
C ASP F 524 -21.43 50.49 -12.38
N ASP F 525 -21.93 51.33 -11.47
CA ASP F 525 -21.29 51.59 -10.19
C ASP F 525 -21.76 50.66 -9.08
N ARG F 526 -22.33 49.51 -9.43
CA ARG F 526 -22.72 48.54 -8.42
C ARG F 526 -21.48 48.00 -7.71
N PRO F 527 -21.56 47.73 -6.40
CA PRO F 527 -20.39 47.19 -5.68
C PRO F 527 -19.95 45.85 -6.22
N PHE F 528 -18.63 45.70 -6.35
CA PHE F 528 -18.04 44.47 -6.87
C PHE F 528 -16.69 44.30 -6.21
N PHE F 529 -16.38 43.06 -5.81
CA PHE F 529 -15.19 42.81 -5.02
C PHE F 529 -14.51 41.52 -5.45
N TRP F 530 -13.20 41.49 -5.28
CA TRP F 530 -12.40 40.36 -5.73
C TRP F 530 -11.20 40.18 -4.81
N LEU F 531 -10.75 38.94 -4.72
CA LEU F 531 -9.63 38.56 -3.88
C LEU F 531 -8.82 37.49 -4.58
N PHE F 532 -7.53 37.73 -4.72
CA PHE F 532 -6.60 36.69 -5.14
C PHE F 532 -5.59 36.44 -4.03
N GLU F 533 -5.22 35.16 -3.88
CA GLU F 533 -4.32 34.69 -2.83
C GLU F 533 -3.14 33.93 -3.44
N ASN F 534 -1.96 34.05 -2.84
CA ASN F 534 -0.78 33.30 -3.27
C ASN F 534 0.23 33.23 -2.10
N VAL F 535 1.28 32.41 -2.29
CA VAL F 535 2.32 32.22 -1.27
C VAL F 535 3.36 33.34 -1.33
N VAL F 536 4.08 33.52 -0.22
CA VAL F 536 5.16 34.49 -0.19
C VAL F 536 6.47 33.96 -0.80
N ALA F 537 6.68 32.64 -0.81
CA ALA F 537 7.89 32.06 -1.38
C ALA F 537 7.71 31.93 -2.89
N MET F 538 7.84 33.07 -3.58
CA MET F 538 7.62 33.12 -5.01
C MET F 538 8.67 34.02 -5.67
N GLY F 539 8.75 33.91 -7.00
CA GLY F 539 9.70 34.72 -7.76
C GLY F 539 9.33 36.20 -7.79
N VAL F 540 10.34 37.05 -8.02
CA VAL F 540 10.12 38.49 -8.04
C VAL F 540 9.44 38.91 -9.34
N SER F 541 9.96 38.44 -10.48
CA SER F 541 9.33 38.75 -11.76
C SER F 541 7.95 38.12 -11.87
N ASP F 542 7.76 36.96 -11.24
CA ASP F 542 6.45 36.34 -11.10
C ASP F 542 5.50 37.27 -10.35
N LYS F 543 5.94 37.75 -9.18
CA LYS F 543 5.16 38.66 -8.35
C LYS F 543 4.87 39.96 -9.07
N ARG F 544 5.84 40.43 -9.85
CA ARG F 544 5.65 41.66 -10.63
C ARG F 544 4.58 41.45 -11.68
N ASP F 545 4.64 40.33 -12.42
CA ASP F 545 3.67 40.06 -13.49
C ASP F 545 2.27 39.91 -12.93
N ILE F 546 2.16 39.26 -11.76
CA ILE F 546 0.88 39.17 -11.05
C ILE F 546 0.37 40.55 -10.66
N SER F 547 1.24 41.39 -10.09
CA SER F 547 0.86 42.75 -9.72
C SER F 547 0.49 43.59 -10.94
N ARG F 548 1.17 43.35 -12.07
CA ARG F 548 0.91 44.08 -13.31
C ARG F 548 -0.46 43.73 -13.85
N PHE F 549 -0.80 42.45 -13.80
CA PHE F 549 -2.03 42.00 -14.44
C PHE F 549 -3.23 42.31 -13.56
N LEU F 550 -3.12 42.12 -12.25
CA LEU F 550 -4.23 42.50 -11.39
C LEU F 550 -4.24 43.99 -11.07
N GLU F 551 -3.25 44.73 -11.56
CA GLU F 551 -3.15 46.20 -11.47
C GLU F 551 -3.25 46.68 -10.03
N SER F 552 -2.59 45.96 -9.13
CA SER F 552 -2.62 46.28 -7.71
C SER F 552 -1.32 45.87 -7.05
N ASN F 553 -1.15 46.31 -5.79
CA ASN F 553 -0.07 46.14 -4.84
C ASN F 553 -0.44 45.02 -3.88
N PRO F 554 0.41 44.01 -3.66
CA PRO F 554 0.03 42.92 -2.75
C PRO F 554 0.04 43.36 -1.31
N VAL F 555 -0.84 42.74 -0.51
CA VAL F 555 -0.73 42.81 0.94
C VAL F 555 -0.27 41.44 1.43
N MET F 556 0.80 41.42 2.23
CA MET F 556 1.22 40.18 2.87
C MET F 556 0.53 40.12 4.23
N ILE F 557 -0.15 39.01 4.48
CA ILE F 557 -0.79 38.77 5.76
C ILE F 557 -0.28 37.45 6.28
N ASP F 558 0.22 37.44 7.51
CA ASP F 558 0.71 36.22 8.15
C ASP F 558 -0.32 35.79 9.19
N ALA F 559 -0.70 34.51 9.13
CA ALA F 559 -1.73 33.98 10.02
C ALA F 559 -1.29 33.87 11.47
N LYS F 560 0.03 33.89 11.76
CA LYS F 560 0.54 33.82 13.13
C LYS F 560 -0.10 34.85 14.06
N GLU F 561 -0.43 36.02 13.50
CA GLU F 561 -1.06 37.10 14.26
C GLU F 561 -2.40 36.66 14.84
N VAL F 562 -3.14 35.81 14.13
CA VAL F 562 -4.45 35.36 14.58
C VAL F 562 -4.57 33.84 14.76
N SER F 563 -3.61 33.04 14.29
CA SER F 563 -3.74 31.59 14.40
C SER F 563 -2.42 30.96 14.82
N ALA F 564 -2.46 29.64 15.04
CA ALA F 564 -1.31 28.87 15.50
C ALA F 564 -0.48 28.30 14.36
N ALA F 565 -0.51 28.90 13.17
CA ALA F 565 0.29 28.46 12.05
C ALA F 565 1.06 29.63 11.46
N HIS F 566 2.27 29.36 10.99
CA HIS F 566 3.00 30.34 10.18
C HIS F 566 2.53 30.18 8.73
N ARG F 567 1.70 31.11 8.31
CA ARG F 567 1.01 31.07 7.04
C ARG F 567 1.05 32.50 6.51
N ALA F 568 2.15 32.83 5.82
CA ALA F 568 2.35 34.15 5.27
C ALA F 568 1.90 34.08 3.81
N ARG F 569 0.91 34.89 3.46
CA ARG F 569 0.27 34.82 2.16
C ARG F 569 0.05 36.20 1.58
N TYR F 570 0.18 36.31 0.27
CA TYR F 570 -0.21 37.53 -0.42
C TYR F 570 -1.69 37.52 -0.75
N PHE F 571 -2.30 38.69 -0.60
CA PHE F 571 -3.69 38.94 -0.90
C PHE F 571 -3.74 40.22 -1.73
N TRP F 572 -4.04 40.06 -3.02
CA TRP F 572 -4.44 41.15 -3.89
C TRP F 572 -5.96 41.29 -3.83
N GLY F 573 -6.43 42.53 -3.91
CA GLY F 573 -7.87 42.73 -3.96
C GLY F 573 -8.26 44.16 -3.68
N ASN F 574 -9.58 44.40 -3.77
CA ASN F 574 -10.17 45.71 -3.53
C ASN F 574 -11.17 45.72 -2.40
N LEU F 575 -11.16 44.69 -1.55
CA LEU F 575 -12.01 44.68 -0.37
C LEU F 575 -11.59 45.80 0.57
N PRO F 576 -12.52 46.59 1.10
CA PRO F 576 -12.16 47.66 2.04
C PRO F 576 -11.46 47.11 3.28
N GLY F 577 -10.46 47.86 3.76
CA GLY F 577 -9.74 47.45 4.95
C GLY F 577 -8.91 46.20 4.78
N MET F 578 -8.29 46.02 3.61
CA MET F 578 -7.40 44.88 3.43
C MET F 578 -6.01 45.15 4.01
N ASN F 579 -5.68 46.42 4.28
CA ASN F 579 -4.39 46.80 4.85
C ASN F 579 -4.38 46.81 6.37
N ARG F 580 -5.53 47.06 7.01
CA ARG F 580 -5.64 47.29 8.45
C ARG F 580 -5.11 46.10 9.26
N PRO F 581 -4.64 46.34 10.50
CA PRO F 581 -3.97 45.26 11.25
C PRO F 581 -4.93 44.17 11.71
N LEU F 582 -4.38 42.96 11.83
CA LEU F 582 -5.15 41.78 12.19
C LEU F 582 -5.39 41.70 13.69
N ALA F 583 -6.65 41.51 14.05
CA ALA F 583 -7.04 41.28 15.44
C ALA F 583 -7.42 39.83 15.62
N SER F 584 -6.97 39.25 16.74
CA SER F 584 -7.26 37.86 17.09
C SER F 584 -8.31 37.84 18.19
N THR F 585 -9.48 37.29 17.87
CA THR F 585 -10.53 37.11 18.88
C THR F 585 -10.17 35.99 19.83
N VAL F 586 -10.85 35.98 20.99
CA VAL F 586 -10.58 35.01 22.06
C VAL F 586 -10.82 33.58 21.59
N ASN F 587 -11.78 33.37 20.67
CA ASN F 587 -12.02 32.06 20.09
C ASN F 587 -10.80 31.51 19.36
N ASP F 588 -10.01 32.40 18.75
CA ASP F 588 -8.82 31.96 18.02
C ASP F 588 -7.76 31.49 19.02
N LYS F 589 -6.95 30.53 18.60
CA LYS F 589 -5.98 29.87 19.46
C LYS F 589 -4.56 30.22 19.02
N LEU F 590 -3.95 31.17 19.71
CA LEU F 590 -2.60 31.64 19.38
C LEU F 590 -1.50 30.70 19.85
N GLU F 591 -1.83 29.65 20.60
CA GLU F 591 -0.86 28.69 21.07
C GLU F 591 -1.20 27.34 20.45
N LEU F 592 -0.17 26.58 20.09
CA LEU F 592 -0.39 25.27 19.50
C LEU F 592 -1.06 24.32 20.49
N GLN F 593 -0.70 24.43 21.78
CA GLN F 593 -1.16 23.51 22.83
C GLN F 593 -2.67 23.50 22.98
N GLU F 594 -3.31 24.67 22.85
CA GLU F 594 -4.76 24.75 22.91
C GLU F 594 -5.43 24.02 21.74
N CYS F 595 -4.70 23.79 20.64
CA CYS F 595 -5.26 23.12 19.47
C CYS F 595 -5.02 21.63 19.50
N LEU F 596 -4.28 21.13 20.49
CA LEU F 596 -3.95 19.72 20.54
C LEU F 596 -5.13 18.95 21.14
N GLU F 597 -5.06 17.63 21.02
CA GLU F 597 -6.03 16.81 21.73
C GLU F 597 -5.60 16.67 23.18
N HIS F 598 -6.56 16.28 24.01
CA HIS F 598 -6.26 16.05 25.42
C HIS F 598 -5.35 14.84 25.55
N GLY F 599 -4.41 14.91 26.47
CA GLY F 599 -3.39 13.88 26.60
C GLY F 599 -2.13 14.18 25.82
N ARG F 600 -2.14 15.21 25.00
CA ARG F 600 -0.99 15.60 24.19
C ARG F 600 -0.42 16.91 24.70
N ILE F 601 0.90 17.05 24.59
CA ILE F 601 1.56 18.30 24.93
C ILE F 601 2.45 18.69 23.76
N ALA F 602 2.43 19.97 23.41
CA ALA F 602 3.20 20.49 22.31
C ALA F 602 4.44 21.22 22.82
N LYS F 603 5.62 20.76 22.42
CA LYS F 603 6.82 21.55 22.62
C LYS F 603 6.77 22.82 21.78
N PHE F 604 6.09 22.77 20.64
CA PHE F 604 6.00 23.90 19.74
C PHE F 604 4.84 24.79 20.15
N SER F 605 4.98 26.08 19.88
CA SER F 605 3.88 27.01 20.05
C SER F 605 3.23 27.36 18.72
N LYS F 606 3.94 27.15 17.62
CA LYS F 606 3.46 27.35 16.26
C LYS F 606 3.94 26.20 15.39
N VAL F 607 3.16 25.85 14.38
CA VAL F 607 3.57 24.86 13.37
C VAL F 607 3.86 25.59 12.07
N ARG F 608 5.05 25.37 11.54
CA ARG F 608 5.49 25.98 10.29
C ARG F 608 4.99 25.09 9.15
N THR F 609 4.07 25.62 8.34
CA THR F 609 3.48 24.87 7.24
C THR F 609 3.12 25.85 6.15
N ILE F 610 3.76 25.69 4.99
CA ILE F 610 3.62 26.63 3.88
C ILE F 610 3.12 25.91 2.64
N GLN F 623 13.03 18.32 13.28
CA GLN F 623 11.84 18.24 14.13
C GLN F 623 10.60 18.27 13.25
N HIS F 624 10.54 17.31 12.32
CA HIS F 624 9.45 17.21 11.36
C HIS F 624 8.10 16.98 12.04
N PHE F 625 8.07 16.11 13.05
CA PHE F 625 6.82 15.71 13.65
C PHE F 625 6.63 16.49 14.93
N PRO F 626 5.67 17.42 14.99
CA PRO F 626 5.68 18.48 16.00
C PRO F 626 5.29 18.09 17.42
N VAL F 627 4.99 16.84 17.77
CA VAL F 627 4.32 16.57 19.04
C VAL F 627 5.11 15.57 19.87
N PHE F 628 5.23 15.86 21.18
CA PHE F 628 5.70 14.91 22.19
C PHE F 628 4.46 14.39 22.90
N MET F 629 4.06 13.17 22.61
CA MET F 629 2.99 12.50 23.33
C MET F 629 3.53 11.19 23.86
N ASN F 630 3.38 10.98 25.17
CA ASN F 630 3.82 9.78 25.89
C ASN F 630 5.30 9.51 25.63
N GLU F 631 6.08 10.59 25.68
CA GLU F 631 7.51 10.61 25.43
C GLU F 631 7.85 10.05 24.04
N LYS F 632 7.04 10.42 23.04
CA LYS F 632 7.21 9.95 21.67
C LYS F 632 6.87 11.07 20.69
N GLU F 633 7.52 11.05 19.52
CA GLU F 633 7.38 12.07 18.48
C GLU F 633 6.31 11.68 17.46
N ASP F 634 5.22 12.45 17.41
CA ASP F 634 4.08 12.20 16.52
C ASP F 634 3.73 13.43 15.67
N ILE F 635 3.08 13.14 14.53
CA ILE F 635 2.47 14.13 13.64
C ILE F 635 1.23 14.70 14.35
N LEU F 636 0.83 15.92 13.98
CA LEU F 636 -0.48 16.43 14.35
C LEU F 636 -1.57 15.57 13.75
N TRP F 637 -2.63 15.31 14.51
CA TRP F 637 -3.77 14.57 13.97
C TRP F 637 -4.58 15.49 13.06
N CYS F 638 -5.30 14.89 12.10
CA CYS F 638 -6.06 15.63 11.09
C CYS F 638 -7.03 16.64 11.69
N THR F 639 -7.70 16.26 12.77
CA THR F 639 -8.65 17.15 13.44
C THR F 639 -7.93 18.31 14.11
N GLU F 640 -6.68 18.10 14.51
CA GLU F 640 -5.89 19.17 15.10
C GLU F 640 -5.38 20.11 14.03
N MET F 641 -4.99 19.58 12.86
CA MET F 641 -4.61 20.43 11.72
C MET F 641 -5.76 21.36 11.34
N GLU F 642 -6.99 20.81 11.35
CA GLU F 642 -8.19 21.64 11.23
C GLU F 642 -8.26 22.70 12.32
N ARG F 643 -7.94 22.33 13.57
CA ARG F 643 -8.02 23.31 14.66
C ARG F 643 -6.96 24.39 14.54
N VAL F 644 -5.78 24.02 14.04
CA VAL F 644 -4.70 24.98 13.78
C VAL F 644 -5.15 26.02 12.76
N PHE F 645 -5.76 25.56 11.67
CA PHE F 645 -6.15 26.51 10.63
C PHE F 645 -7.47 27.21 10.92
N GLY F 646 -8.14 26.91 12.03
CA GLY F 646 -9.38 27.58 12.36
C GLY F 646 -10.64 26.93 11.84
N PHE F 647 -10.53 25.82 11.11
CA PHE F 647 -11.70 25.11 10.61
C PHE F 647 -12.54 24.56 11.77
N PRO F 648 -13.85 24.40 11.57
CA PRO F 648 -14.68 23.74 12.59
C PRO F 648 -14.23 22.31 12.83
N VAL F 649 -14.49 21.85 14.06
CA VAL F 649 -14.06 20.54 14.51
C VAL F 649 -14.64 19.45 13.62
N HIS F 650 -13.77 18.53 13.18
CA HIS F 650 -14.09 17.40 12.29
C HIS F 650 -14.67 17.85 10.94
N TYR F 651 -14.05 18.87 10.34
CA TYR F 651 -14.56 19.46 9.09
C TYR F 651 -14.32 18.61 7.84
N THR F 652 -13.18 17.94 7.72
CA THR F 652 -12.84 17.19 6.51
C THR F 652 -13.15 15.70 6.63
N ASP F 653 -13.73 15.24 7.75
CA ASP F 653 -14.12 13.84 7.84
C ASP F 653 -15.47 13.63 7.16
N VAL F 654 -15.44 13.63 5.84
CA VAL F 654 -16.70 13.37 5.15
C VAL F 654 -16.61 11.99 4.49
N SER F 655 -15.77 11.83 3.48
CA SER F 655 -15.74 10.58 2.74
C SER F 655 -14.62 9.68 3.27
N ASN F 656 -14.46 8.54 2.61
CA ASN F 656 -13.49 7.53 3.01
C ASN F 656 -12.20 7.73 2.21
N MET F 657 -11.33 8.57 2.77
CA MET F 657 -10.06 8.92 2.15
C MET F 657 -8.91 8.68 3.11
N SER F 658 -7.72 8.49 2.54
CA SER F 658 -6.53 8.21 3.33
C SER F 658 -6.11 9.45 4.12
N ARG F 659 -5.29 9.22 5.15
CA ARG F 659 -4.80 10.30 5.99
C ARG F 659 -3.84 11.24 5.26
N LEU F 660 -2.94 10.69 4.43
CA LEU F 660 -1.97 11.49 3.67
C LEU F 660 -2.68 12.46 2.75
N ALA F 661 -3.70 11.97 2.06
CA ALA F 661 -4.49 12.81 1.17
C ALA F 661 -5.24 13.87 1.96
N ARG F 662 -5.83 13.48 3.10
CA ARG F 662 -6.66 14.39 3.89
C ARG F 662 -5.83 15.49 4.53
N GLN F 663 -4.61 15.17 4.99
CA GLN F 663 -3.66 16.17 5.46
C GLN F 663 -3.30 17.14 4.35
N ARG F 664 -2.93 16.60 3.18
CA ARG F 664 -2.62 17.39 1.98
C ARG F 664 -3.76 18.37 1.63
N LEU F 665 -4.98 17.83 1.67
CA LEU F 665 -6.21 18.62 1.40
C LEU F 665 -6.28 19.77 2.39
N LEU F 666 -6.09 19.50 3.68
CA LEU F 666 -6.12 20.58 4.66
C LEU F 666 -4.98 21.57 4.46
N GLY F 667 -3.81 21.05 4.09
CA GLY F 667 -2.60 21.85 3.98
C GLY F 667 -2.70 22.97 2.96
N ARG F 668 -3.36 22.71 1.84
CA ARG F 668 -3.46 23.76 0.82
C ARG F 668 -4.34 24.94 1.21
N SER F 669 -5.17 24.80 2.24
CA SER F 669 -6.32 25.67 2.41
C SER F 669 -5.93 27.04 2.97
N TRP F 670 -6.86 27.98 2.85
CA TRP F 670 -6.71 29.30 3.42
C TRP F 670 -6.90 29.24 4.93
N SER F 671 -6.16 30.09 5.66
CA SER F 671 -6.32 30.20 7.10
C SER F 671 -7.63 30.89 7.44
N VAL F 672 -8.51 30.19 8.17
CA VAL F 672 -9.88 30.67 8.41
C VAL F 672 -9.98 32.04 9.09
N PRO F 673 -9.25 32.36 10.19
CA PRO F 673 -9.46 33.69 10.79
C PRO F 673 -8.88 34.83 9.96
N VAL F 674 -7.86 34.57 9.14
CA VAL F 674 -7.34 35.55 8.20
C VAL F 674 -8.40 35.91 7.16
N ILE F 675 -9.02 34.87 6.60
CA ILE F 675 -10.10 35.04 5.63
C ILE F 675 -11.33 35.70 6.27
N ARG F 676 -11.59 35.41 7.55
CA ARG F 676 -12.63 36.12 8.29
C ARG F 676 -12.31 37.60 8.42
N HIS F 677 -11.05 37.91 8.72
CA HIS F 677 -10.56 39.27 8.83
C HIS F 677 -10.75 40.03 7.52
N LEU F 678 -10.40 39.39 6.40
CA LEU F 678 -10.54 40.02 5.09
C LEU F 678 -12.01 40.20 4.71
N PHE F 679 -12.83 39.17 4.92
CA PHE F 679 -14.21 39.19 4.46
C PHE F 679 -15.13 40.00 5.36
N ALA F 680 -14.69 40.34 6.58
CA ALA F 680 -15.56 41.01 7.55
C ALA F 680 -16.21 42.32 7.10
N PRO F 681 -15.54 43.27 6.42
CA PRO F 681 -16.25 44.51 6.04
C PRO F 681 -17.27 44.34 4.91
N LEU F 682 -17.31 43.18 4.24
CA LEU F 682 -18.41 42.87 3.31
C LEU F 682 -19.78 42.87 3.98
N LYS F 683 -19.84 42.69 5.31
CA LYS F 683 -21.08 42.83 6.05
C LYS F 683 -21.70 44.22 5.91
N GLU F 684 -20.87 45.24 5.66
CA GLU F 684 -21.37 46.59 5.46
C GLU F 684 -21.95 46.78 4.05
N TYR F 685 -21.85 45.79 3.17
CA TYR F 685 -22.32 45.94 1.80
C TYR F 685 -23.38 44.93 1.40
N PHE F 686 -23.66 43.90 2.20
CA PHE F 686 -24.62 42.87 1.83
C PHE F 686 -25.47 42.46 3.03
N ALA F 687 -26.44 41.59 2.77
CA ALA F 687 -27.51 41.29 3.72
C ALA F 687 -27.06 40.26 4.75
N CYS F 688 -27.67 40.35 5.94
CA CYS F 688 -27.34 39.52 7.08
C CYS F 688 -28.46 38.53 7.37
N VAL F 689 -28.09 37.41 8.02
CA VAL F 689 -29.06 36.41 8.45
C VAL F 689 -29.70 36.81 9.78
ZN ZN G . -3.45 7.08 -33.32
ZN ZN H . 6.49 7.50 -38.52
ZN ZN I . 9.71 14.35 -51.53
N SAH J . 5.57 41.76 -36.72
CA SAH J . 6.97 41.89 -36.34
CB SAH J . 7.51 40.56 -35.81
CG SAH J . 8.18 40.68 -34.45
SD SAH J . 8.75 39.08 -33.79
C SAH J . 7.80 42.37 -37.53
O SAH J . 9.01 42.53 -37.44
OXT SAH J . 7.26 42.59 -38.62
C5' SAH J . 8.73 39.63 -32.06
C4' SAH J . 9.40 40.97 -31.76
O4' SAH J . 9.15 41.32 -30.41
C3' SAH J . 10.92 40.93 -31.86
O3' SAH J . 11.35 41.84 -32.86
C2' SAH J . 11.49 41.33 -30.52
O2' SAH J . 12.54 42.26 -30.69
C1' SAH J . 10.28 41.97 -29.87
N9 SAH J . 10.27 41.90 -28.40
C8 SAH J . 10.86 40.99 -27.56
N7 SAH J . 10.56 41.35 -26.28
C5 SAH J . 9.80 42.47 -26.30
C6 SAH J . 9.22 43.25 -25.31
N6 SAH J . 9.38 42.95 -24.03
N1 SAH J . 8.48 44.35 -25.67
C2 SAH J . 8.32 44.68 -27.01
N3 SAH J . 8.90 43.90 -27.99
C4 SAH J . 9.63 42.82 -27.63
N SAH K . 38.33 54.52 -58.43
CA SAH K . 38.20 53.46 -57.44
CB SAH K . 39.18 53.67 -56.30
CG SAH K . 40.04 52.44 -55.99
SD SAH K . 41.25 52.74 -54.68
C SAH K . 36.76 53.40 -56.92
O SAH K . 36.43 52.59 -56.07
OXT SAH K . 35.91 54.18 -57.34
C5' SAH K . 42.37 51.42 -55.22
C4' SAH K . 41.75 50.07 -55.52
O4' SAH K . 42.70 49.21 -56.09
C3' SAH K . 41.27 49.32 -54.28
O3' SAH K . 39.89 49.10 -54.37
C2' SAH K . 42.00 48.00 -54.23
O2' SAH K . 41.09 46.96 -53.94
C1' SAH K . 42.52 47.88 -55.65
N9 SAH K . 43.75 47.08 -55.80
C8 SAH K . 44.74 46.84 -54.90
N7 SAH K . 45.67 46.06 -55.50
C5 SAH K . 45.27 45.80 -56.76
C6 SAH K . 45.82 45.08 -57.82
N6 SAH K . 46.98 44.44 -57.67
N1 SAH K . 45.15 45.01 -59.01
C2 SAH K . 43.95 45.67 -59.18
N3 SAH K . 43.40 46.38 -58.13
C4 SAH K . 44.06 46.44 -56.95
N SAH L . -8.83 -81.48 33.57
CA SAH L . -8.66 -80.41 32.60
CB SAH L . -9.74 -80.48 31.52
CG SAH L . -9.20 -80.48 30.10
SD SAH L . -10.49 -80.65 28.84
C SAH L . -8.68 -79.05 33.30
O SAH L . -8.57 -78.01 32.66
OXT SAH L . -8.83 -78.97 34.52
C5' SAH L . -9.38 -81.32 27.59
C4' SAH L . -8.06 -80.57 27.36
O4' SAH L . -7.24 -81.31 26.48
C3' SAH L . -8.22 -79.22 26.68
O3' SAH L . -7.75 -78.21 27.54
C2' SAH L . -7.41 -79.25 25.40
O2' SAH L . -6.68 -78.06 25.28
C1' SAH L . -6.51 -80.43 25.64
N9 SAH L . -6.06 -81.12 24.42
C8 SAH L . -6.65 -81.20 23.19
N7 SAH L . -5.86 -81.95 22.39
C5 SAH L . -4.77 -82.35 23.10
C6 SAH L . -3.66 -83.12 22.79
N6 SAH L . -3.51 -83.63 21.57
N1 SAH L . -2.71 -83.35 23.76
C2 SAH L . -2.86 -82.81 25.02
N3 SAH L . -3.96 -82.05 25.32
C4 SAH L . -4.90 -81.82 24.36
ZN ZN M . 18.01 -20.56 21.28
ZN ZN N . 19.04 -31.07 17.46
ZN ZN O . 21.90 -43.47 25.52
N SAH P . -6.85 -40.62 37.87
CA SAH P . -7.48 -41.45 36.86
CB SAH P . -6.99 -41.08 35.46
CG SAH P . -8.11 -40.80 34.46
SD SAH P . -7.48 -40.29 32.83
C SAH P . -7.23 -42.92 37.16
O SAH P . -7.66 -43.81 36.42
OXT SAH P . -6.57 -43.26 38.14
C5' SAH P . -9.01 -39.42 32.37
C4' SAH P . -10.33 -40.17 32.60
O4' SAH P . -11.41 -39.30 32.36
C3' SAH P . -10.55 -41.33 31.64
O3' SAH P . -10.65 -42.53 32.36
C2' SAH P . -11.83 -41.08 30.89
O2' SAH P . -12.61 -42.25 30.85
C1' SAH P . -12.48 -40.02 31.76
N9 SAH P . -13.39 -39.10 31.04
C8 SAH P . -13.40 -38.73 29.73
N7 SAH P . -14.42 -37.86 29.55
C5 SAH P . -15.06 -37.68 30.73
C6 SAH P . -16.16 -36.93 31.12
N6 SAH P . -16.81 -36.17 30.24
N1 SAH P . -16.57 -36.97 32.44
C2 SAH P . -15.90 -37.76 33.35
N3 SAH P . -14.82 -38.51 32.95
C4 SAH P . -14.42 -38.48 31.66
ZN ZN Q . -34.74 -33.33 10.84
ZN ZN R . -32.26 -26.88 2.00
ZN ZN S . -36.64 -12.69 -0.46
N SAH T . -17.84 -4.05 23.19
CA SAH T . -16.70 -3.81 22.32
CB SAH T . -16.53 -4.95 21.32
CG SAH T . -15.13 -5.56 21.30
SD SAH T . -14.98 -6.95 20.15
C SAH T . -16.83 -2.47 21.61
O SAH T . -15.99 -2.07 20.82
OXT SAH T . -17.82 -1.75 21.80
C5' SAH T . -13.57 -7.69 21.01
C4' SAH T . -12.42 -6.75 21.38
O4' SAH T . -11.50 -7.44 22.19
C3' SAH T . -11.61 -6.29 20.19
O3' SAH T . -11.68 -4.88 20.09
C2' SAH T . -10.17 -6.71 20.41
O2' SAH T . -9.30 -5.65 20.12
C1' SAH T . -10.18 -7.02 21.89
N9 SAH T . -9.19 -8.03 22.31
C8 SAH T . -8.62 -9.05 21.60
N7 SAH T . -7.78 -9.71 22.44
C5 SAH T . -7.79 -9.11 23.65
C6 SAH T . -7.14 -9.37 24.85
N6 SAH T . -6.28 -10.37 24.96
N1 SAH T . -7.39 -8.56 25.94
C2 SAH T . -8.28 -7.52 25.83
N3 SAH T . -8.93 -7.26 24.64
C4 SAH T . -8.67 -8.05 23.58
ZN ZN U . 24.12 43.22 -2.04
ZN ZN V . 24.82 33.94 4.23
ZN ZN W . 17.18 30.82 16.82
N SAH X . -8.64 28.34 -0.92
CA SAH X . -8.48 26.91 -1.14
CB SAH X . -7.03 26.58 -1.48
CG SAH X . -6.87 25.76 -2.76
SD SAH X . -5.13 25.44 -3.19
C SAH X . -8.93 26.13 0.09
O SAH X . -8.88 24.90 0.12
OXT SAH X . -9.38 26.72 1.08
C5' SAH X . -5.47 25.18 -4.95
C4' SAH X . -6.63 24.25 -5.30
O4' SAH X . -6.87 24.29 -6.69
C3' SAH X . -6.35 22.79 -5.02
O3' SAH X . -7.27 22.30 -4.07
C2' SAH X . -6.48 22.02 -6.31
O2' SAH X . -7.23 20.85 -6.11
C1' SAH X . -7.24 23.01 -7.16
N9 SAH X . -7.00 22.90 -8.61
C8 SAH X . -5.91 22.41 -9.29
N7 SAH X . -6.17 22.51 -10.62
C5 SAH X . -7.40 23.04 -10.79
C6 SAH X . -8.15 23.38 -11.91
N6 SAH X . -7.68 23.16 -13.14
N1 SAH X . -9.40 23.93 -11.75
C2 SAH X . -9.90 24.16 -10.48
N3 SAH X . -9.15 23.84 -9.38
C4 SAH X . -7.93 23.28 -9.53
#